data_7H44
# 
_entry.id   7H44 
# 
_audit_conform.dict_name       mmcif_pdbx.dic 
_audit_conform.dict_version    5.397 
_audit_conform.dict_location   http://mmcif.pdb.org/dictionaries/ascii/mmcif_pdbx.dic 
# 
loop_
_database_2.database_id 
_database_2.database_code 
_database_2.pdbx_database_accession 
_database_2.pdbx_DOI 
PDB   7H44         pdb_00007h44 10.2210/pdb7h44/pdb 
WWPDB D_1001406999 ?            ?                   
# 
loop_
_pdbx_audit_revision_history.ordinal 
_pdbx_audit_revision_history.data_content_type 
_pdbx_audit_revision_history.major_revision 
_pdbx_audit_revision_history.minor_revision 
_pdbx_audit_revision_history.revision_date 
1 'Structure model' 1 0 2024-04-24 
2 'Structure model' 1 1 2024-10-16 
# 
_pdbx_audit_revision_details.ordinal             1 
_pdbx_audit_revision_details.revision_ordinal    1 
_pdbx_audit_revision_details.data_content_type   'Structure model' 
_pdbx_audit_revision_details.provider            repository 
_pdbx_audit_revision_details.type                'Initial release' 
_pdbx_audit_revision_details.description         ? 
_pdbx_audit_revision_details.details             ? 
# 
loop_
_pdbx_audit_revision_group.ordinal 
_pdbx_audit_revision_group.revision_ordinal 
_pdbx_audit_revision_group.data_content_type 
_pdbx_audit_revision_group.group 
1 2 'Structure model' 'Database references' 
2 2 'Structure model' 'Structure summary'   
# 
loop_
_pdbx_audit_revision_category.ordinal 
_pdbx_audit_revision_category.revision_ordinal 
_pdbx_audit_revision_category.data_content_type 
_pdbx_audit_revision_category.category 
1 2 'Structure model' citation           
2 2 'Structure model' citation_author    
3 2 'Structure model' pdbx_entry_details 
# 
loop_
_pdbx_audit_revision_item.ordinal 
_pdbx_audit_revision_item.revision_ordinal 
_pdbx_audit_revision_item.data_content_type 
_pdbx_audit_revision_item.item 
1 2 'Structure model' '_citation.country'                 
2 2 'Structure model' '_citation.journal_abbrev'          
3 2 'Structure model' '_citation.journal_id_CSD'          
4 2 'Structure model' '_citation.journal_id_ISSN'         
5 2 'Structure model' '_citation.pdbx_database_id_DOI'    
6 2 'Structure model' '_citation.pdbx_database_id_PubMed' 
7 2 'Structure model' '_citation.title'                   
8 2 'Structure model' '_citation.year'                    
# 
_pdbx_database_status.entry_id                        7H44 
_pdbx_database_status.status_code                     REL 
_pdbx_database_status.status_code_sf                  REL 
_pdbx_database_status.status_code_mr                  ? 
_pdbx_database_status.status_code_cs                  ? 
_pdbx_database_status.recvd_initial_deposition_date   2024-04-04 
_pdbx_database_status.status_code_nmr_data            ? 
_pdbx_database_status.deposit_site                    RCSB 
_pdbx_database_status.process_site                    RCSB 
_pdbx_database_status.SG_entry                        ? 
_pdbx_database_status.pdb_format_compatible           Y 
_pdbx_database_status.methods_development_category    ? 
# 
_pdbx_contact_author.id                 1 
_pdbx_contact_author.email              frank.von-delft@diamond.ac.uk 
_pdbx_contact_author.name_first         Frank 
_pdbx_contact_author.name_last          'von Delft' 
_pdbx_contact_author.role               'principal investigator/group leader' 
_pdbx_contact_author.identifier_ORCID   0000-0003-0378-0017 
_pdbx_contact_author.name_mi            ? 
# 
loop_
_audit_author.name 
_audit_author.pdbx_ordinal 
'Lithgo, R.M.'        1  
'Fairhead, M.'        2  
'Koekemoer, L.'       3  
'Balcomb, B.H.'       4  
'Capkin, E.'          5  
'Chandran, A.V.'      6  
'Golding, M.'         7  
'Godoy, A.S.'         8  
'Aschenbrenner, J.C.' 9  
'Marples, P.G.'       10 
'Ni, X.'              11 
'Thompson, W.'        12 
'Tomlinson, C.W.E.'   13 
'Wild, C.'            14 
'Winokan, M.'         15 
'Xavier, M.-A.E.'     16 
'Fearon, D.'          17 
'von Delft, F.'       18 
# 
_citation.id                        primary 
_citation.title                     
;Crystallographic Fragment Screen of Coxsackievirus A16 2A Protease identifies new opportunities for the development of broad-spectrum anti-enterovirals.
;
_citation.journal_abbrev            Biorxiv 
_citation.journal_volume            ? 
_citation.page_first                ? 
_citation.page_last                 ? 
_citation.year                      2024 
_citation.journal_id_ASTM           ? 
_citation.country                   US 
_citation.journal_id_ISSN           2692-8205 
_citation.journal_id_CSD            ? 
_citation.book_publisher            ? 
_citation.pdbx_database_id_PubMed   38746446 
_citation.pdbx_database_id_DOI      10.1101/2024.04.29.591684 
# 
loop_
_citation_author.citation_id 
_citation_author.name 
_citation_author.identifier_ORCID 
_citation_author.ordinal 
primary 'Lithgo, R.M.'        0000-0002-4706-9916 1  
primary 'Tomlinson, C.W.E.'   0000-0002-1845-6028 2  
primary 'Fairhead, M.'        0000-0001-5361-3933 3  
primary 'Winokan, M.'         ?                   4  
primary 'Thompson, W.'        0000-0003-1474-7810 5  
primary 'Wild, C.'            0000-0003-0654-8141 6  
primary 'Aschenbrenner, J.C.' 0000-0002-4318-0481 7  
primary 'Balcomb, B.H.'       0000-0001-7599-8467 8  
primary 'Marples, P.G.'       0000-0002-8787-7969 9  
primary 'Chandran, A.V.'      0000-0001-9942-2614 10 
primary 'Golding, M.'         0009-0004-7472-8333 11 
primary 'Koekemoer, L.'       0000-0001-9226-9127 12 
primary 'Williams, E.P.'      0000-0002-1331-9518 13 
primary 'Wang, S.'            ?                   14 
primary 'Ni, X.'              0000-0002-7769-8297 15 
primary 'MacLean, E.'         0000-0003-1680-4292 16 
primary 'Giroud, C.'          0000-0002-1629-1581 17 
primary 'Godoy, A.S.'         0000-0002-0613-9164 18 
primary 'Xavier, M.A.'        0000-0002-1709-9479 19 
primary 'Walsh, M.'           0000-0001-5683-1151 20 
primary 'Fearon, D.'          0000-0003-3529-7863 21 
primary 'von Delft, F.'       0000-0003-0378-0017 22 
# 
loop_
_entity.id 
_entity.type 
_entity.src_method 
_entity.pdbx_description 
_entity.formula_weight 
_entity.pdbx_number_of_molecules 
_entity.pdbx_ec 
_entity.pdbx_mutation 
_entity.pdbx_fragment 
_entity.details 
1 polymer     man 'Protease 2A'                16493.311 1   3.4.22.29 ? ? ? 
2 non-polymer man 'N-(1H-indol-7-yl)acetamide' 174.199   2   ?         ? ? ? 
3 non-polymer syn 'ZINC ION'                   65.409    1   ?         ? ? ? 
4 non-polymer syn 'DIMETHYL SULFOXIDE'         78.133    4   ?         ? ? ? 
5 non-polymer syn 'SULFATE ION'                96.063    1   ?         ? ? ? 
6 water       nat water                        18.015    228 ?         ? ? ? 
# 
_entity_name_com.entity_id   1 
_entity_name_com.name        'P2A,Picornain 2A,Protein 2A' 
# 
_entity_poly.entity_id                      1 
_entity_poly.type                           'polypeptide(L)' 
_entity_poly.nstd_linkage                   no 
_entity_poly.nstd_monomer                   no 
_entity_poly.pdbx_seq_one_letter_code       
;QEQTGGSGAIYVGNYRVVNRHLATHNDWANLVWEDSSRDLLVSSTTAQGCDTIARCDCQTGVYYCSSRRKHYPVSFSKPS
LIFVEASEYYPARYQSHLMLAVGHSEPGDCGGILRCQHGVVGIVSTGGNGLVGFADVRDLLWLDEEAMEQ
;
_entity_poly.pdbx_seq_one_letter_code_can   
;QEQTGGSGAIYVGNYRVVNRHLATHNDWANLVWEDSSRDLLVSSTTAQGCDTIARCDCQTGVYYCSSRRKHYPVSFSKPS
LIFVEASEYYPARYQSHLMLAVGHSEPGDCGGILRCQHGVVGIVSTGGNGLVGFADVRDLLWLDEEAMEQ
;
_entity_poly.pdbx_strand_id                 A 
_entity_poly.pdbx_target_identifier         ? 
# 
loop_
_pdbx_entity_nonpoly.entity_id 
_pdbx_entity_nonpoly.name 
_pdbx_entity_nonpoly.comp_id 
2 'N-(1H-indol-7-yl)acetamide' Z0I 
3 'ZINC ION'                   ZN  
4 'DIMETHYL SULFOXIDE'         DMS 
5 'SULFATE ION'                SO4 
6 water                        HOH 
# 
loop_
_entity_poly_seq.entity_id 
_entity_poly_seq.num 
_entity_poly_seq.mon_id 
_entity_poly_seq.hetero 
1 1   GLN n 
1 2   GLU n 
1 3   GLN n 
1 4   THR n 
1 5   GLY n 
1 6   GLY n 
1 7   SER n 
1 8   GLY n 
1 9   ALA n 
1 10  ILE n 
1 11  TYR n 
1 12  VAL n 
1 13  GLY n 
1 14  ASN n 
1 15  TYR n 
1 16  ARG n 
1 17  VAL n 
1 18  VAL n 
1 19  ASN n 
1 20  ARG n 
1 21  HIS n 
1 22  LEU n 
1 23  ALA n 
1 24  THR n 
1 25  HIS n 
1 26  ASN n 
1 27  ASP n 
1 28  TRP n 
1 29  ALA n 
1 30  ASN n 
1 31  LEU n 
1 32  VAL n 
1 33  TRP n 
1 34  GLU n 
1 35  ASP n 
1 36  SER n 
1 37  SER n 
1 38  ARG n 
1 39  ASP n 
1 40  LEU n 
1 41  LEU n 
1 42  VAL n 
1 43  SER n 
1 44  SER n 
1 45  THR n 
1 46  THR n 
1 47  ALA n 
1 48  GLN n 
1 49  GLY n 
1 50  CYS n 
1 51  ASP n 
1 52  THR n 
1 53  ILE n 
1 54  ALA n 
1 55  ARG n 
1 56  CYS n 
1 57  ASP n 
1 58  CYS n 
1 59  GLN n 
1 60  THR n 
1 61  GLY n 
1 62  VAL n 
1 63  TYR n 
1 64  TYR n 
1 65  CYS n 
1 66  SER n 
1 67  SER n 
1 68  ARG n 
1 69  ARG n 
1 70  LYS n 
1 71  HIS n 
1 72  TYR n 
1 73  PRO n 
1 74  VAL n 
1 75  SER n 
1 76  PHE n 
1 77  SER n 
1 78  LYS n 
1 79  PRO n 
1 80  SER n 
1 81  LEU n 
1 82  ILE n 
1 83  PHE n 
1 84  VAL n 
1 85  GLU n 
1 86  ALA n 
1 87  SER n 
1 88  GLU n 
1 89  TYR n 
1 90  TYR n 
1 91  PRO n 
1 92  ALA n 
1 93  ARG n 
1 94  TYR n 
1 95  GLN n 
1 96  SER n 
1 97  HIS n 
1 98  LEU n 
1 99  MET n 
1 100 LEU n 
1 101 ALA n 
1 102 VAL n 
1 103 GLY n 
1 104 HIS n 
1 105 SER n 
1 106 GLU n 
1 107 PRO n 
1 108 GLY n 
1 109 ASP n 
1 110 CYS n 
1 111 GLY n 
1 112 GLY n 
1 113 ILE n 
1 114 LEU n 
1 115 ARG n 
1 116 CYS n 
1 117 GLN n 
1 118 HIS n 
1 119 GLY n 
1 120 VAL n 
1 121 VAL n 
1 122 GLY n 
1 123 ILE n 
1 124 VAL n 
1 125 SER n 
1 126 THR n 
1 127 GLY n 
1 128 GLY n 
1 129 ASN n 
1 130 GLY n 
1 131 LEU n 
1 132 VAL n 
1 133 GLY n 
1 134 PHE n 
1 135 ALA n 
1 136 ASP n 
1 137 VAL n 
1 138 ARG n 
1 139 ASP n 
1 140 LEU n 
1 141 LEU n 
1 142 TRP n 
1 143 LEU n 
1 144 ASP n 
1 145 GLU n 
1 146 GLU n 
1 147 ALA n 
1 148 MET n 
1 149 GLU n 
1 150 GLN n 
# 
loop_
_entity_src_gen.entity_id 
_entity_src_gen.pdbx_src_id 
_entity_src_gen.pdbx_alt_source_flag 
_entity_src_gen.pdbx_seq_type 
_entity_src_gen.pdbx_beg_seq_num 
_entity_src_gen.pdbx_end_seq_num 
_entity_src_gen.gene_src_common_name 
_entity_src_gen.gene_src_genus 
_entity_src_gen.pdbx_gene_src_gene 
_entity_src_gen.gene_src_species 
_entity_src_gen.gene_src_strain 
_entity_src_gen.gene_src_tissue 
_entity_src_gen.gene_src_tissue_fraction 
_entity_src_gen.gene_src_details 
_entity_src_gen.pdbx_gene_src_fragment 
_entity_src_gen.pdbx_gene_src_scientific_name 
_entity_src_gen.pdbx_gene_src_ncbi_taxonomy_id 
_entity_src_gen.pdbx_gene_src_variant 
_entity_src_gen.pdbx_gene_src_cell_line 
_entity_src_gen.pdbx_gene_src_atcc 
_entity_src_gen.pdbx_gene_src_organ 
_entity_src_gen.pdbx_gene_src_organelle 
_entity_src_gen.pdbx_gene_src_cell 
_entity_src_gen.pdbx_gene_src_cellular_location 
_entity_src_gen.host_org_common_name 
_entity_src_gen.pdbx_host_org_scientific_name 
_entity_src_gen.pdbx_host_org_ncbi_taxonomy_id 
_entity_src_gen.host_org_genus 
_entity_src_gen.pdbx_host_org_gene 
_entity_src_gen.pdbx_host_org_organ 
_entity_src_gen.host_org_species 
_entity_src_gen.pdbx_host_org_tissue 
_entity_src_gen.pdbx_host_org_tissue_fraction 
_entity_src_gen.pdbx_host_org_strain 
_entity_src_gen.pdbx_host_org_variant 
_entity_src_gen.pdbx_host_org_cell_line 
_entity_src_gen.pdbx_host_org_atcc 
_entity_src_gen.pdbx_host_org_culture_collection 
_entity_src_gen.pdbx_host_org_cell 
_entity_src_gen.pdbx_host_org_organelle 
_entity_src_gen.pdbx_host_org_cellular_location 
_entity_src_gen.pdbx_host_org_vector_type 
_entity_src_gen.pdbx_host_org_vector 
_entity_src_gen.host_org_details 
_entity_src_gen.expression_system_id 
_entity_src_gen.plasmid_name 
_entity_src_gen.plasmid_details 
_entity_src_gen.pdbx_description 
1 1 sample 'Biological sequence' 1 150 ? ? ? ? ? ? ? ? ? 'Coxsackievirus A16' 31704 ? ? ? ? ? ? ? ? 'Escherichia coli' 562 ? ? ? ? 
? ? ? ? ? ? ? ? ? ? ? ? ? ? ? ? ? 
2 1 sample ?                     ? ?   ? ? ? ? ? ? ? ? ? 'Coxsackievirus A16' 31704 ? ? ? ? ? ? ? ? 'Escherichia coli' 562 ? ? ? ? 
? ? ? ? ? ? ? ? ? ? ? ? ? ? ? ? ? 
# 
loop_
_chem_comp.id 
_chem_comp.type 
_chem_comp.mon_nstd_flag 
_chem_comp.name 
_chem_comp.pdbx_synonyms 
_chem_comp.formula 
_chem_comp.formula_weight 
ALA 'L-peptide linking' y ALANINE                      ? 'C3 H7 N O2'     89.093  
ARG 'L-peptide linking' y ARGININE                     ? 'C6 H15 N4 O2 1' 175.209 
ASN 'L-peptide linking' y ASPARAGINE                   ? 'C4 H8 N2 O3'    132.118 
ASP 'L-peptide linking' y 'ASPARTIC ACID'              ? 'C4 H7 N O4'     133.103 
CYS 'L-peptide linking' y CYSTEINE                     ? 'C3 H7 N O2 S'   121.158 
DMS non-polymer         . 'DIMETHYL SULFOXIDE'         ? 'C2 H6 O S'      78.133  
GLN 'L-peptide linking' y GLUTAMINE                    ? 'C5 H10 N2 O3'   146.144 
GLU 'L-peptide linking' y 'GLUTAMIC ACID'              ? 'C5 H9 N O4'     147.129 
GLY 'peptide linking'   y GLYCINE                      ? 'C2 H5 N O2'     75.067  
HIS 'L-peptide linking' y HISTIDINE                    ? 'C6 H10 N3 O2 1' 156.162 
HOH non-polymer         . WATER                        ? 'H2 O'           18.015  
ILE 'L-peptide linking' y ISOLEUCINE                   ? 'C6 H13 N O2'    131.173 
LEU 'L-peptide linking' y LEUCINE                      ? 'C6 H13 N O2'    131.173 
LYS 'L-peptide linking' y LYSINE                       ? 'C6 H15 N2 O2 1' 147.195 
MET 'L-peptide linking' y METHIONINE                   ? 'C5 H11 N O2 S'  149.211 
PHE 'L-peptide linking' y PHENYLALANINE                ? 'C9 H11 N O2'    165.189 
PRO 'L-peptide linking' y PROLINE                      ? 'C5 H9 N O2'     115.130 
SER 'L-peptide linking' y SERINE                       ? 'C3 H7 N O3'     105.093 
SO4 non-polymer         . 'SULFATE ION'                ? 'O4 S -2'        96.063  
THR 'L-peptide linking' y THREONINE                    ? 'C4 H9 N O3'     119.119 
TRP 'L-peptide linking' y TRYPTOPHAN                   ? 'C11 H12 N2 O2'  204.225 
TYR 'L-peptide linking' y TYROSINE                     ? 'C9 H11 N O3'    181.189 
VAL 'L-peptide linking' y VALINE                       ? 'C5 H11 N O2'    117.146 
Z0I non-polymer         . 'N-(1H-indol-7-yl)acetamide' ? 'C10 H10 N2 O'   174.199 
ZN  non-polymer         . 'ZINC ION'                   ? 'Zn 2'           65.409  
# 
loop_
_pdbx_poly_seq_scheme.asym_id 
_pdbx_poly_seq_scheme.entity_id 
_pdbx_poly_seq_scheme.seq_id 
_pdbx_poly_seq_scheme.mon_id 
_pdbx_poly_seq_scheme.ndb_seq_num 
_pdbx_poly_seq_scheme.pdb_seq_num 
_pdbx_poly_seq_scheme.auth_seq_num 
_pdbx_poly_seq_scheme.pdb_mon_id 
_pdbx_poly_seq_scheme.auth_mon_id 
_pdbx_poly_seq_scheme.pdb_strand_id 
_pdbx_poly_seq_scheme.pdb_ins_code 
_pdbx_poly_seq_scheme.hetero 
A 1 1   GLN 1   1   ?   ?   ?   A . n 
A 1 2   GLU 2   2   ?   ?   ?   A . n 
A 1 3   GLN 3   3   ?   ?   ?   A . n 
A 1 4   THR 4   4   ?   ?   ?   A . n 
A 1 5   GLY 5   5   ?   ?   ?   A . n 
A 1 6   GLY 6   6   ?   ?   ?   A . n 
A 1 7   SER 7   7   7   SER SER A . n 
A 1 8   GLY 8   8   8   GLY GLY A . n 
A 1 9   ALA 9   9   9   ALA ALA A . n 
A 1 10  ILE 10  10  10  ILE ILE A . n 
A 1 11  TYR 11  11  11  TYR TYR A . n 
A 1 12  VAL 12  12  12  VAL VAL A . n 
A 1 13  GLY 13  13  13  GLY GLY A . n 
A 1 14  ASN 14  14  14  ASN ASN A . n 
A 1 15  TYR 15  15  15  TYR TYR A . n 
A 1 16  ARG 16  16  16  ARG ARG A . n 
A 1 17  VAL 17  17  17  VAL VAL A . n 
A 1 18  VAL 18  18  18  VAL VAL A . n 
A 1 19  ASN 19  19  19  ASN ASN A . n 
A 1 20  ARG 20  20  20  ARG ARG A . n 
A 1 21  HIS 21  21  21  HIS HIS A . n 
A 1 22  LEU 22  22  22  LEU LEU A . n 
A 1 23  ALA 23  23  23  ALA ALA A . n 
A 1 24  THR 24  24  24  THR THR A . n 
A 1 25  HIS 25  25  25  HIS HIS A . n 
A 1 26  ASN 26  26  26  ASN ASN A . n 
A 1 27  ASP 27  27  27  ASP ASP A . n 
A 1 28  TRP 28  28  28  TRP TRP A . n 
A 1 29  ALA 29  29  29  ALA ALA A . n 
A 1 30  ASN 30  30  30  ASN ASN A . n 
A 1 31  LEU 31  31  31  LEU LEU A . n 
A 1 32  VAL 32  32  32  VAL VAL A . n 
A 1 33  TRP 33  33  33  TRP TRP A . n 
A 1 34  GLU 34  34  34  GLU GLU A . n 
A 1 35  ASP 35  35  35  ASP ASP A . n 
A 1 36  SER 36  36  36  SER SER A . n 
A 1 37  SER 37  37  37  SER SER A . n 
A 1 38  ARG 38  38  38  ARG ARG A . n 
A 1 39  ASP 39  39  39  ASP ASP A . n 
A 1 40  LEU 40  40  40  LEU LEU A . n 
A 1 41  LEU 41  41  41  LEU LEU A . n 
A 1 42  VAL 42  42  42  VAL VAL A . n 
A 1 43  SER 43  43  43  SER SER A . n 
A 1 44  SER 44  44  44  SER SER A . n 
A 1 45  THR 45  45  45  THR THR A . n 
A 1 46  THR 46  46  46  THR THR A . n 
A 1 47  ALA 47  47  47  ALA ALA A . n 
A 1 48  GLN 48  48  48  GLN GLN A . n 
A 1 49  GLY 49  49  49  GLY GLY A . n 
A 1 50  CYS 50  50  50  CYS CYS A . n 
A 1 51  ASP 51  51  51  ASP ASP A . n 
A 1 52  THR 52  52  52  THR THR A . n 
A 1 53  ILE 53  53  53  ILE ILE A . n 
A 1 54  ALA 54  54  54  ALA ALA A . n 
A 1 55  ARG 55  55  55  ARG ARG A . n 
A 1 56  CYS 56  56  56  CYS CYS A . n 
A 1 57  ASP 57  57  57  ASP ASP A . n 
A 1 58  CYS 58  58  58  CYS CYS A . n 
A 1 59  GLN 59  59  59  GLN GLN A . n 
A 1 60  THR 60  60  60  THR THR A . n 
A 1 61  GLY 61  61  61  GLY GLY A . n 
A 1 62  VAL 62  62  62  VAL VAL A . n 
A 1 63  TYR 63  63  63  TYR TYR A . n 
A 1 64  TYR 64  64  64  TYR TYR A . n 
A 1 65  CYS 65  65  65  CYS CYS A . n 
A 1 66  SER 66  66  66  SER SER A . n 
A 1 67  SER 67  67  67  SER SER A . n 
A 1 68  ARG 68  68  68  ARG ARG A . n 
A 1 69  ARG 69  69  69  ARG ARG A . n 
A 1 70  LYS 70  70  70  LYS LYS A . n 
A 1 71  HIS 71  71  71  HIS HIS A . n 
A 1 72  TYR 72  72  72  TYR TYR A . n 
A 1 73  PRO 73  73  73  PRO PRO A . n 
A 1 74  VAL 74  74  74  VAL VAL A . n 
A 1 75  SER 75  75  75  SER SER A . n 
A 1 76  PHE 76  76  76  PHE PHE A . n 
A 1 77  SER 77  77  77  SER SER A . n 
A 1 78  LYS 78  78  78  LYS LYS A . n 
A 1 79  PRO 79  79  79  PRO PRO A . n 
A 1 80  SER 80  80  80  SER SER A . n 
A 1 81  LEU 81  81  81  LEU LEU A . n 
A 1 82  ILE 82  82  82  ILE ILE A . n 
A 1 83  PHE 83  83  83  PHE PHE A . n 
A 1 84  VAL 84  84  84  VAL VAL A . n 
A 1 85  GLU 85  85  85  GLU GLU A . n 
A 1 86  ALA 86  86  86  ALA ALA A . n 
A 1 87  SER 87  87  87  SER SER A . n 
A 1 88  GLU 88  88  88  GLU GLU A . n 
A 1 89  TYR 89  89  89  TYR TYR A . n 
A 1 90  TYR 90  90  90  TYR TYR A . n 
A 1 91  PRO 91  91  91  PRO PRO A . n 
A 1 92  ALA 92  92  92  ALA ALA A . n 
A 1 93  ARG 93  93  93  ARG ARG A . n 
A 1 94  TYR 94  94  94  TYR TYR A . n 
A 1 95  GLN 95  95  95  GLN GLN A . n 
A 1 96  SER 96  96  96  SER SER A . n 
A 1 97  HIS 97  97  97  HIS HIS A . n 
A 1 98  LEU 98  98  98  LEU LEU A . n 
A 1 99  MET 99  99  99  MET MET A . n 
A 1 100 LEU 100 100 100 LEU LEU A . n 
A 1 101 ALA 101 101 101 ALA ALA A . n 
A 1 102 VAL 102 102 102 VAL VAL A . n 
A 1 103 GLY 103 103 103 GLY GLY A . n 
A 1 104 HIS 104 104 104 HIS HIS A . n 
A 1 105 SER 105 105 105 SER SER A . n 
A 1 106 GLU 106 106 106 GLU GLU A . n 
A 1 107 PRO 107 107 107 PRO PRO A . n 
A 1 108 GLY 108 108 108 GLY GLY A . n 
A 1 109 ASP 109 109 109 ASP ASP A . n 
A 1 110 CYS 110 110 110 CYS CYS A . n 
A 1 111 GLY 111 111 111 GLY GLY A . n 
A 1 112 GLY 112 112 112 GLY GLY A . n 
A 1 113 ILE 113 113 113 ILE ILE A . n 
A 1 114 LEU 114 114 114 LEU LEU A . n 
A 1 115 ARG 115 115 115 ARG ARG A . n 
A 1 116 CYS 116 116 116 CYS CYS A . n 
A 1 117 GLN 117 117 117 GLN GLN A . n 
A 1 118 HIS 118 118 118 HIS HIS A . n 
A 1 119 GLY 119 119 119 GLY GLY A . n 
A 1 120 VAL 120 120 120 VAL VAL A . n 
A 1 121 VAL 121 121 121 VAL VAL A . n 
A 1 122 GLY 122 122 122 GLY GLY A . n 
A 1 123 ILE 123 123 123 ILE ILE A . n 
A 1 124 VAL 124 124 124 VAL VAL A . n 
A 1 125 SER 125 125 125 SER SER A . n 
A 1 126 THR 126 126 126 THR THR A . n 
A 1 127 GLY 127 127 127 GLY GLY A . n 
A 1 128 GLY 128 128 128 GLY GLY A . n 
A 1 129 ASN 129 129 129 ASN ASN A . n 
A 1 130 GLY 130 130 130 GLY GLY A . n 
A 1 131 LEU 131 131 131 LEU LEU A . n 
A 1 132 VAL 132 132 132 VAL VAL A . n 
A 1 133 GLY 133 133 133 GLY GLY A . n 
A 1 134 PHE 134 134 134 PHE PHE A . n 
A 1 135 ALA 135 135 135 ALA ALA A . n 
A 1 136 ASP 136 136 136 ASP ASP A . n 
A 1 137 VAL 137 137 137 VAL VAL A . n 
A 1 138 ARG 138 138 138 ARG ARG A . n 
A 1 139 ASP 139 139 139 ASP ASP A . n 
A 1 140 LEU 140 140 140 LEU LEU A . n 
A 1 141 LEU 141 141 141 LEU LEU A . n 
A 1 142 TRP 142 142 142 TRP TRP A . n 
A 1 143 LEU 143 143 143 LEU LEU A . n 
A 1 144 ASP 144 144 144 ASP ASP A . n 
A 1 145 GLU 145 145 145 GLU GLU A . n 
A 1 146 GLU 146 146 146 GLU GLU A . n 
A 1 147 ALA 147 147 ?   ?   ?   A . n 
A 1 148 MET 148 148 ?   ?   ?   A . n 
A 1 149 GLU 149 149 ?   ?   ?   A . n 
A 1 150 GLN 150 150 ?   ?   ?   A . n 
# 
loop_
_pdbx_nonpoly_scheme.asym_id 
_pdbx_nonpoly_scheme.entity_id 
_pdbx_nonpoly_scheme.mon_id 
_pdbx_nonpoly_scheme.ndb_seq_num 
_pdbx_nonpoly_scheme.pdb_seq_num 
_pdbx_nonpoly_scheme.auth_seq_num 
_pdbx_nonpoly_scheme.pdb_mon_id 
_pdbx_nonpoly_scheme.auth_mon_id 
_pdbx_nonpoly_scheme.pdb_strand_id 
_pdbx_nonpoly_scheme.pdb_ins_code 
B 2 Z0I 1   201 147 Z0I LIG A . 
C 2 Z0I 1   202 201 Z0I LIG A . 
D 3 ZN  1   203 1   ZN  ZN  A . 
E 4 DMS 1   204 -1  DMS DMS A . 
F 4 DMS 1   205 0   DMS DMS A . 
G 4 DMS 1   206 1   DMS DMS A . 
H 4 DMS 1   207 3   DMS DMS A . 
I 5 SO4 1   208 1   SO4 SO4 A . 
J 6 HOH 1   301 250 HOH HOH A . 
J 6 HOH 2   302 48  HOH HOH A . 
J 6 HOH 3   303 137 HOH HOH A . 
J 6 HOH 4   304 212 HOH HOH A . 
J 6 HOH 5   305 5   HOH HOH A . 
J 6 HOH 6   306 227 HOH HOH A . 
J 6 HOH 7   307 66  HOH HOH A . 
J 6 HOH 8   308 30  HOH HOH A . 
J 6 HOH 9   309 91  HOH HOH A . 
J 6 HOH 10  310 81  HOH HOH A . 
J 6 HOH 11  311 237 HOH HOH A . 
J 6 HOH 12  312 16  HOH HOH A . 
J 6 HOH 13  313 234 HOH HOH A . 
J 6 HOH 14  314 229 HOH HOH A . 
J 6 HOH 15  315 173 HOH HOH A . 
J 6 HOH 16  316 238 HOH HOH A . 
J 6 HOH 17  317 205 HOH HOH A . 
J 6 HOH 18  318 60  HOH HOH A . 
J 6 HOH 19  319 63  HOH HOH A . 
J 6 HOH 20  320 104 HOH HOH A . 
J 6 HOH 21  321 245 HOH HOH A . 
J 6 HOH 22  322 197 HOH HOH A . 
J 6 HOH 23  323 34  HOH HOH A . 
J 6 HOH 24  324 191 HOH HOH A . 
J 6 HOH 25  325 152 HOH HOH A . 
J 6 HOH 26  326 107 HOH HOH A . 
J 6 HOH 27  327 108 HOH HOH A . 
J 6 HOH 28  328 4   HOH HOH A . 
J 6 HOH 29  329 186 HOH HOH A . 
J 6 HOH 30  330 67  HOH HOH A . 
J 6 HOH 31  331 216 HOH HOH A . 
J 6 HOH 32  332 35  HOH HOH A . 
J 6 HOH 33  333 57  HOH HOH A . 
J 6 HOH 34  334 94  HOH HOH A . 
J 6 HOH 35  335 170 HOH HOH A . 
J 6 HOH 36  336 42  HOH HOH A . 
J 6 HOH 37  337 68  HOH HOH A . 
J 6 HOH 38  338 116 HOH HOH A . 
J 6 HOH 39  339 59  HOH HOH A . 
J 6 HOH 40  340 121 HOH HOH A . 
J 6 HOH 41  341 219 HOH HOH A . 
J 6 HOH 42  342 14  HOH HOH A . 
J 6 HOH 43  343 140 HOH HOH A . 
J 6 HOH 44  344 37  HOH HOH A . 
J 6 HOH 45  345 144 HOH HOH A . 
J 6 HOH 46  346 211 HOH HOH A . 
J 6 HOH 47  347 19  HOH HOH A . 
J 6 HOH 48  348 185 HOH HOH A . 
J 6 HOH 49  349 41  HOH HOH A . 
J 6 HOH 50  350 220 HOH HOH A . 
J 6 HOH 51  351 21  HOH HOH A . 
J 6 HOH 52  352 180 HOH HOH A . 
J 6 HOH 53  353 135 HOH HOH A . 
J 6 HOH 54  354 110 HOH HOH A . 
J 6 HOH 55  355 70  HOH HOH A . 
J 6 HOH 56  356 183 HOH HOH A . 
J 6 HOH 57  357 33  HOH HOH A . 
J 6 HOH 58  358 45  HOH HOH A . 
J 6 HOH 59  359 26  HOH HOH A . 
J 6 HOH 60  360 161 HOH HOH A . 
J 6 HOH 61  361 77  HOH HOH A . 
J 6 HOH 62  362 15  HOH HOH A . 
J 6 HOH 63  363 148 HOH HOH A . 
J 6 HOH 64  364 249 HOH HOH A . 
J 6 HOH 65  365 146 HOH HOH A . 
J 6 HOH 66  366 52  HOH HOH A . 
J 6 HOH 67  367 72  HOH HOH A . 
J 6 HOH 68  368 9   HOH HOH A . 
J 6 HOH 69  369 187 HOH HOH A . 
J 6 HOH 70  370 214 HOH HOH A . 
J 6 HOH 71  371 24  HOH HOH A . 
J 6 HOH 72  372 181 HOH HOH A . 
J 6 HOH 73  373 28  HOH HOH A . 
J 6 HOH 74  374 7   HOH HOH A . 
J 6 HOH 75  375 131 HOH HOH A . 
J 6 HOH 76  376 29  HOH HOH A . 
J 6 HOH 77  377 2   HOH HOH A . 
J 6 HOH 78  378 49  HOH HOH A . 
J 6 HOH 79  379 36  HOH HOH A . 
J 6 HOH 80  380 154 HOH HOH A . 
J 6 HOH 81  381 168 HOH HOH A . 
J 6 HOH 82  382 147 HOH HOH A . 
J 6 HOH 83  383 218 HOH HOH A . 
J 6 HOH 84  384 25  HOH HOH A . 
J 6 HOH 85  385 178 HOH HOH A . 
J 6 HOH 86  386 123 HOH HOH A . 
J 6 HOH 87  387 82  HOH HOH A . 
J 6 HOH 88  388 50  HOH HOH A . 
J 6 HOH 89  389 111 HOH HOH A . 
J 6 HOH 90  390 126 HOH HOH A . 
J 6 HOH 91  391 18  HOH HOH A . 
J 6 HOH 92  392 84  HOH HOH A . 
J 6 HOH 93  393 55  HOH HOH A . 
J 6 HOH 94  394 167 HOH HOH A . 
J 6 HOH 95  395 12  HOH HOH A . 
J 6 HOH 96  396 3   HOH HOH A . 
J 6 HOH 97  397 39  HOH HOH A . 
J 6 HOH 98  398 103 HOH HOH A . 
J 6 HOH 99  399 124 HOH HOH A . 
J 6 HOH 100 400 169 HOH HOH A . 
J 6 HOH 101 401 177 HOH HOH A . 
J 6 HOH 102 402 51  HOH HOH A . 
J 6 HOH 103 403 8   HOH HOH A . 
J 6 HOH 104 404 122 HOH HOH A . 
J 6 HOH 105 405 64  HOH HOH A . 
J 6 HOH 106 406 79  HOH HOH A . 
J 6 HOH 107 407 62  HOH HOH A . 
J 6 HOH 108 408 174 HOH HOH A . 
J 6 HOH 109 409 47  HOH HOH A . 
J 6 HOH 110 410 203 HOH HOH A . 
J 6 HOH 111 411 43  HOH HOH A . 
J 6 HOH 112 412 93  HOH HOH A . 
J 6 HOH 113 413 20  HOH HOH A . 
J 6 HOH 114 414 40  HOH HOH A . 
J 6 HOH 115 415 232 HOH HOH A . 
J 6 HOH 116 416 198 HOH HOH A . 
J 6 HOH 117 417 27  HOH HOH A . 
J 6 HOH 118 418 105 HOH HOH A . 
J 6 HOH 119 419 102 HOH HOH A . 
J 6 HOH 120 420 182 HOH HOH A . 
J 6 HOH 121 421 53  HOH HOH A . 
J 6 HOH 122 422 176 HOH HOH A . 
J 6 HOH 123 423 80  HOH HOH A . 
J 6 HOH 124 424 85  HOH HOH A . 
J 6 HOH 125 425 95  HOH HOH A . 
J 6 HOH 126 426 155 HOH HOH A . 
J 6 HOH 127 427 11  HOH HOH A . 
J 6 HOH 128 428 132 HOH HOH A . 
J 6 HOH 129 429 233 HOH HOH A . 
J 6 HOH 130 430 192 HOH HOH A . 
J 6 HOH 131 431 10  HOH HOH A . 
J 6 HOH 132 432 96  HOH HOH A . 
J 6 HOH 133 433 201 HOH HOH A . 
J 6 HOH 134 434 69  HOH HOH A . 
J 6 HOH 135 435 231 HOH HOH A . 
J 6 HOH 136 436 23  HOH HOH A . 
J 6 HOH 137 437 100 HOH HOH A . 
J 6 HOH 138 438 74  HOH HOH A . 
J 6 HOH 139 439 89  HOH HOH A . 
J 6 HOH 140 440 6   HOH HOH A . 
J 6 HOH 141 441 159 HOH HOH A . 
J 6 HOH 142 442 133 HOH HOH A . 
J 6 HOH 143 443 76  HOH HOH A . 
J 6 HOH 144 444 138 HOH HOH A . 
J 6 HOH 145 445 141 HOH HOH A . 
J 6 HOH 146 446 157 HOH HOH A . 
J 6 HOH 147 447 38  HOH HOH A . 
J 6 HOH 148 448 128 HOH HOH A . 
J 6 HOH 149 449 224 HOH HOH A . 
J 6 HOH 150 450 98  HOH HOH A . 
J 6 HOH 151 451 90  HOH HOH A . 
J 6 HOH 152 452 13  HOH HOH A . 
J 6 HOH 153 453 61  HOH HOH A . 
J 6 HOH 154 454 58  HOH HOH A . 
J 6 HOH 155 455 71  HOH HOH A . 
J 6 HOH 156 456 151 HOH HOH A . 
J 6 HOH 157 457 236 HOH HOH A . 
J 6 HOH 158 458 97  HOH HOH A . 
J 6 HOH 159 459 119 HOH HOH A . 
J 6 HOH 160 460 113 HOH HOH A . 
J 6 HOH 161 461 101 HOH HOH A . 
J 6 HOH 162 462 158 HOH HOH A . 
J 6 HOH 163 463 54  HOH HOH A . 
J 6 HOH 164 464 179 HOH HOH A . 
J 6 HOH 165 465 207 HOH HOH A . 
J 6 HOH 166 466 246 HOH HOH A . 
J 6 HOH 167 467 99  HOH HOH A . 
J 6 HOH 168 468 239 HOH HOH A . 
J 6 HOH 169 469 164 HOH HOH A . 
J 6 HOH 170 470 190 HOH HOH A . 
J 6 HOH 171 471 175 HOH HOH A . 
J 6 HOH 172 472 184 HOH HOH A . 
J 6 HOH 173 473 65  HOH HOH A . 
J 6 HOH 174 474 17  HOH HOH A . 
J 6 HOH 175 475 193 HOH HOH A . 
J 6 HOH 176 476 240 HOH HOH A . 
J 6 HOH 177 477 46  HOH HOH A . 
J 6 HOH 178 478 88  HOH HOH A . 
J 6 HOH 179 479 134 HOH HOH A . 
J 6 HOH 180 480 241 HOH HOH A . 
J 6 HOH 181 481 213 HOH HOH A . 
J 6 HOH 182 482 247 HOH HOH A . 
J 6 HOH 183 483 78  HOH HOH A . 
J 6 HOH 184 484 83  HOH HOH A . 
J 6 HOH 185 485 171 HOH HOH A . 
J 6 HOH 186 486 189 HOH HOH A . 
J 6 HOH 187 487 127 HOH HOH A . 
J 6 HOH 188 488 86  HOH HOH A . 
J 6 HOH 189 489 226 HOH HOH A . 
J 6 HOH 190 490 142 HOH HOH A . 
J 6 HOH 191 491 221 HOH HOH A . 
J 6 HOH 192 492 156 HOH HOH A . 
J 6 HOH 193 493 73  HOH HOH A . 
J 6 HOH 194 494 114 HOH HOH A . 
J 6 HOH 195 495 112 HOH HOH A . 
J 6 HOH 196 496 225 HOH HOH A . 
J 6 HOH 197 497 118 HOH HOH A . 
J 6 HOH 198 498 56  HOH HOH A . 
J 6 HOH 199 499 92  HOH HOH A . 
J 6 HOH 200 500 172 HOH HOH A . 
J 6 HOH 201 501 87  HOH HOH A . 
J 6 HOH 202 502 75  HOH HOH A . 
J 6 HOH 203 503 129 HOH HOH A . 
J 6 HOH 204 504 165 HOH HOH A . 
J 6 HOH 205 505 223 HOH HOH A . 
J 6 HOH 206 506 202 HOH HOH A . 
J 6 HOH 207 507 208 HOH HOH A . 
J 6 HOH 208 508 217 HOH HOH A . 
J 6 HOH 209 509 215 HOH HOH A . 
J 6 HOH 210 510 209 HOH HOH A . 
J 6 HOH 211 511 153 HOH HOH A . 
J 6 HOH 212 512 230 HOH HOH A . 
J 6 HOH 213 513 242 HOH HOH A . 
J 6 HOH 214 514 22  HOH HOH A . 
J 6 HOH 215 515 150 HOH HOH A . 
J 6 HOH 216 516 222 HOH HOH A . 
J 6 HOH 217 517 235 HOH HOH A . 
J 6 HOH 218 518 117 HOH HOH A . 
J 6 HOH 219 519 125 HOH HOH A . 
J 6 HOH 220 520 228 HOH HOH A . 
J 6 HOH 221 521 248 HOH HOH A . 
J 6 HOH 222 522 199 HOH HOH A . 
J 6 HOH 223 523 120 HOH HOH A . 
J 6 HOH 224 524 160 HOH HOH A . 
J 6 HOH 225 525 243 HOH HOH A . 
J 6 HOH 226 526 162 HOH HOH A . 
J 6 HOH 227 527 206 HOH HOH A . 
J 6 HOH 228 528 244 HOH HOH A . 
# 
loop_
_software.classification 
_software.name 
_software.version 
_software.citation_id 
_software.pdbx_ordinal 
refinement       REFMAC  5.8.0267 ? 1 
refinement       REFMAC5 .        ? 2 
'data scaling'   Aimless .        ? 3 
phasing          PHASER  .        ? 4 
'data reduction' XDS     .        ? 5 
# 
_cell.entry_id           7H44 
_cell.length_a           88.501 
_cell.length_b           57.452 
_cell.length_c           32.463 
_cell.angle_alpha        90.00 
_cell.angle_beta         90.85 
_cell.angle_gamma        90.00 
_cell.Z_PDB              4 
_cell.pdbx_unique_axis   ? 
# 
_symmetry.entry_id                         7H44 
_symmetry.space_group_name_H-M             'C 1 2 1' 
_symmetry.pdbx_full_space_group_name_H-M   ? 
_symmetry.cell_setting                     ? 
_symmetry.Int_Tables_number                5 
# 
_exptl.entry_id          7H44 
_exptl.method            'X-RAY DIFFRACTION' 
_exptl.crystals_number   1 
# 
_exptl_crystal.id                    1 
_exptl_crystal.density_meas          ? 
_exptl_crystal.density_Matthews      2.50 
_exptl_crystal.density_percent_sol   50.83 
_exptl_crystal.description           ? 
# 
_exptl_crystal_grow.crystal_id      1 
_exptl_crystal_grow.method          'VAPOR DIFFUSION, SITTING DROP' 
_exptl_crystal_grow.pH              6.05 
_exptl_crystal_grow.temp            293.15 
_exptl_crystal_grow.pdbx_details    '0.1 M MES, pH 6.05, 16 % PEG 20,000' 
_exptl_crystal_grow.temp_details    ? 
_exptl_crystal_grow.pdbx_pH_range   ? 
# 
_diffrn.id                     1 
_diffrn.ambient_temp           100 
_diffrn.crystal_id             1 
_diffrn.ambient_temp_details   ? 
# 
_diffrn_detector.detector               PIXEL 
_diffrn_detector.type                   'DECTRIS EIGER2 XE 16M' 
_diffrn_detector.pdbx_collection_date   2023-10-11 
_diffrn_detector.diffrn_id              1 
_diffrn_detector.details                ? 
# 
_diffrn_radiation.diffrn_id                        1 
_diffrn_radiation.wavelength_id                    1 
_diffrn_radiation.pdbx_diffrn_protocol             'SINGLE WAVELENGTH' 
_diffrn_radiation.pdbx_monochromatic_or_laue_m_l   ? 
_diffrn_radiation.monochromator                    ? 
_diffrn_radiation.pdbx_scattering_type             x-ray 
# 
_diffrn_radiation_wavelength.id           1 
_diffrn_radiation_wavelength.wavelength   0.94055 
_diffrn_radiation_wavelength.wt           1.0 
# 
_diffrn_source.diffrn_id                   1 
_diffrn_source.source                      SYNCHROTRON 
_diffrn_source.type                        'DIAMOND BEAMLINE I03' 
_diffrn_source.pdbx_wavelength_list        0.94055 
_diffrn_source.pdbx_synchrotron_site       Diamond 
_diffrn_source.pdbx_synchrotron_beamline   I03 
_diffrn_source.pdbx_wavelength             ? 
# 
_reflns.entry_id                     7H44 
_reflns.pdbx_diffrn_id               1 
_reflns.pdbx_ordinal                 1 
_reflns.d_resolution_low             48.17 
_reflns.d_resolution_high            1.25 
_reflns.number_obs                   44619 
_reflns.percent_possible_obs         99.0 
_reflns.pdbx_Rmerge_I_obs            0.193 
_reflns.pdbx_netI_over_sigmaI        6.3 
_reflns.pdbx_redundancy              6.9 
_reflns.pdbx_Rrim_I_all              0.209 
_reflns.pdbx_Rpim_I_all              0.079 
_reflns.pdbx_CC_half                 0.987 
_reflns.pdbx_number_measured_all     305944 
_reflns.pdbx_chi_squared             1.23 
_reflns.observed_criterion_sigma_I   ? 
_reflns.observed_criterion_sigma_F   ? 
_reflns.number_all                   ? 
_reflns.pdbx_Rsym_value              ? 
_reflns.B_iso_Wilson_estimate        ? 
# 
_reflns_shell.pdbx_diffrn_id              1 
_reflns_shell.pdbx_ordinal                1 
_reflns_shell.d_res_high                  1.25 
_reflns_shell.d_res_low                   1.27 
_reflns_shell.number_measured_all         14698 
_reflns_shell.number_unique_obs           2159 
_reflns_shell.Rmerge_I_obs                3.610 
_reflns_shell.pdbx_chi_squared            0.79 
_reflns_shell.pdbx_redundancy             6.8 
_reflns_shell.percent_possible_obs        94.9 
_reflns_shell.pdbx_netI_over_sigmaI_obs   0.7 
_reflns_shell.pdbx_Rrim_I_all             3.911 
_reflns_shell.pdbx_Rpim_I_all             1.485 
_reflns_shell.pdbx_CC_half                0.150 
_reflns_shell.percent_possible_all        ? 
_reflns_shell.pdbx_Rsym_value             ? 
_reflns_shell.meanI_over_sigI_obs         ? 
# 
_refine.pdbx_refine_id                           'X-RAY DIFFRACTION' 
_refine.entry_id                                 7H44 
_refine.pdbx_diffrn_id                           1 
_refine.pdbx_TLS_residual_ADP_flag               ? 
_refine.ls_number_reflns_obs                     42303 
_refine.ls_number_reflns_all                     ? 
_refine.pdbx_ls_sigma_I                          ? 
_refine.pdbx_ls_sigma_F                          ? 
_refine.pdbx_data_cutoff_high_absF               ? 
_refine.pdbx_data_cutoff_low_absF                ? 
_refine.pdbx_data_cutoff_high_rms_absF           ? 
_refine.ls_d_res_low                             48.19 
_refine.ls_d_res_high                            1.25 
_refine.ls_percent_reflns_obs                    98.85 
_refine.ls_R_factor_obs                          0.21224 
_refine.ls_R_factor_all                          ? 
_refine.ls_R_factor_R_work                       0.21073 
_refine.ls_R_factor_R_free                       0.24084 
_refine.ls_R_factor_R_free_error                 ? 
_refine.ls_R_factor_R_free_error_details         ? 
_refine.ls_percent_reflns_R_free                 4.9 
_refine.ls_number_reflns_R_free                  2195 
_refine.ls_number_parameters                     ? 
_refine.ls_number_restraints                     ? 
_refine.occupancy_min                            ? 
_refine.occupancy_max                            ? 
_refine.correlation_coeff_Fo_to_Fc               0.962 
_refine.correlation_coeff_Fo_to_Fc_free          0.948 
_refine.B_iso_mean                               20.074 
_refine.aniso_B[1][1]                            0.64 
_refine.aniso_B[2][2]                            0.48 
_refine.aniso_B[3][3]                            -1.11 
_refine.aniso_B[1][2]                            0.00 
_refine.aniso_B[1][3]                            -0.25 
_refine.aniso_B[2][3]                            -0.00 
_refine.solvent_model_details                    MASK 
_refine.solvent_model_param_ksol                 ? 
_refine.solvent_model_param_bsol                 ? 
_refine.pdbx_solvent_vdw_probe_radii             1.20 
_refine.pdbx_solvent_ion_probe_radii             0.80 
_refine.pdbx_solvent_shrinkage_radii             0.80 
_refine.pdbx_ls_cross_valid_method               THROUGHOUT 
_refine.details                                  'HYDROGENS HAVE BEEN ADDED IN THE RIDING POSITIONS' 
_refine.pdbx_starting_model                      ? 
_refine.pdbx_method_to_determine_struct          'MOLECULAR REPLACEMENT' 
_refine.pdbx_isotropic_thermal_model             ? 
_refine.pdbx_stereochemistry_target_values       'MAXIMUM LIKELIHOOD' 
_refine.pdbx_stereochem_target_val_spec_case     ? 
_refine.pdbx_R_Free_selection_details            RANDOM 
_refine.pdbx_overall_ESU_R                       0.060 
_refine.pdbx_overall_ESU_R_Free                  0.063 
_refine.overall_SU_ML                            ? 
_refine.pdbx_overall_phase_error                 ? 
_refine.overall_SU_B                             ? 
_refine.overall_SU_R_Cruickshank_DPI             ? 
_refine.pdbx_overall_SU_R_free_Cruickshank_DPI   ? 
_refine.pdbx_overall_SU_R_Blow_DPI               ? 
_refine.pdbx_overall_SU_R_free_Blow_DPI          ? 
# 
_refine_hist.pdbx_refine_id                   'X-RAY DIFFRACTION' 
_refine_hist.cycle_id                         1 
_refine_hist.pdbx_number_atoms_protein        1083 
_refine_hist.pdbx_number_atoms_nucleic_acid   0 
_refine_hist.pdbx_number_atoms_ligand         48 
_refine_hist.number_atoms_solvent             228 
_refine_hist.number_atoms_total               1359 
_refine_hist.d_res_high                       1.25 
_refine_hist.d_res_low                        48.19 
# 
loop_
_refine_ls_restr.type 
_refine_ls_restr.dev_ideal 
_refine_ls_restr.dev_ideal_target 
_refine_ls_restr.weight 
_refine_ls_restr.number 
_refine_ls_restr.pdbx_refine_id 
_refine_ls_restr.pdbx_restraint_function 
r_bond_refined_d             0.011  0.014  ? 1807 'X-RAY DIFFRACTION' ? 
r_bond_other_d               0.035  0.014  ? 1314 'X-RAY DIFFRACTION' ? 
r_angle_refined_deg          1.700  1.616  ? 2106 'X-RAY DIFFRACTION' ? 
r_angle_other_deg            2.426  1.612  ? 3017 'X-RAY DIFFRACTION' ? 
r_dihedral_angle_1_deg       6.910  5.000  ? 193  'X-RAY DIFFRACTION' ? 
r_dihedral_angle_2_deg       29.987 21.047 ? 86   'X-RAY DIFFRACTION' ? 
r_dihedral_angle_3_deg       14.631 15.000 ? 208  'X-RAY DIFFRACTION' ? 
r_dihedral_angle_4_deg       17.137 15.000 ? 12   'X-RAY DIFFRACTION' ? 
r_chiral_restr               0.088  0.200  ? 176  'X-RAY DIFFRACTION' ? 
r_gen_planes_refined         0.010  0.020  ? 2112 'X-RAY DIFFRACTION' ? 
r_gen_planes_other           0.017  0.020  ? 408  'X-RAY DIFFRACTION' ? 
r_nbd_refined                ?      ?      ? ?    'X-RAY DIFFRACTION' ? 
r_nbd_other                  ?      ?      ? ?    'X-RAY DIFFRACTION' ? 
r_nbtor_refined              ?      ?      ? ?    'X-RAY DIFFRACTION' ? 
r_nbtor_other                ?      ?      ? ?    'X-RAY DIFFRACTION' ? 
r_xyhbond_nbd_refined        ?      ?      ? ?    'X-RAY DIFFRACTION' ? 
r_xyhbond_nbd_other          ?      ?      ? ?    'X-RAY DIFFRACTION' ? 
r_metal_ion_refined          ?      ?      ? ?    'X-RAY DIFFRACTION' ? 
r_metal_ion_other            ?      ?      ? ?    'X-RAY DIFFRACTION' ? 
r_symmetry_vdw_refined       ?      ?      ? ?    'X-RAY DIFFRACTION' ? 
r_symmetry_vdw_other         ?      ?      ? ?    'X-RAY DIFFRACTION' ? 
r_symmetry_hbond_refined     ?      ?      ? ?    'X-RAY DIFFRACTION' ? 
r_symmetry_hbond_other       ?      ?      ? ?    'X-RAY DIFFRACTION' ? 
r_symmetry_metal_ion_refined ?      ?      ? ?    'X-RAY DIFFRACTION' ? 
r_symmetry_metal_ion_other   ?      ?      ? ?    'X-RAY DIFFRACTION' ? 
r_mcbond_it                  1.292  1.788  ? 869  'X-RAY DIFFRACTION' ? 
r_mcbond_other               1.298  1.743  ? 833  'X-RAY DIFFRACTION' ? 
r_mcangle_it                 2.150  2.572  ? 949  'X-RAY DIFFRACTION' ? 
r_mcangle_other              2.084  2.567  ? 938  'X-RAY DIFFRACTION' ? 
r_scbond_it                  2.210  2.187  ? 936  'X-RAY DIFFRACTION' ? 
r_scbond_other               2.209  2.167  ? 935  'X-RAY DIFFRACTION' ? 
r_scangle_it                 ?      ?      ? ?    'X-RAY DIFFRACTION' ? 
r_scangle_other              3.416  3.055  ? 1152 'X-RAY DIFFRACTION' ? 
r_long_range_B_refined       13.432 24.570 ? 1913 'X-RAY DIFFRACTION' ? 
r_long_range_B_other         13.428 24.604 ? 1914 'X-RAY DIFFRACTION' ? 
r_rigid_bond_restr           ?      ?      ? ?    'X-RAY DIFFRACTION' ? 
r_sphericity_free            ?      ?      ? ?    'X-RAY DIFFRACTION' ? 
r_sphericity_bonded          ?      ?      ? ?    'X-RAY DIFFRACTION' ? 
# 
_refine_ls_shell.pdbx_refine_id                   'X-RAY DIFFRACTION' 
_refine_ls_shell.pdbx_total_number_of_bins_used   20 
_refine_ls_shell.d_res_high                       1.250 
_refine_ls_shell.d_res_low                        1.282 
_refine_ls_shell.number_reflns_R_work             3061 
_refine_ls_shell.R_factor_R_work                  0.407 
_refine_ls_shell.percent_reflns_obs               97.24 
_refine_ls_shell.R_factor_R_free                  0.422 
_refine_ls_shell.R_factor_R_free_error            ? 
_refine_ls_shell.percent_reflns_R_free            ? 
_refine_ls_shell.number_reflns_R_free             149 
_refine_ls_shell.number_reflns_all                ? 
_refine_ls_shell.R_factor_all                     ? 
# 
_struct.entry_id                  7H44 
_struct.title                     
;Group deposition for crystallographic fragment screening of Coxsackievirus A16 (G-10) 2A protease -- Crystal structure of Coxsackievirus A16 (G-10) 2A protease in complex with Z1255459547 (A71EV2A-x0554)
;
_struct.pdbx_model_details        ? 
_struct.pdbx_CASP_flag            ? 
_struct.pdbx_model_type_details   ? 
# 
_struct_keywords.entry_id        7H44 
_struct_keywords.pdbx_keywords   HYDROLASE 
_struct_keywords.text            
;Diamond Light Source, I03, ASAP, Coxsackievirus A16, crystallographic fragment screening, PanDDA, Pandda2, XChemExplorer, viral protein, HYDROLASE
;
# 
loop_
_struct_asym.id 
_struct_asym.pdbx_blank_PDB_chainid_flag 
_struct_asym.pdbx_modified 
_struct_asym.entity_id 
_struct_asym.details 
A N N 1 ? 
B N N 2 ? 
C N N 2 ? 
D N N 3 ? 
E N N 4 ? 
F N N 4 ? 
G N N 4 ? 
H N N 4 ? 
I N N 5 ? 
J N N 6 ? 
# 
_struct_ref.id                         1 
_struct_ref.db_name                    UNP 
_struct_ref.db_code                    POLG_CX16G 
_struct_ref.pdbx_db_accession          Q65900 
_struct_ref.pdbx_db_isoform            ? 
_struct_ref.entity_id                  1 
_struct_ref.pdbx_seq_one_letter_code   
;SGAIYVGNYRVVNRHLATHNDWANLVWEDSSRDLLVSSTTAQGCDTIARCDCQTGVYYCSSRRKHYPVSFSKPSLIFVEA
SEYYPARYQSHLMLAVGHSEPGDCGGILRCQHGVVGIVSTGGNGLVGFADVRDLLWLDEEAMEQ
;
_struct_ref.pdbx_align_begin           869 
# 
_struct_ref_seq.align_id                      1 
_struct_ref_seq.ref_id                        1 
_struct_ref_seq.pdbx_PDB_id_code              7H44 
_struct_ref_seq.pdbx_strand_id                A 
_struct_ref_seq.seq_align_beg                 7 
_struct_ref_seq.pdbx_seq_align_beg_ins_code   ? 
_struct_ref_seq.seq_align_end                 150 
_struct_ref_seq.pdbx_seq_align_end_ins_code   ? 
_struct_ref_seq.pdbx_db_accession             Q65900 
_struct_ref_seq.db_align_beg                  869 
_struct_ref_seq.pdbx_db_align_beg_ins_code    ? 
_struct_ref_seq.db_align_end                  1012 
_struct_ref_seq.pdbx_db_align_end_ins_code    ? 
_struct_ref_seq.pdbx_auth_seq_align_beg       7 
_struct_ref_seq.pdbx_auth_seq_align_end       150 
# 
loop_
_struct_ref_seq_dif.align_id 
_struct_ref_seq_dif.pdbx_pdb_id_code 
_struct_ref_seq_dif.mon_id 
_struct_ref_seq_dif.pdbx_pdb_strand_id 
_struct_ref_seq_dif.seq_num 
_struct_ref_seq_dif.pdbx_pdb_ins_code 
_struct_ref_seq_dif.pdbx_seq_db_name 
_struct_ref_seq_dif.pdbx_seq_db_accession_code 
_struct_ref_seq_dif.db_mon_id 
_struct_ref_seq_dif.pdbx_seq_db_seq_num 
_struct_ref_seq_dif.details 
_struct_ref_seq_dif.pdbx_auth_seq_num 
_struct_ref_seq_dif.pdbx_ordinal 
1 7H44 GLN A 1 ? UNP Q65900 ? ? 'expression tag' 1 1 
1 7H44 GLU A 2 ? UNP Q65900 ? ? 'expression tag' 2 2 
1 7H44 GLN A 3 ? UNP Q65900 ? ? 'expression tag' 3 3 
1 7H44 THR A 4 ? UNP Q65900 ? ? 'expression tag' 4 4 
1 7H44 GLY A 5 ? UNP Q65900 ? ? 'expression tag' 5 5 
1 7H44 GLY A 6 ? UNP Q65900 ? ? 'expression tag' 6 6 
# 
_pdbx_struct_assembly.id                   1 
_pdbx_struct_assembly.details              author_and_software_defined_assembly 
_pdbx_struct_assembly.method_details       PISA 
_pdbx_struct_assembly.oligomeric_details   monomeric 
_pdbx_struct_assembly.oligomeric_count     1 
# 
loop_
_pdbx_struct_assembly_prop.biol_id 
_pdbx_struct_assembly_prop.type 
_pdbx_struct_assembly_prop.value 
_pdbx_struct_assembly_prop.details 
1 'ABSA (A^2)' 680  ? 
1 MORE         -8   ? 
1 'SSA (A^2)'  7520 ? 
# 
_pdbx_struct_assembly_gen.assembly_id       1 
_pdbx_struct_assembly_gen.oper_expression   1 
_pdbx_struct_assembly_gen.asym_id_list      A,B,C,D,E,F,G,H,I,J 
# 
_pdbx_struct_oper_list.id                   1 
_pdbx_struct_oper_list.type                 'identity operation' 
_pdbx_struct_oper_list.name                 1_555 
_pdbx_struct_oper_list.symmetry_operation   x,y,z 
_pdbx_struct_oper_list.matrix[1][1]         1.0000000000 
_pdbx_struct_oper_list.matrix[1][2]         0.0000000000 
_pdbx_struct_oper_list.matrix[1][3]         0.0000000000 
_pdbx_struct_oper_list.vector[1]            0.0000000000 
_pdbx_struct_oper_list.matrix[2][1]         0.0000000000 
_pdbx_struct_oper_list.matrix[2][2]         1.0000000000 
_pdbx_struct_oper_list.matrix[2][3]         0.0000000000 
_pdbx_struct_oper_list.vector[2]            0.0000000000 
_pdbx_struct_oper_list.matrix[3][1]         0.0000000000 
_pdbx_struct_oper_list.matrix[3][2]         0.0000000000 
_pdbx_struct_oper_list.matrix[3][3]         1.0000000000 
_pdbx_struct_oper_list.vector[3]            0.0000000000 
# 
loop_
_struct_conf.conf_type_id 
_struct_conf.id 
_struct_conf.pdbx_PDB_helix_id 
_struct_conf.beg_label_comp_id 
_struct_conf.beg_label_asym_id 
_struct_conf.beg_label_seq_id 
_struct_conf.pdbx_beg_PDB_ins_code 
_struct_conf.end_label_comp_id 
_struct_conf.end_label_asym_id 
_struct_conf.end_label_seq_id 
_struct_conf.pdbx_end_PDB_ins_code 
_struct_conf.beg_auth_comp_id 
_struct_conf.beg_auth_asym_id 
_struct_conf.beg_auth_seq_id 
_struct_conf.end_auth_comp_id 
_struct_conf.end_auth_asym_id 
_struct_conf.end_auth_seq_id 
_struct_conf.pdbx_PDB_helix_class 
_struct_conf.details 
_struct_conf.pdbx_PDB_helix_length 
HELX_P HELX_P1 AA1 HIS A 21  ? ALA A 23  ? HIS A 21  ALA A 23  5 ? 3 
HELX_P HELX_P2 AA2 THR A 24  ? ASN A 30  ? THR A 24  ASN A 30  1 ? 7 
HELX_P HELX_P3 AA3 SER A 36  ? ARG A 38  ? SER A 36  ARG A 38  5 ? 3 
HELX_P HELX_P4 AA4 SER A 66  ? ARG A 69  ? SER A 66  ARG A 69  5 ? 4 
HELX_P HELX_P5 AA5 GLU A 106 ? CYS A 110 ? GLU A 106 CYS A 110 5 ? 5 
HELX_P HELX_P6 AA6 LEU A 140 ? GLU A 145 ? LEU A 140 GLU A 145 5 ? 6 
# 
_struct_conf_type.id          HELX_P 
_struct_conf_type.criteria    ? 
_struct_conf_type.reference   ? 
# 
loop_
_struct_conn.id 
_struct_conn.conn_type_id 
_struct_conn.pdbx_leaving_atom_flag 
_struct_conn.pdbx_PDB_id 
_struct_conn.ptnr1_label_asym_id 
_struct_conn.ptnr1_label_comp_id 
_struct_conn.ptnr1_label_seq_id 
_struct_conn.ptnr1_label_atom_id 
_struct_conn.pdbx_ptnr1_label_alt_id 
_struct_conn.pdbx_ptnr1_PDB_ins_code 
_struct_conn.pdbx_ptnr1_standard_comp_id 
_struct_conn.ptnr1_symmetry 
_struct_conn.ptnr2_label_asym_id 
_struct_conn.ptnr2_label_comp_id 
_struct_conn.ptnr2_label_seq_id 
_struct_conn.ptnr2_label_atom_id 
_struct_conn.pdbx_ptnr2_label_alt_id 
_struct_conn.pdbx_ptnr2_PDB_ins_code 
_struct_conn.ptnr1_auth_asym_id 
_struct_conn.ptnr1_auth_comp_id 
_struct_conn.ptnr1_auth_seq_id 
_struct_conn.ptnr2_auth_asym_id 
_struct_conn.ptnr2_auth_comp_id 
_struct_conn.ptnr2_auth_seq_id 
_struct_conn.ptnr2_symmetry 
_struct_conn.pdbx_ptnr3_label_atom_id 
_struct_conn.pdbx_ptnr3_label_seq_id 
_struct_conn.pdbx_ptnr3_label_comp_id 
_struct_conn.pdbx_ptnr3_label_asym_id 
_struct_conn.pdbx_ptnr3_label_alt_id 
_struct_conn.pdbx_ptnr3_PDB_ins_code 
_struct_conn.details 
_struct_conn.pdbx_dist_value 
_struct_conn.pdbx_value_order 
_struct_conn.pdbx_role 
metalc1 metalc ? ? A CYS 56  SG  ? ? ? 1_555 D ZN . ZN ? ? A CYS 56  A ZN 203 1_555 ? ? ? ? ? ? ? 2.333 ? ? 
metalc2 metalc ? ? A CYS 58  SG  ? ? ? 1_555 D ZN . ZN ? ? A CYS 58  A ZN 203 1_555 ? ? ? ? ? ? ? 2.323 ? ? 
metalc3 metalc ? ? A CYS 116 SG  ? ? ? 1_555 D ZN . ZN ? ? A CYS 116 A ZN 203 1_555 ? ? ? ? ? ? ? 2.239 ? ? 
metalc4 metalc ? ? A HIS 118 ND1 ? ? ? 1_555 D ZN . ZN ? ? A HIS 118 A ZN 203 1_555 ? ? ? ? ? ? ? 2.072 ? ? 
# 
_struct_conn_type.id          metalc 
_struct_conn_type.criteria    ? 
_struct_conn_type.reference   ? 
# 
loop_
_pdbx_struct_conn_angle.id 
_pdbx_struct_conn_angle.ptnr1_label_atom_id 
_pdbx_struct_conn_angle.ptnr1_label_alt_id 
_pdbx_struct_conn_angle.ptnr1_label_asym_id 
_pdbx_struct_conn_angle.ptnr1_label_comp_id 
_pdbx_struct_conn_angle.ptnr1_label_seq_id 
_pdbx_struct_conn_angle.ptnr1_auth_atom_id 
_pdbx_struct_conn_angle.ptnr1_auth_asym_id 
_pdbx_struct_conn_angle.ptnr1_auth_comp_id 
_pdbx_struct_conn_angle.ptnr1_auth_seq_id 
_pdbx_struct_conn_angle.ptnr1_PDB_ins_code 
_pdbx_struct_conn_angle.ptnr1_symmetry 
_pdbx_struct_conn_angle.ptnr2_label_atom_id 
_pdbx_struct_conn_angle.ptnr2_label_alt_id 
_pdbx_struct_conn_angle.ptnr2_label_asym_id 
_pdbx_struct_conn_angle.ptnr2_label_comp_id 
_pdbx_struct_conn_angle.ptnr2_label_seq_id 
_pdbx_struct_conn_angle.ptnr2_auth_atom_id 
_pdbx_struct_conn_angle.ptnr2_auth_asym_id 
_pdbx_struct_conn_angle.ptnr2_auth_comp_id 
_pdbx_struct_conn_angle.ptnr2_auth_seq_id 
_pdbx_struct_conn_angle.ptnr2_PDB_ins_code 
_pdbx_struct_conn_angle.ptnr2_symmetry 
_pdbx_struct_conn_angle.ptnr3_label_atom_id 
_pdbx_struct_conn_angle.ptnr3_label_alt_id 
_pdbx_struct_conn_angle.ptnr3_label_asym_id 
_pdbx_struct_conn_angle.ptnr3_label_comp_id 
_pdbx_struct_conn_angle.ptnr3_label_seq_id 
_pdbx_struct_conn_angle.ptnr3_auth_atom_id 
_pdbx_struct_conn_angle.ptnr3_auth_asym_id 
_pdbx_struct_conn_angle.ptnr3_auth_comp_id 
_pdbx_struct_conn_angle.ptnr3_auth_seq_id 
_pdbx_struct_conn_angle.ptnr3_PDB_ins_code 
_pdbx_struct_conn_angle.ptnr3_symmetry 
_pdbx_struct_conn_angle.value 
_pdbx_struct_conn_angle.value_esd 
1 SG ? A CYS 56  ? A CYS 56  ? 1_555 ZN ? D ZN . ? A ZN 203 ? 1_555 SG  ? A CYS 58  ? A CYS 58  ? 1_555 108.8 ? 
2 SG ? A CYS 56  ? A CYS 56  ? 1_555 ZN ? D ZN . ? A ZN 203 ? 1_555 SG  ? A CYS 116 ? A CYS 116 ? 1_555 106.0 ? 
3 SG ? A CYS 58  ? A CYS 58  ? 1_555 ZN ? D ZN . ? A ZN 203 ? 1_555 SG  ? A CYS 116 ? A CYS 116 ? 1_555 118.9 ? 
4 SG ? A CYS 56  ? A CYS 56  ? 1_555 ZN ? D ZN . ? A ZN 203 ? 1_555 ND1 ? A HIS 118 ? A HIS 118 ? 1_555 104.7 ? 
5 SG ? A CYS 58  ? A CYS 58  ? 1_555 ZN ? D ZN . ? A ZN 203 ? 1_555 ND1 ? A HIS 118 ? A HIS 118 ? 1_555 101.6 ? 
6 SG ? A CYS 116 ? A CYS 116 ? 1_555 ZN ? D ZN . ? A ZN 203 ? 1_555 ND1 ? A HIS 118 ? A HIS 118 ? 1_555 115.9 ? 
# 
loop_
_struct_sheet.id 
_struct_sheet.type 
_struct_sheet.number_strands 
_struct_sheet.details 
AA1 ? 4 ? 
AA2 ? 7 ? 
# 
loop_
_struct_sheet_order.sheet_id 
_struct_sheet_order.range_id_1 
_struct_sheet_order.range_id_2 
_struct_sheet_order.offset 
_struct_sheet_order.sense 
AA1 1 2 ? anti-parallel 
AA1 2 3 ? anti-parallel 
AA1 3 4 ? anti-parallel 
AA2 1 2 ? anti-parallel 
AA2 2 3 ? anti-parallel 
AA2 3 4 ? anti-parallel 
AA2 4 5 ? anti-parallel 
AA2 5 6 ? anti-parallel 
AA2 6 7 ? anti-parallel 
# 
loop_
_struct_sheet_range.sheet_id 
_struct_sheet_range.id 
_struct_sheet_range.beg_label_comp_id 
_struct_sheet_range.beg_label_asym_id 
_struct_sheet_range.beg_label_seq_id 
_struct_sheet_range.pdbx_beg_PDB_ins_code 
_struct_sheet_range.end_label_comp_id 
_struct_sheet_range.end_label_asym_id 
_struct_sheet_range.end_label_seq_id 
_struct_sheet_range.pdbx_end_PDB_ins_code 
_struct_sheet_range.beg_auth_comp_id 
_struct_sheet_range.beg_auth_asym_id 
_struct_sheet_range.beg_auth_seq_id 
_struct_sheet_range.end_auth_comp_id 
_struct_sheet_range.end_auth_asym_id 
_struct_sheet_range.end_auth_seq_id 
AA1 1 ILE A 10  ? VAL A 12  ? ILE A 10  VAL A 12  
AA1 2 TYR A 15  ? ASN A 19  ? TYR A 15  ASN A 19  
AA1 3 LEU A 40  ? SER A 44  ? LEU A 40  SER A 44  
AA1 4 LEU A 31  ? ASP A 35  ? LEU A 31  ASP A 35  
AA2 1 LYS A 70  ? SER A 75  ? LYS A 70  SER A 75  
AA2 2 THR A 60  ? CYS A 65  ? THR A 60  CYS A 65  
AA2 3 ILE A 113 ? CYS A 116 ? ILE A 113 CYS A 116 
AA2 4 GLY A 119 ? GLY A 128 ? GLY A 119 GLY A 128 
AA2 5 LEU A 131 ? ASP A 136 ? LEU A 131 ASP A 136 
AA2 6 ARG A 93  ? VAL A 102 ? ARG A 93  VAL A 102 
AA2 7 SER A 80  ? VAL A 84  ? SER A 80  VAL A 84  
# 
loop_
_pdbx_struct_sheet_hbond.sheet_id 
_pdbx_struct_sheet_hbond.range_id_1 
_pdbx_struct_sheet_hbond.range_id_2 
_pdbx_struct_sheet_hbond.range_1_label_atom_id 
_pdbx_struct_sheet_hbond.range_1_label_comp_id 
_pdbx_struct_sheet_hbond.range_1_label_asym_id 
_pdbx_struct_sheet_hbond.range_1_label_seq_id 
_pdbx_struct_sheet_hbond.range_1_PDB_ins_code 
_pdbx_struct_sheet_hbond.range_1_auth_atom_id 
_pdbx_struct_sheet_hbond.range_1_auth_comp_id 
_pdbx_struct_sheet_hbond.range_1_auth_asym_id 
_pdbx_struct_sheet_hbond.range_1_auth_seq_id 
_pdbx_struct_sheet_hbond.range_2_label_atom_id 
_pdbx_struct_sheet_hbond.range_2_label_comp_id 
_pdbx_struct_sheet_hbond.range_2_label_asym_id 
_pdbx_struct_sheet_hbond.range_2_label_seq_id 
_pdbx_struct_sheet_hbond.range_2_PDB_ins_code 
_pdbx_struct_sheet_hbond.range_2_auth_atom_id 
_pdbx_struct_sheet_hbond.range_2_auth_comp_id 
_pdbx_struct_sheet_hbond.range_2_auth_asym_id 
_pdbx_struct_sheet_hbond.range_2_auth_seq_id 
AA1 1 2 N ILE A 10  ? N ILE A 10  O VAL A 17  ? O VAL A 17  
AA1 2 3 N VAL A 18  ? N VAL A 18  O LEU A 41  ? O LEU A 41  
AA1 3 4 O VAL A 42  ? O VAL A 42  N TRP A 33  ? N TRP A 33  
AA2 1 2 O LYS A 70  ? O LYS A 70  N CYS A 65  ? N CYS A 65  
AA2 2 3 N VAL A 62  ? N VAL A 62  O ARG A 115 ? O ARG A 115 
AA2 3 4 N LEU A 114 ? N LEU A 114 O VAL A 121 ? O VAL A 121 
AA2 4 5 N SER A 125 ? N SER A 125 O GLY A 133 ? O GLY A 133 
AA2 5 6 O PHE A 134 ? O PHE A 134 N MET A 99  ? N MET A 99  
AA2 6 7 O GLN A 95  ? O GLN A 95  N ILE A 82  ? N ILE A 82  
# 
_pdbx_entry_details.entry_id                   7H44 
_pdbx_entry_details.compound_details           ? 
_pdbx_entry_details.source_details             ? 
_pdbx_entry_details.nonpolymer_details         ? 
_pdbx_entry_details.sequence_details           ? 
_pdbx_entry_details.has_ligand_of_interest     ? 
_pdbx_entry_details.has_protein_modification   N 
# 
loop_
_pdbx_validate_close_contact.id 
_pdbx_validate_close_contact.PDB_model_num 
_pdbx_validate_close_contact.auth_atom_id_1 
_pdbx_validate_close_contact.auth_asym_id_1 
_pdbx_validate_close_contact.auth_comp_id_1 
_pdbx_validate_close_contact.auth_seq_id_1 
_pdbx_validate_close_contact.PDB_ins_code_1 
_pdbx_validate_close_contact.label_alt_id_1 
_pdbx_validate_close_contact.auth_atom_id_2 
_pdbx_validate_close_contact.auth_asym_id_2 
_pdbx_validate_close_contact.auth_comp_id_2 
_pdbx_validate_close_contact.auth_seq_id_2 
_pdbx_validate_close_contact.PDB_ins_code_2 
_pdbx_validate_close_contact.label_alt_id_2 
_pdbx_validate_close_contact.dist 
1 1 O   A HOH 458 ? ? O A HOH 483 ? ? 1.43 
2 1 O   A HOH 385 ? ? O A HOH 442 ? ? 1.86 
3 1 O   A HOH 354 ? ? O A HOH 406 ? ? 1.99 
4 1 NE2 A GLN 48  ? ? O A HOH 301 ? ? 2.06 
5 1 O   A HOH 484 ? ? O A HOH 492 ? ? 2.09 
6 1 O   A HOH 310 ? ? O A HOH 407 ? ? 2.09 
7 1 OD1 A ASN 129 ? ? O A HOH 302 ? ? 2.13 
8 1 OE1 A GLU 106 ? ? O A HOH 303 ? ? 2.18 
# 
loop_
_pdbx_validate_symm_contact.id 
_pdbx_validate_symm_contact.PDB_model_num 
_pdbx_validate_symm_contact.auth_atom_id_1 
_pdbx_validate_symm_contact.auth_asym_id_1 
_pdbx_validate_symm_contact.auth_comp_id_1 
_pdbx_validate_symm_contact.auth_seq_id_1 
_pdbx_validate_symm_contact.PDB_ins_code_1 
_pdbx_validate_symm_contact.label_alt_id_1 
_pdbx_validate_symm_contact.site_symmetry_1 
_pdbx_validate_symm_contact.auth_atom_id_2 
_pdbx_validate_symm_contact.auth_asym_id_2 
_pdbx_validate_symm_contact.auth_comp_id_2 
_pdbx_validate_symm_contact.auth_seq_id_2 
_pdbx_validate_symm_contact.PDB_ins_code_2 
_pdbx_validate_symm_contact.label_alt_id_2 
_pdbx_validate_symm_contact.site_symmetry_2 
_pdbx_validate_symm_contact.dist 
1 1 O A HOH 452 ? ? 1_555 O A HOH 452 ? ? 2_556 0.78 
2 1 O A HOH 506 ? ? 1_555 O A HOH 506 ? ? 2_556 1.65 
# 
_pdbx_validate_rmsd_angle.id                         1 
_pdbx_validate_rmsd_angle.PDB_model_num              1 
_pdbx_validate_rmsd_angle.auth_atom_id_1             NE 
_pdbx_validate_rmsd_angle.auth_asym_id_1             A 
_pdbx_validate_rmsd_angle.auth_comp_id_1             ARG 
_pdbx_validate_rmsd_angle.auth_seq_id_1              20 
_pdbx_validate_rmsd_angle.PDB_ins_code_1             ? 
_pdbx_validate_rmsd_angle.label_alt_id_1             ? 
_pdbx_validate_rmsd_angle.auth_atom_id_2             CZ 
_pdbx_validate_rmsd_angle.auth_asym_id_2             A 
_pdbx_validate_rmsd_angle.auth_comp_id_2             ARG 
_pdbx_validate_rmsd_angle.auth_seq_id_2              20 
_pdbx_validate_rmsd_angle.PDB_ins_code_2             ? 
_pdbx_validate_rmsd_angle.label_alt_id_2             ? 
_pdbx_validate_rmsd_angle.auth_atom_id_3             NH1 
_pdbx_validate_rmsd_angle.auth_asym_id_3             A 
_pdbx_validate_rmsd_angle.auth_comp_id_3             ARG 
_pdbx_validate_rmsd_angle.auth_seq_id_3              20 
_pdbx_validate_rmsd_angle.PDB_ins_code_3             ? 
_pdbx_validate_rmsd_angle.label_alt_id_3             ? 
_pdbx_validate_rmsd_angle.angle_value                123.31 
_pdbx_validate_rmsd_angle.angle_target_value         120.30 
_pdbx_validate_rmsd_angle.angle_deviation            3.01 
_pdbx_validate_rmsd_angle.angle_standard_deviation   0.50 
_pdbx_validate_rmsd_angle.linker_flag                N 
# 
_pdbx_validate_torsion.id              1 
_pdbx_validate_torsion.PDB_model_num   1 
_pdbx_validate_torsion.auth_comp_id    SER 
_pdbx_validate_torsion.auth_asym_id    A 
_pdbx_validate_torsion.auth_seq_id     125 
_pdbx_validate_torsion.PDB_ins_code    ? 
_pdbx_validate_torsion.label_alt_id    ? 
_pdbx_validate_torsion.phi             -133.29 
_pdbx_validate_torsion.psi             -32.40 
# 
_pdbx_distant_solvent_atoms.id                                1 
_pdbx_distant_solvent_atoms.PDB_model_num                     1 
_pdbx_distant_solvent_atoms.auth_atom_id                      O 
_pdbx_distant_solvent_atoms.label_alt_id                      ? 
_pdbx_distant_solvent_atoms.auth_asym_id                      A 
_pdbx_distant_solvent_atoms.auth_comp_id                      HOH 
_pdbx_distant_solvent_atoms.auth_seq_id                       528 
_pdbx_distant_solvent_atoms.PDB_ins_code                      ? 
_pdbx_distant_solvent_atoms.neighbor_macromolecule_distance   7.79 
_pdbx_distant_solvent_atoms.neighbor_ligand_distance          . 
# 
loop_
_pdbx_unobs_or_zero_occ_residues.id 
_pdbx_unobs_or_zero_occ_residues.PDB_model_num 
_pdbx_unobs_or_zero_occ_residues.polymer_flag 
_pdbx_unobs_or_zero_occ_residues.occupancy_flag 
_pdbx_unobs_or_zero_occ_residues.auth_asym_id 
_pdbx_unobs_or_zero_occ_residues.auth_comp_id 
_pdbx_unobs_or_zero_occ_residues.auth_seq_id 
_pdbx_unobs_or_zero_occ_residues.PDB_ins_code 
_pdbx_unobs_or_zero_occ_residues.label_asym_id 
_pdbx_unobs_or_zero_occ_residues.label_comp_id 
_pdbx_unobs_or_zero_occ_residues.label_seq_id 
1  1 Y 1 A GLN 1   ? A GLN 1   
2  1 Y 1 A GLU 2   ? A GLU 2   
3  1 Y 1 A GLN 3   ? A GLN 3   
4  1 Y 1 A THR 4   ? A THR 4   
5  1 Y 1 A GLY 5   ? A GLY 5   
6  1 Y 1 A GLY 6   ? A GLY 6   
7  1 Y 1 A ALA 147 ? A ALA 147 
8  1 Y 1 A MET 148 ? A MET 148 
9  1 Y 1 A GLU 149 ? A GLU 149 
10 1 Y 1 A GLN 150 ? A GLN 150 
# 
loop_
_chem_comp_atom.comp_id 
_chem_comp_atom.atom_id 
_chem_comp_atom.type_symbol 
_chem_comp_atom.pdbx_aromatic_flag 
_chem_comp_atom.pdbx_stereo_config 
_chem_comp_atom.pdbx_ordinal 
ALA N    N  N N 1   
ALA CA   C  N S 2   
ALA C    C  N N 3   
ALA O    O  N N 4   
ALA CB   C  N N 5   
ALA OXT  O  N N 6   
ALA H    H  N N 7   
ALA H2   H  N N 8   
ALA HA   H  N N 9   
ALA HB1  H  N N 10  
ALA HB2  H  N N 11  
ALA HB3  H  N N 12  
ALA HXT  H  N N 13  
ARG N    N  N N 14  
ARG CA   C  N S 15  
ARG C    C  N N 16  
ARG O    O  N N 17  
ARG CB   C  N N 18  
ARG CG   C  N N 19  
ARG CD   C  N N 20  
ARG NE   N  N N 21  
ARG CZ   C  N N 22  
ARG NH1  N  N N 23  
ARG NH2  N  N N 24  
ARG OXT  O  N N 25  
ARG H    H  N N 26  
ARG H2   H  N N 27  
ARG HA   H  N N 28  
ARG HB2  H  N N 29  
ARG HB3  H  N N 30  
ARG HG2  H  N N 31  
ARG HG3  H  N N 32  
ARG HD2  H  N N 33  
ARG HD3  H  N N 34  
ARG HE   H  N N 35  
ARG HH11 H  N N 36  
ARG HH12 H  N N 37  
ARG HH21 H  N N 38  
ARG HH22 H  N N 39  
ARG HXT  H  N N 40  
ASN N    N  N N 41  
ASN CA   C  N S 42  
ASN C    C  N N 43  
ASN O    O  N N 44  
ASN CB   C  N N 45  
ASN CG   C  N N 46  
ASN OD1  O  N N 47  
ASN ND2  N  N N 48  
ASN OXT  O  N N 49  
ASN H    H  N N 50  
ASN H2   H  N N 51  
ASN HA   H  N N 52  
ASN HB2  H  N N 53  
ASN HB3  H  N N 54  
ASN HD21 H  N N 55  
ASN HD22 H  N N 56  
ASN HXT  H  N N 57  
ASP N    N  N N 58  
ASP CA   C  N S 59  
ASP C    C  N N 60  
ASP O    O  N N 61  
ASP CB   C  N N 62  
ASP CG   C  N N 63  
ASP OD1  O  N N 64  
ASP OD2  O  N N 65  
ASP OXT  O  N N 66  
ASP H    H  N N 67  
ASP H2   H  N N 68  
ASP HA   H  N N 69  
ASP HB2  H  N N 70  
ASP HB3  H  N N 71  
ASP HD2  H  N N 72  
ASP HXT  H  N N 73  
CYS N    N  N N 74  
CYS CA   C  N R 75  
CYS C    C  N N 76  
CYS O    O  N N 77  
CYS CB   C  N N 78  
CYS SG   S  N N 79  
CYS OXT  O  N N 80  
CYS H    H  N N 81  
CYS H2   H  N N 82  
CYS HA   H  N N 83  
CYS HB2  H  N N 84  
CYS HB3  H  N N 85  
CYS HG   H  N N 86  
CYS HXT  H  N N 87  
DMS S    S  N N 88  
DMS O    O  N N 89  
DMS C1   C  N N 90  
DMS C2   C  N N 91  
DMS H11  H  N N 92  
DMS H12  H  N N 93  
DMS H13  H  N N 94  
DMS H21  H  N N 95  
DMS H22  H  N N 96  
DMS H23  H  N N 97  
GLN N    N  N N 98  
GLN CA   C  N S 99  
GLN C    C  N N 100 
GLN O    O  N N 101 
GLN CB   C  N N 102 
GLN CG   C  N N 103 
GLN CD   C  N N 104 
GLN OE1  O  N N 105 
GLN NE2  N  N N 106 
GLN OXT  O  N N 107 
GLN H    H  N N 108 
GLN H2   H  N N 109 
GLN HA   H  N N 110 
GLN HB2  H  N N 111 
GLN HB3  H  N N 112 
GLN HG2  H  N N 113 
GLN HG3  H  N N 114 
GLN HE21 H  N N 115 
GLN HE22 H  N N 116 
GLN HXT  H  N N 117 
GLU N    N  N N 118 
GLU CA   C  N S 119 
GLU C    C  N N 120 
GLU O    O  N N 121 
GLU CB   C  N N 122 
GLU CG   C  N N 123 
GLU CD   C  N N 124 
GLU OE1  O  N N 125 
GLU OE2  O  N N 126 
GLU OXT  O  N N 127 
GLU H    H  N N 128 
GLU H2   H  N N 129 
GLU HA   H  N N 130 
GLU HB2  H  N N 131 
GLU HB3  H  N N 132 
GLU HG2  H  N N 133 
GLU HG3  H  N N 134 
GLU HE2  H  N N 135 
GLU HXT  H  N N 136 
GLY N    N  N N 137 
GLY CA   C  N N 138 
GLY C    C  N N 139 
GLY O    O  N N 140 
GLY OXT  O  N N 141 
GLY H    H  N N 142 
GLY H2   H  N N 143 
GLY HA2  H  N N 144 
GLY HA3  H  N N 145 
GLY HXT  H  N N 146 
HIS N    N  N N 147 
HIS CA   C  N S 148 
HIS C    C  N N 149 
HIS O    O  N N 150 
HIS CB   C  N N 151 
HIS CG   C  Y N 152 
HIS ND1  N  Y N 153 
HIS CD2  C  Y N 154 
HIS CE1  C  Y N 155 
HIS NE2  N  Y N 156 
HIS OXT  O  N N 157 
HIS H    H  N N 158 
HIS H2   H  N N 159 
HIS HA   H  N N 160 
HIS HB2  H  N N 161 
HIS HB3  H  N N 162 
HIS HD1  H  N N 163 
HIS HD2  H  N N 164 
HIS HE1  H  N N 165 
HIS HE2  H  N N 166 
HIS HXT  H  N N 167 
HOH O    O  N N 168 
HOH H1   H  N N 169 
HOH H2   H  N N 170 
ILE N    N  N N 171 
ILE CA   C  N S 172 
ILE C    C  N N 173 
ILE O    O  N N 174 
ILE CB   C  N S 175 
ILE CG1  C  N N 176 
ILE CG2  C  N N 177 
ILE CD1  C  N N 178 
ILE OXT  O  N N 179 
ILE H    H  N N 180 
ILE H2   H  N N 181 
ILE HA   H  N N 182 
ILE HB   H  N N 183 
ILE HG12 H  N N 184 
ILE HG13 H  N N 185 
ILE HG21 H  N N 186 
ILE HG22 H  N N 187 
ILE HG23 H  N N 188 
ILE HD11 H  N N 189 
ILE HD12 H  N N 190 
ILE HD13 H  N N 191 
ILE HXT  H  N N 192 
LEU N    N  N N 193 
LEU CA   C  N S 194 
LEU C    C  N N 195 
LEU O    O  N N 196 
LEU CB   C  N N 197 
LEU CG   C  N N 198 
LEU CD1  C  N N 199 
LEU CD2  C  N N 200 
LEU OXT  O  N N 201 
LEU H    H  N N 202 
LEU H2   H  N N 203 
LEU HA   H  N N 204 
LEU HB2  H  N N 205 
LEU HB3  H  N N 206 
LEU HG   H  N N 207 
LEU HD11 H  N N 208 
LEU HD12 H  N N 209 
LEU HD13 H  N N 210 
LEU HD21 H  N N 211 
LEU HD22 H  N N 212 
LEU HD23 H  N N 213 
LEU HXT  H  N N 214 
LYS N    N  N N 215 
LYS CA   C  N S 216 
LYS C    C  N N 217 
LYS O    O  N N 218 
LYS CB   C  N N 219 
LYS CG   C  N N 220 
LYS CD   C  N N 221 
LYS CE   C  N N 222 
LYS NZ   N  N N 223 
LYS OXT  O  N N 224 
LYS H    H  N N 225 
LYS H2   H  N N 226 
LYS HA   H  N N 227 
LYS HB2  H  N N 228 
LYS HB3  H  N N 229 
LYS HG2  H  N N 230 
LYS HG3  H  N N 231 
LYS HD2  H  N N 232 
LYS HD3  H  N N 233 
LYS HE2  H  N N 234 
LYS HE3  H  N N 235 
LYS HZ1  H  N N 236 
LYS HZ2  H  N N 237 
LYS HZ3  H  N N 238 
LYS HXT  H  N N 239 
MET N    N  N N 240 
MET CA   C  N S 241 
MET C    C  N N 242 
MET O    O  N N 243 
MET CB   C  N N 244 
MET CG   C  N N 245 
MET SD   S  N N 246 
MET CE   C  N N 247 
MET OXT  O  N N 248 
MET H    H  N N 249 
MET H2   H  N N 250 
MET HA   H  N N 251 
MET HB2  H  N N 252 
MET HB3  H  N N 253 
MET HG2  H  N N 254 
MET HG3  H  N N 255 
MET HE1  H  N N 256 
MET HE2  H  N N 257 
MET HE3  H  N N 258 
MET HXT  H  N N 259 
PHE N    N  N N 260 
PHE CA   C  N S 261 
PHE C    C  N N 262 
PHE O    O  N N 263 
PHE CB   C  N N 264 
PHE CG   C  Y N 265 
PHE CD1  C  Y N 266 
PHE CD2  C  Y N 267 
PHE CE1  C  Y N 268 
PHE CE2  C  Y N 269 
PHE CZ   C  Y N 270 
PHE OXT  O  N N 271 
PHE H    H  N N 272 
PHE H2   H  N N 273 
PHE HA   H  N N 274 
PHE HB2  H  N N 275 
PHE HB3  H  N N 276 
PHE HD1  H  N N 277 
PHE HD2  H  N N 278 
PHE HE1  H  N N 279 
PHE HE2  H  N N 280 
PHE HZ   H  N N 281 
PHE HXT  H  N N 282 
PRO N    N  N N 283 
PRO CA   C  N S 284 
PRO C    C  N N 285 
PRO O    O  N N 286 
PRO CB   C  N N 287 
PRO CG   C  N N 288 
PRO CD   C  N N 289 
PRO OXT  O  N N 290 
PRO H    H  N N 291 
PRO HA   H  N N 292 
PRO HB2  H  N N 293 
PRO HB3  H  N N 294 
PRO HG2  H  N N 295 
PRO HG3  H  N N 296 
PRO HD2  H  N N 297 
PRO HD3  H  N N 298 
PRO HXT  H  N N 299 
SER N    N  N N 300 
SER CA   C  N S 301 
SER C    C  N N 302 
SER O    O  N N 303 
SER CB   C  N N 304 
SER OG   O  N N 305 
SER OXT  O  N N 306 
SER H    H  N N 307 
SER H2   H  N N 308 
SER HA   H  N N 309 
SER HB2  H  N N 310 
SER HB3  H  N N 311 
SER HG   H  N N 312 
SER HXT  H  N N 313 
SO4 S    S  N N 314 
SO4 O1   O  N N 315 
SO4 O2   O  N N 316 
SO4 O3   O  N N 317 
SO4 O4   O  N N 318 
THR N    N  N N 319 
THR CA   C  N S 320 
THR C    C  N N 321 
THR O    O  N N 322 
THR CB   C  N R 323 
THR OG1  O  N N 324 
THR CG2  C  N N 325 
THR OXT  O  N N 326 
THR H    H  N N 327 
THR H2   H  N N 328 
THR HA   H  N N 329 
THR HB   H  N N 330 
THR HG1  H  N N 331 
THR HG21 H  N N 332 
THR HG22 H  N N 333 
THR HG23 H  N N 334 
THR HXT  H  N N 335 
TRP N    N  N N 336 
TRP CA   C  N S 337 
TRP C    C  N N 338 
TRP O    O  N N 339 
TRP CB   C  N N 340 
TRP CG   C  Y N 341 
TRP CD1  C  Y N 342 
TRP CD2  C  Y N 343 
TRP NE1  N  Y N 344 
TRP CE2  C  Y N 345 
TRP CE3  C  Y N 346 
TRP CZ2  C  Y N 347 
TRP CZ3  C  Y N 348 
TRP CH2  C  Y N 349 
TRP OXT  O  N N 350 
TRP H    H  N N 351 
TRP H2   H  N N 352 
TRP HA   H  N N 353 
TRP HB2  H  N N 354 
TRP HB3  H  N N 355 
TRP HD1  H  N N 356 
TRP HE1  H  N N 357 
TRP HE3  H  N N 358 
TRP HZ2  H  N N 359 
TRP HZ3  H  N N 360 
TRP HH2  H  N N 361 
TRP HXT  H  N N 362 
TYR N    N  N N 363 
TYR CA   C  N S 364 
TYR C    C  N N 365 
TYR O    O  N N 366 
TYR CB   C  N N 367 
TYR CG   C  Y N 368 
TYR CD1  C  Y N 369 
TYR CD2  C  Y N 370 
TYR CE1  C  Y N 371 
TYR CE2  C  Y N 372 
TYR CZ   C  Y N 373 
TYR OH   O  N N 374 
TYR OXT  O  N N 375 
TYR H    H  N N 376 
TYR H2   H  N N 377 
TYR HA   H  N N 378 
TYR HB2  H  N N 379 
TYR HB3  H  N N 380 
TYR HD1  H  N N 381 
TYR HD2  H  N N 382 
TYR HE1  H  N N 383 
TYR HE2  H  N N 384 
TYR HH   H  N N 385 
TYR HXT  H  N N 386 
VAL N    N  N N 387 
VAL CA   C  N S 388 
VAL C    C  N N 389 
VAL O    O  N N 390 
VAL CB   C  N N 391 
VAL CG1  C  N N 392 
VAL CG2  C  N N 393 
VAL OXT  O  N N 394 
VAL H    H  N N 395 
VAL H2   H  N N 396 
VAL HA   H  N N 397 
VAL HB   H  N N 398 
VAL HG11 H  N N 399 
VAL HG12 H  N N 400 
VAL HG13 H  N N 401 
VAL HG21 H  N N 402 
VAL HG22 H  N N 403 
VAL HG23 H  N N 404 
VAL HXT  H  N N 405 
Z0I C10  C  Y N 406 
Z0I N12  N  Y N 407 
Z0I C13  C  Y N 408 
Z0I C01  C  N N 409 
Z0I C02  C  N N 410 
Z0I O03  O  N N 411 
Z0I N04  N  N N 412 
Z0I C05  C  Y N 413 
Z0I C06  C  Y N 414 
Z0I C07  C  Y N 415 
Z0I C08  C  Y N 416 
Z0I C09  C  Y N 417 
Z0I C11  C  Y N 418 
Z0I H1   H  N N 419 
Z0I H2   H  N N 420 
Z0I H3   H  N N 421 
Z0I H4   H  N N 422 
Z0I H5   H  N N 423 
Z0I H6   H  N N 424 
Z0I H7   H  N N 425 
Z0I H8   H  N N 426 
Z0I H9   H  N N 427 
Z0I H10  H  N N 428 
ZN  ZN   ZN N N 429 
# 
loop_
_chem_comp_bond.comp_id 
_chem_comp_bond.atom_id_1 
_chem_comp_bond.atom_id_2 
_chem_comp_bond.value_order 
_chem_comp_bond.pdbx_aromatic_flag 
_chem_comp_bond.pdbx_stereo_config 
_chem_comp_bond.pdbx_ordinal 
ALA N   CA   sing N N 1   
ALA N   H    sing N N 2   
ALA N   H2   sing N N 3   
ALA CA  C    sing N N 4   
ALA CA  CB   sing N N 5   
ALA CA  HA   sing N N 6   
ALA C   O    doub N N 7   
ALA C   OXT  sing N N 8   
ALA CB  HB1  sing N N 9   
ALA CB  HB2  sing N N 10  
ALA CB  HB3  sing N N 11  
ALA OXT HXT  sing N N 12  
ARG N   CA   sing N N 13  
ARG N   H    sing N N 14  
ARG N   H2   sing N N 15  
ARG CA  C    sing N N 16  
ARG CA  CB   sing N N 17  
ARG CA  HA   sing N N 18  
ARG C   O    doub N N 19  
ARG C   OXT  sing N N 20  
ARG CB  CG   sing N N 21  
ARG CB  HB2  sing N N 22  
ARG CB  HB3  sing N N 23  
ARG CG  CD   sing N N 24  
ARG CG  HG2  sing N N 25  
ARG CG  HG3  sing N N 26  
ARG CD  NE   sing N N 27  
ARG CD  HD2  sing N N 28  
ARG CD  HD3  sing N N 29  
ARG NE  CZ   sing N N 30  
ARG NE  HE   sing N N 31  
ARG CZ  NH1  sing N N 32  
ARG CZ  NH2  doub N N 33  
ARG NH1 HH11 sing N N 34  
ARG NH1 HH12 sing N N 35  
ARG NH2 HH21 sing N N 36  
ARG NH2 HH22 sing N N 37  
ARG OXT HXT  sing N N 38  
ASN N   CA   sing N N 39  
ASN N   H    sing N N 40  
ASN N   H2   sing N N 41  
ASN CA  C    sing N N 42  
ASN CA  CB   sing N N 43  
ASN CA  HA   sing N N 44  
ASN C   O    doub N N 45  
ASN C   OXT  sing N N 46  
ASN CB  CG   sing N N 47  
ASN CB  HB2  sing N N 48  
ASN CB  HB3  sing N N 49  
ASN CG  OD1  doub N N 50  
ASN CG  ND2  sing N N 51  
ASN ND2 HD21 sing N N 52  
ASN ND2 HD22 sing N N 53  
ASN OXT HXT  sing N N 54  
ASP N   CA   sing N N 55  
ASP N   H    sing N N 56  
ASP N   H2   sing N N 57  
ASP CA  C    sing N N 58  
ASP CA  CB   sing N N 59  
ASP CA  HA   sing N N 60  
ASP C   O    doub N N 61  
ASP C   OXT  sing N N 62  
ASP CB  CG   sing N N 63  
ASP CB  HB2  sing N N 64  
ASP CB  HB3  sing N N 65  
ASP CG  OD1  doub N N 66  
ASP CG  OD2  sing N N 67  
ASP OD2 HD2  sing N N 68  
ASP OXT HXT  sing N N 69  
CYS N   CA   sing N N 70  
CYS N   H    sing N N 71  
CYS N   H2   sing N N 72  
CYS CA  C    sing N N 73  
CYS CA  CB   sing N N 74  
CYS CA  HA   sing N N 75  
CYS C   O    doub N N 76  
CYS C   OXT  sing N N 77  
CYS CB  SG   sing N N 78  
CYS CB  HB2  sing N N 79  
CYS CB  HB3  sing N N 80  
CYS SG  HG   sing N N 81  
CYS OXT HXT  sing N N 82  
DMS S   O    doub N N 83  
DMS S   C1   sing N N 84  
DMS S   C2   sing N N 85  
DMS C1  H11  sing N N 86  
DMS C1  H12  sing N N 87  
DMS C1  H13  sing N N 88  
DMS C2  H21  sing N N 89  
DMS C2  H22  sing N N 90  
DMS C2  H23  sing N N 91  
GLN N   CA   sing N N 92  
GLN N   H    sing N N 93  
GLN N   H2   sing N N 94  
GLN CA  C    sing N N 95  
GLN CA  CB   sing N N 96  
GLN CA  HA   sing N N 97  
GLN C   O    doub N N 98  
GLN C   OXT  sing N N 99  
GLN CB  CG   sing N N 100 
GLN CB  HB2  sing N N 101 
GLN CB  HB3  sing N N 102 
GLN CG  CD   sing N N 103 
GLN CG  HG2  sing N N 104 
GLN CG  HG3  sing N N 105 
GLN CD  OE1  doub N N 106 
GLN CD  NE2  sing N N 107 
GLN NE2 HE21 sing N N 108 
GLN NE2 HE22 sing N N 109 
GLN OXT HXT  sing N N 110 
GLU N   CA   sing N N 111 
GLU N   H    sing N N 112 
GLU N   H2   sing N N 113 
GLU CA  C    sing N N 114 
GLU CA  CB   sing N N 115 
GLU CA  HA   sing N N 116 
GLU C   O    doub N N 117 
GLU C   OXT  sing N N 118 
GLU CB  CG   sing N N 119 
GLU CB  HB2  sing N N 120 
GLU CB  HB3  sing N N 121 
GLU CG  CD   sing N N 122 
GLU CG  HG2  sing N N 123 
GLU CG  HG3  sing N N 124 
GLU CD  OE1  doub N N 125 
GLU CD  OE2  sing N N 126 
GLU OE2 HE2  sing N N 127 
GLU OXT HXT  sing N N 128 
GLY N   CA   sing N N 129 
GLY N   H    sing N N 130 
GLY N   H2   sing N N 131 
GLY CA  C    sing N N 132 
GLY CA  HA2  sing N N 133 
GLY CA  HA3  sing N N 134 
GLY C   O    doub N N 135 
GLY C   OXT  sing N N 136 
GLY OXT HXT  sing N N 137 
HIS N   CA   sing N N 138 
HIS N   H    sing N N 139 
HIS N   H2   sing N N 140 
HIS CA  C    sing N N 141 
HIS CA  CB   sing N N 142 
HIS CA  HA   sing N N 143 
HIS C   O    doub N N 144 
HIS C   OXT  sing N N 145 
HIS CB  CG   sing N N 146 
HIS CB  HB2  sing N N 147 
HIS CB  HB3  sing N N 148 
HIS CG  ND1  sing Y N 149 
HIS CG  CD2  doub Y N 150 
HIS ND1 CE1  doub Y N 151 
HIS ND1 HD1  sing N N 152 
HIS CD2 NE2  sing Y N 153 
HIS CD2 HD2  sing N N 154 
HIS CE1 NE2  sing Y N 155 
HIS CE1 HE1  sing N N 156 
HIS NE2 HE2  sing N N 157 
HIS OXT HXT  sing N N 158 
HOH O   H1   sing N N 159 
HOH O   H2   sing N N 160 
ILE N   CA   sing N N 161 
ILE N   H    sing N N 162 
ILE N   H2   sing N N 163 
ILE CA  C    sing N N 164 
ILE CA  CB   sing N N 165 
ILE CA  HA   sing N N 166 
ILE C   O    doub N N 167 
ILE C   OXT  sing N N 168 
ILE CB  CG1  sing N N 169 
ILE CB  CG2  sing N N 170 
ILE CB  HB   sing N N 171 
ILE CG1 CD1  sing N N 172 
ILE CG1 HG12 sing N N 173 
ILE CG1 HG13 sing N N 174 
ILE CG2 HG21 sing N N 175 
ILE CG2 HG22 sing N N 176 
ILE CG2 HG23 sing N N 177 
ILE CD1 HD11 sing N N 178 
ILE CD1 HD12 sing N N 179 
ILE CD1 HD13 sing N N 180 
ILE OXT HXT  sing N N 181 
LEU N   CA   sing N N 182 
LEU N   H    sing N N 183 
LEU N   H2   sing N N 184 
LEU CA  C    sing N N 185 
LEU CA  CB   sing N N 186 
LEU CA  HA   sing N N 187 
LEU C   O    doub N N 188 
LEU C   OXT  sing N N 189 
LEU CB  CG   sing N N 190 
LEU CB  HB2  sing N N 191 
LEU CB  HB3  sing N N 192 
LEU CG  CD1  sing N N 193 
LEU CG  CD2  sing N N 194 
LEU CG  HG   sing N N 195 
LEU CD1 HD11 sing N N 196 
LEU CD1 HD12 sing N N 197 
LEU CD1 HD13 sing N N 198 
LEU CD2 HD21 sing N N 199 
LEU CD2 HD22 sing N N 200 
LEU CD2 HD23 sing N N 201 
LEU OXT HXT  sing N N 202 
LYS N   CA   sing N N 203 
LYS N   H    sing N N 204 
LYS N   H2   sing N N 205 
LYS CA  C    sing N N 206 
LYS CA  CB   sing N N 207 
LYS CA  HA   sing N N 208 
LYS C   O    doub N N 209 
LYS C   OXT  sing N N 210 
LYS CB  CG   sing N N 211 
LYS CB  HB2  sing N N 212 
LYS CB  HB3  sing N N 213 
LYS CG  CD   sing N N 214 
LYS CG  HG2  sing N N 215 
LYS CG  HG3  sing N N 216 
LYS CD  CE   sing N N 217 
LYS CD  HD2  sing N N 218 
LYS CD  HD3  sing N N 219 
LYS CE  NZ   sing N N 220 
LYS CE  HE2  sing N N 221 
LYS CE  HE3  sing N N 222 
LYS NZ  HZ1  sing N N 223 
LYS NZ  HZ2  sing N N 224 
LYS NZ  HZ3  sing N N 225 
LYS OXT HXT  sing N N 226 
MET N   CA   sing N N 227 
MET N   H    sing N N 228 
MET N   H2   sing N N 229 
MET CA  C    sing N N 230 
MET CA  CB   sing N N 231 
MET CA  HA   sing N N 232 
MET C   O    doub N N 233 
MET C   OXT  sing N N 234 
MET CB  CG   sing N N 235 
MET CB  HB2  sing N N 236 
MET CB  HB3  sing N N 237 
MET CG  SD   sing N N 238 
MET CG  HG2  sing N N 239 
MET CG  HG3  sing N N 240 
MET SD  CE   sing N N 241 
MET CE  HE1  sing N N 242 
MET CE  HE2  sing N N 243 
MET CE  HE3  sing N N 244 
MET OXT HXT  sing N N 245 
PHE N   CA   sing N N 246 
PHE N   H    sing N N 247 
PHE N   H2   sing N N 248 
PHE CA  C    sing N N 249 
PHE CA  CB   sing N N 250 
PHE CA  HA   sing N N 251 
PHE C   O    doub N N 252 
PHE C   OXT  sing N N 253 
PHE CB  CG   sing N N 254 
PHE CB  HB2  sing N N 255 
PHE CB  HB3  sing N N 256 
PHE CG  CD1  doub Y N 257 
PHE CG  CD2  sing Y N 258 
PHE CD1 CE1  sing Y N 259 
PHE CD1 HD1  sing N N 260 
PHE CD2 CE2  doub Y N 261 
PHE CD2 HD2  sing N N 262 
PHE CE1 CZ   doub Y N 263 
PHE CE1 HE1  sing N N 264 
PHE CE2 CZ   sing Y N 265 
PHE CE2 HE2  sing N N 266 
PHE CZ  HZ   sing N N 267 
PHE OXT HXT  sing N N 268 
PRO N   CA   sing N N 269 
PRO N   CD   sing N N 270 
PRO N   H    sing N N 271 
PRO CA  C    sing N N 272 
PRO CA  CB   sing N N 273 
PRO CA  HA   sing N N 274 
PRO C   O    doub N N 275 
PRO C   OXT  sing N N 276 
PRO CB  CG   sing N N 277 
PRO CB  HB2  sing N N 278 
PRO CB  HB3  sing N N 279 
PRO CG  CD   sing N N 280 
PRO CG  HG2  sing N N 281 
PRO CG  HG3  sing N N 282 
PRO CD  HD2  sing N N 283 
PRO CD  HD3  sing N N 284 
PRO OXT HXT  sing N N 285 
SER N   CA   sing N N 286 
SER N   H    sing N N 287 
SER N   H2   sing N N 288 
SER CA  C    sing N N 289 
SER CA  CB   sing N N 290 
SER CA  HA   sing N N 291 
SER C   O    doub N N 292 
SER C   OXT  sing N N 293 
SER CB  OG   sing N N 294 
SER CB  HB2  sing N N 295 
SER CB  HB3  sing N N 296 
SER OG  HG   sing N N 297 
SER OXT HXT  sing N N 298 
SO4 S   O1   doub N N 299 
SO4 S   O2   doub N N 300 
SO4 S   O3   sing N N 301 
SO4 S   O4   sing N N 302 
THR N   CA   sing N N 303 
THR N   H    sing N N 304 
THR N   H2   sing N N 305 
THR CA  C    sing N N 306 
THR CA  CB   sing N N 307 
THR CA  HA   sing N N 308 
THR C   O    doub N N 309 
THR C   OXT  sing N N 310 
THR CB  OG1  sing N N 311 
THR CB  CG2  sing N N 312 
THR CB  HB   sing N N 313 
THR OG1 HG1  sing N N 314 
THR CG2 HG21 sing N N 315 
THR CG2 HG22 sing N N 316 
THR CG2 HG23 sing N N 317 
THR OXT HXT  sing N N 318 
TRP N   CA   sing N N 319 
TRP N   H    sing N N 320 
TRP N   H2   sing N N 321 
TRP CA  C    sing N N 322 
TRP CA  CB   sing N N 323 
TRP CA  HA   sing N N 324 
TRP C   O    doub N N 325 
TRP C   OXT  sing N N 326 
TRP CB  CG   sing N N 327 
TRP CB  HB2  sing N N 328 
TRP CB  HB3  sing N N 329 
TRP CG  CD1  doub Y N 330 
TRP CG  CD2  sing Y N 331 
TRP CD1 NE1  sing Y N 332 
TRP CD1 HD1  sing N N 333 
TRP CD2 CE2  doub Y N 334 
TRP CD2 CE3  sing Y N 335 
TRP NE1 CE2  sing Y N 336 
TRP NE1 HE1  sing N N 337 
TRP CE2 CZ2  sing Y N 338 
TRP CE3 CZ3  doub Y N 339 
TRP CE3 HE3  sing N N 340 
TRP CZ2 CH2  doub Y N 341 
TRP CZ2 HZ2  sing N N 342 
TRP CZ3 CH2  sing Y N 343 
TRP CZ3 HZ3  sing N N 344 
TRP CH2 HH2  sing N N 345 
TRP OXT HXT  sing N N 346 
TYR N   CA   sing N N 347 
TYR N   H    sing N N 348 
TYR N   H2   sing N N 349 
TYR CA  C    sing N N 350 
TYR CA  CB   sing N N 351 
TYR CA  HA   sing N N 352 
TYR C   O    doub N N 353 
TYR C   OXT  sing N N 354 
TYR CB  CG   sing N N 355 
TYR CB  HB2  sing N N 356 
TYR CB  HB3  sing N N 357 
TYR CG  CD1  doub Y N 358 
TYR CG  CD2  sing Y N 359 
TYR CD1 CE1  sing Y N 360 
TYR CD1 HD1  sing N N 361 
TYR CD2 CE2  doub Y N 362 
TYR CD2 HD2  sing N N 363 
TYR CE1 CZ   doub Y N 364 
TYR CE1 HE1  sing N N 365 
TYR CE2 CZ   sing Y N 366 
TYR CE2 HE2  sing N N 367 
TYR CZ  OH   sing N N 368 
TYR OH  HH   sing N N 369 
TYR OXT HXT  sing N N 370 
VAL N   CA   sing N N 371 
VAL N   H    sing N N 372 
VAL N   H2   sing N N 373 
VAL CA  C    sing N N 374 
VAL CA  CB   sing N N 375 
VAL CA  HA   sing N N 376 
VAL C   O    doub N N 377 
VAL C   OXT  sing N N 378 
VAL CB  CG1  sing N N 379 
VAL CB  CG2  sing N N 380 
VAL CB  HB   sing N N 381 
VAL CG1 HG11 sing N N 382 
VAL CG1 HG12 sing N N 383 
VAL CG1 HG13 sing N N 384 
VAL CG2 HG21 sing N N 385 
VAL CG2 HG22 sing N N 386 
VAL CG2 HG23 sing N N 387 
VAL OXT HXT  sing N N 388 
Z0I C11 C10  doub Y N 389 
Z0I C11 N12  sing Y N 390 
Z0I C10 C09  sing Y N 391 
Z0I N12 C13  sing Y N 392 
Z0I C09 C13  doub Y N 393 
Z0I C09 C08  sing Y N 394 
Z0I C13 C05  sing Y N 395 
Z0I C08 C07  doub Y N 396 
Z0I C05 N04  sing N N 397 
Z0I C05 C06  doub Y N 398 
Z0I C07 C06  sing Y N 399 
Z0I N04 C02  sing N N 400 
Z0I C02 C01  sing N N 401 
Z0I C02 O03  doub N N 402 
Z0I C10 H1   sing N N 403 
Z0I N12 H2   sing N N 404 
Z0I C01 H3   sing N N 405 
Z0I C01 H4   sing N N 406 
Z0I C01 H5   sing N N 407 
Z0I N04 H6   sing N N 408 
Z0I C06 H7   sing N N 409 
Z0I C07 H8   sing N N 410 
Z0I C08 H9   sing N N 411 
Z0I C11 H10  sing N N 412 
# 
_pdbx_audit_support.funding_organization   
'National Institutes of Health/National Institute Of Allergy and Infectious Diseases (NIH/NIAID)' 
_pdbx_audit_support.country                'United States' 
_pdbx_audit_support.grant_number           U19AI171399 
_pdbx_audit_support.ordinal                1 
# 
_pdbx_deposit_group.group_id            G_1002288 
_pdbx_deposit_group.group_description   'Crystallographic fragment screening of Coxsackievirus A16 (G-10) 2A protease' 
_pdbx_deposit_group.group_title         
'Group deposition for crystallographic fragment screening of Coxsackievirus A16 (G-10) 2A protease' 
_pdbx_deposit_group.group_type          'changed state' 
# 
_atom_sites.entry_id                    7H44 
_atom_sites.fract_transf_matrix[1][1]   0.00400049 
_atom_sites.fract_transf_matrix[1][2]   -0.00864907 
_atom_sites.fract_transf_matrix[1][3]   -0.00607332 
_atom_sites.fract_transf_matrix[2][1]   -0.01053004 
_atom_sites.fract_transf_matrix[2][2]   0.00436606 
_atom_sites.fract_transf_matrix[2][3]   -0.01315388 
_atom_sites.fract_transf_matrix[3][1]   0.02213270 
_atom_sites.fract_transf_matrix[3][2]   0.01790651 
_atom_sites.fract_transf_matrix[3][3]   -0.01177426 
_atom_sites.fract_transf_vector[1]      0.179267 
_atom_sites.fract_transf_vector[2]      0.125662 
_atom_sites.fract_transf_vector[3]      0.405121 
# 
loop_
_atom_type.symbol 
C  
N  
O  
S  
ZN 
# 
loop_
_atom_site.group_PDB 
_atom_site.id 
_atom_site.type_symbol 
_atom_site.label_atom_id 
_atom_site.label_alt_id 
_atom_site.label_comp_id 
_atom_site.label_asym_id 
_atom_site.label_entity_id 
_atom_site.label_seq_id 
_atom_site.pdbx_PDB_ins_code 
_atom_site.Cartn_x 
_atom_site.Cartn_y 
_atom_site.Cartn_z 
_atom_site.occupancy 
_atom_site.B_iso_or_equiv 
_atom_site.pdbx_formal_charge 
_atom_site.auth_seq_id 
_atom_site.auth_comp_id 
_atom_site.auth_asym_id 
_atom_site.auth_atom_id 
_atom_site.pdbx_PDB_model_num 
ATOM   1    N  N   . SER A 1 7   ? 8.980   2.365   -5.729  1.00 18.31  ? 7   SER A N   1 
ATOM   2    C  CA  . SER A 1 7   ? 8.657   0.977   -6.060  1.00 19.33  ? 7   SER A CA  1 
ATOM   3    C  C   . SER A 1 7   ? 8.546   0.160   -4.776  1.00 16.77  ? 7   SER A C   1 
ATOM   4    O  O   . SER A 1 7   ? 9.091   0.571   -3.740  1.00 17.79  ? 7   SER A O   1 
ATOM   5    C  CB  . SER A 1 7   ? 9.719   0.421   -6.979  1.00 23.29  ? 7   SER A CB  1 
ATOM   6    O  OG  . SER A 1 7   ? 10.975  0.517   -6.360  1.00 27.76  ? 7   SER A OG  1 
ATOM   7    N  N   . GLY A 1 8   ? 7.931   -1.019  -4.881  1.00 16.85  ? 8   GLY A N   1 
ATOM   8    C  CA  . GLY A 1 8   ? 7.871   -1.973  -3.782  1.00 14.59  ? 8   GLY A CA  1 
ATOM   9    C  C   . GLY A 1 8   ? 6.618   -2.807  -3.850  1.00 14.35  ? 8   GLY A C   1 
ATOM   10   O  O   . GLY A 1 8   ? 5.621   -2.427  -4.448  1.00 17.21  ? 8   GLY A O   1 
ATOM   11   N  N   . ALA A 1 9   ? 6.704   -3.990  -3.265  1.00 14.17  ? 9   ALA A N   1 
ATOM   12   C  CA  . ALA A 1 9   ? 5.631   -4.999  -3.316  1.00 13.82  ? 9   ALA A CA  1 
ATOM   13   C  C   . ALA A 1 9   ? 5.563   -5.676  -1.953  1.00 13.85  ? 9   ALA A C   1 
ATOM   14   O  O   . ALA A 1 9   ? 6.592   -5.806  -1.257  1.00 15.04  ? 9   ALA A O   1 
ATOM   15   C  CB  . ALA A 1 9   ? 5.857   -6.012  -4.395  1.00 14.95  ? 9   ALA A CB  1 
ATOM   16   N  N   . ILE A 1 10  ? 4.447   -6.345  -1.725  1.00 13.88  ? 10  ILE A N   1 
ATOM   17   C  CA  . ILE A 1 10  ? 4.277   -7.299  -0.591  1.00 13.65  ? 10  ILE A CA  1 
ATOM   18   C  C   . ILE A 1 10  ? 4.207   -8.697  -1.178  1.00 15.49  ? 10  ILE A C   1 
ATOM   19   O  O   . ILE A 1 10  ? 3.387   -8.915  -2.103  1.00 15.18  ? 10  ILE A O   1 
ATOM   20   C  CB  . ILE A 1 10  ? 3.000   -6.994  0.215   1.00 12.79  ? 10  ILE A CB  1 
ATOM   21   C  CG1 . ILE A 1 10  ? 2.919   -5.546  0.674   1.00 13.01  ? 10  ILE A CG1 1 
ATOM   22   C  CG2 . ILE A 1 10  ? 2.873   -7.949  1.395   1.00 13.68  ? 10  ILE A CG2 1 
ATOM   23   C  CD1 . ILE A 1 10  ? 1.493   -5.093  1.024   1.00 15.25  ? 10  ILE A CD1 1 
ATOM   24   N  N   . TYR A 1 11  ? 4.935   -9.646  -0.600  1.00 15.94  ? 11  TYR A N   1 
ATOM   25   C  CA  . TYR A 1 11  ? 4.950   -11.043 -1.046  1.00 16.39  ? 11  TYR A CA  1 
ATOM   26   C  C   . TYR A 1 11  ? 4.402   -11.900 0.093   1.00 16.58  ? 11  TYR A C   1 
ATOM   27   O  O   . TYR A 1 11  ? 5.176   -12.168 1.013   1.00 17.49  ? 11  TYR A O   1 
ATOM   28   C  CB  . TYR A 1 11  ? 6.357   -11.490 -1.501  1.00 16.67  ? 11  TYR A CB  1 
ATOM   29   C  CG  . TYR A 1 11  ? 6.852   -10.711 -2.690  1.00 17.75  ? 11  TYR A CG  1 
ATOM   30   C  CD1 . TYR A 1 11  ? 6.396   -11.014 -3.957  1.00 17.34  ? 11  TYR A CD1 1 
ATOM   31   C  CD2 . TYR A 1 11  ? 7.666   -9.599  -2.549  1.00 19.90  ? 11  TYR A CD2 1 
ATOM   32   C  CE1 . TYR A 1 11  ? 6.762   -10.266 -5.067  1.00 17.76  ? 11  TYR A CE1 1 
ATOM   33   C  CE2 . TYR A 1 11  ? 8.047   -8.848  -3.652  1.00 20.05  ? 11  TYR A CE2 1 
ATOM   34   C  CZ  . TYR A 1 11  ? 7.633   -9.197  -4.928  1.00 19.43  ? 11  TYR A CZ  1 
ATOM   35   O  OH  . TYR A 1 11  ? 7.996   -8.398  -6.010  1.00 21.82  ? 11  TYR A OH  1 
ATOM   36   N  N   . VAL A 1 12  ? 3.147   -12.362 0.004   1.00 16.78  ? 12  VAL A N   1 
ATOM   37   C  CA  . VAL A 1 12  ? 2.467   -13.185 1.041   1.00 17.74  ? 12  VAL A CA  1 
ATOM   38   C  C   . VAL A 1 12  ? 1.922   -14.419 0.314   1.00 18.16  ? 12  VAL A C   1 
ATOM   39   O  O   . VAL A 1 12  ? 1.231   -14.283 -0.740  1.00 17.72  ? 12  VAL A O   1 
ATOM   40   C  CB  . VAL A 1 12  ? 1.404   -12.396 1.827   1.00 18.59  ? 12  VAL A CB  1 
ATOM   41   C  CG1 . VAL A 1 12  ? 0.359   -11.693 0.957   1.00 19.29  ? 12  VAL A CG1 1 
ATOM   42   C  CG2 . VAL A 1 12  ? 0.744   -13.277 2.852   1.00 17.96  ? 12  VAL A CG2 1 
ATOM   43   N  N   . GLY A 1 13  ? 2.184   -15.611 0.841   1.00 20.55  ? 13  GLY A N   1 
ATOM   44   C  CA  . GLY A 1 13  ? 1.808   -16.844 0.131   1.00 17.32  ? 13  GLY A CA  1 
ATOM   45   C  C   . GLY A 1 13  ? 2.197   -16.763 -1.342  1.00 15.78  ? 13  GLY A C   1 
ATOM   46   O  O   . GLY A 1 13  ? 3.342   -16.497 -1.627  1.00 17.62  ? 13  GLY A O   1 
ATOM   47   N  N   . ASN A 1 14  ? 1.251   -17.031 -2.236  1.00 18.50  ? 14  ASN A N   1 
ATOM   48   C  CA  . ASN A 1 14  ? 1.518   -16.990 -3.688  1.00 18.41  ? 14  ASN A CA  1 
ATOM   49   C  C   . ASN A 1 14  ? 0.870   -15.747 -4.268  1.00 17.55  ? 14  ASN A C   1 
ATOM   50   O  O   . ASN A 1 14  ? 0.282   -15.828 -5.381  1.00 17.24  ? 14  ASN A O   1 
ATOM   51   C  CB  . ASN A 1 14  ? 1.008   -18.242 -4.391  1.00 20.69  ? 14  ASN A CB  1 
ATOM   52   C  CG  . ASN A 1 14  ? 1.868   -19.444 -4.065  1.00 25.58  ? 14  ASN A CG  1 
ATOM   53   O  OD1 . ASN A 1 14  ? 2.986   -19.606 -4.578  1.00 27.69  ? 14  ASN A OD1 1 
ATOM   54   N  ND2 . ASN A 1 14  ? 1.324   -20.307 -3.231  1.00 27.00  ? 14  ASN A ND2 1 
ATOM   55   N  N   . TYR A 1 15  ? 0.902   -14.643 -3.498  1.00 15.80  ? 15  TYR A N   1 
ATOM   56   C  CA  . TYR A 1 15  ? 0.418   -13.314 -3.962  1.00 15.17  ? 15  TYR A CA  1 
ATOM   57   C  C   . TYR A 1 15  ? 1.545   -12.294 -3.937  1.00 15.91  ? 15  TYR A C   1 
ATOM   58   O  O   . TYR A 1 15  ? 2.403   -12.284 -3.045  1.00 16.61  ? 15  TYR A O   1 
ATOM   59   C  CB  . TYR A 1 15  ? -0.764  -12.845 -3.122  1.00 15.62  ? 15  TYR A CB  1 
ATOM   60   C  CG  . TYR A 1 15  ? -1.973  -13.744 -3.113  1.00 17.55  ? 15  TYR A CG  1 
ATOM   61   C  CD1 . TYR A 1 15  ? -2.672  -13.960 -4.283  1.00 18.24  ? 15  TYR A CD1 1 
ATOM   62   C  CD2 . TYR A 1 15  ? -2.441  -14.351 -1.943  1.00 19.25  ? 15  TYR A CD2 1 
ATOM   63   C  CE1 . TYR A 1 15  ? -3.773  -14.803 -4.314  1.00 20.01  ? 15  TYR A CE1 1 
ATOM   64   C  CE2 . TYR A 1 15  ? -3.584  -15.137 -1.952  1.00 21.30  ? 15  TYR A CE2 1 
ATOM   65   C  CZ  . TYR A 1 15  ? -4.247  -15.371 -3.143  1.00 21.12  ? 15  TYR A CZ  1 
ATOM   66   O  OH  . TYR A 1 15  ? -5.372  -16.166 -3.198  1.00 24.55  ? 15  TYR A OH  1 
ATOM   67   N  N   . ARG A 1 16  ? 1.484   -11.412 -4.913  1.00 13.84  ? 16  ARG A N   1 
ATOM   68   C  CA  . ARG A 1 16  ? 2.264   -10.165 -4.991  1.00 14.06  ? 16  ARG A CA  1 
ATOM   69   C  C   . ARG A 1 16  ? 1.281   -8.993  -4.952  1.00 14.08  ? 16  ARG A C   1 
ATOM   70   O  O   . ARG A 1 16  ? 0.387   -8.904  -5.780  1.00 13.41  ? 16  ARG A O   1 
ATOM   71   C  CB  . ARG A 1 16  ? 3.091   -10.190 -6.269  1.00 14.65  ? 16  ARG A CB  1 
ATOM   72   C  CG  . ARG A 1 16  ? 3.662   -8.847  -6.680  1.00 13.76  ? 16  ARG A CG  1 
ATOM   73   C  CD  . ARG A 1 16  ? 4.588   -9.029  -7.878  1.00 15.94  ? 16  ARG A CD  1 
ATOM   74   N  NE  . ARG A 1 16  ? 4.583   -7.921  -8.821  1.00 16.17  ? 16  ARG A NE  1 
ATOM   75   C  CZ  . ARG A 1 16  ? 5.395   -6.886  -8.819  1.00 17.42  ? 16  ARG A CZ  1 
ATOM   76   N  NH1 . ARG A 1 16  ? 6.374   -6.826  -7.943  1.00 17.64  ? 16  ARG A NH1 1 
ATOM   77   N  NH2 . ARG A 1 16  ? 5.257   -5.915  -9.708  1.00 16.29  ? 16  ARG A NH2 1 
ATOM   78   N  N   . VAL A 1 17  ? 1.467   -8.059  -4.031  1.00 14.51  ? 17  VAL A N   1 
ATOM   79   C  CA  . VAL A 1 17  ? 0.592   -6.869  -3.837  1.00 12.95  ? 17  VAL A CA  1 
ATOM   80   C  C   . VAL A 1 17  ? 1.422   -5.655  -4.214  1.00 12.94  ? 17  VAL A C   1 
ATOM   81   O  O   . VAL A 1 17  ? 2.511   -5.462  -3.669  1.00 13.93  ? 17  VAL A O   1 
ATOM   82   C  CB  . VAL A 1 17  ? 0.078   -6.728  -2.398  1.00 14.14  ? 17  VAL A CB  1 
ATOM   83   C  CG1 . VAL A 1 17  ? -0.869  -5.533  -2.275  1.00 15.84  ? 17  VAL A CG1 1 
ATOM   84   C  CG2 . VAL A 1 17  ? -0.498  -8.062  -1.880  1.00 14.54  ? 17  VAL A CG2 1 
ATOM   85   N  N   . VAL A 1 18  ? 0.983   -4.928  -5.194  1.00 12.07  ? 18  VAL A N   1 
ATOM   86   C  CA  . VAL A 1 18  ? 1.706   -3.740  -5.734  1.00 13.68  ? 18  VAL A CA  1 
ATOM   87   C  C   . VAL A 1 18  ? 0.747   -2.584  -5.863  1.00 13.06  ? 18  VAL A C   1 
ATOM   88   O  O   . VAL A 1 18  ? -0.474  -2.764  -5.791  1.00 13.95  ? 18  VAL A O   1 
ATOM   89   C  CB  . VAL A 1 18  ? 2.385   -4.050  -7.067  1.00 15.46  ? 18  VAL A CB  1 
ATOM   90   C  CG1 . VAL A 1 18  ? 3.500   -5.067  -6.824  1.00 18.74  ? 18  VAL A CG1 1 
ATOM   91   C  CG2 . VAL A 1 18  ? 1.420   -4.529  -8.135  1.00 14.29  ? 18  VAL A CG2 1 
ATOM   92   N  N   . ASN A 1 19  ? 1.276   -1.379  -5.959  1.00 11.09  ? 19  ASN A N   1 
ATOM   93   C  CA  . ASN A 1 19  ? 0.448   -0.242  -6.409  1.00 12.91  ? 19  ASN A CA  1 
ATOM   94   C  C   . ASN A 1 19  ? -0.132  -0.602  -7.775  1.00 11.66  ? 19  ASN A C   1 
ATOM   95   O  O   . ASN A 1 19  ? 0.613   -0.960  -8.726  1.00 11.07  ? 19  ASN A O   1 
ATOM   96   C  CB  . ASN A 1 19  ? 1.252   1.044   -6.508  1.00 12.75  ? 19  ASN A CB  1 
ATOM   97   C  CG  . ASN A 1 19  ? 1.819   1.509   -5.181  1.00 12.28  ? 19  ASN A CG  1 
ATOM   98   O  OD1 . ASN A 1 19  ? 2.914   1.135   -4.760  1.00 13.85  ? 19  ASN A OD1 1 
ATOM   99   N  ND2 . ASN A 1 19  ? 1.040   2.309   -4.485  1.00 13.04  ? 19  ASN A ND2 1 
ATOM   100  N  N   . ARG A 1 20  ? -1.425  -0.445  -7.946  1.00 13.05  ? 20  ARG A N   1 
ATOM   101  C  CA  . ARG A 1 20  ? -2.045  -0.703  -9.262  1.00 12.99  ? 20  ARG A CA  1 
ATOM   102  C  C   . ARG A 1 20  ? -1.299  0.085   -10.333 1.00 13.34  ? 20  ARG A C   1 
ATOM   103  O  O   . ARG A 1 20  ? -1.093  -0.431  -11.431 1.00 13.50  ? 20  ARG A O   1 
ATOM   104  C  CB  . ARG A 1 20  ? -3.503  -0.291  -9.216  1.00 13.36  ? 20  ARG A CB  1 
ATOM   105  C  CG  . ARG A 1 20  ? -4.328  -0.736  -10.401 1.00 13.24  ? 20  ARG A CG  1 
ATOM   106  C  CD  . ARG A 1 20  ? -5.732  -0.252  -10.219 1.00 13.76  ? 20  ARG A CD  1 
ATOM   107  N  NE  . ARG A 1 20  ? -6.657  -0.679  -11.276 1.00 15.29  ? 20  ARG A NE  1 
ATOM   108  C  CZ  . ARG A 1 20  ? -6.798  -0.058  -12.451 1.00 17.26  ? 20  ARG A CZ  1 
ATOM   109  N  NH1 . ARG A 1 20  ? -6.027  0.944   -12.840 1.00 19.73  ? 20  ARG A NH1 1 
ATOM   110  N  NH2 . ARG A 1 20  ? -7.765  -0.443  -13.283 1.00 18.80  ? 20  ARG A NH2 1 
ATOM   111  N  N   . HIS A 1 21  ? -0.921  1.338   -10.051 1.00 11.99  ? 21  HIS A N   1 
ATOM   112  C  CA  . HIS A 1 21  ? -0.350  2.216   -11.107 1.00 12.94  ? 21  HIS A CA  1 
ATOM   113  C  C   . HIS A 1 21  ? 1.067   1.763   -11.468 1.00 14.50  ? 21  HIS A C   1 
ATOM   114  O  O   . HIS A 1 21  ? 1.558   2.216   -12.501 1.00 15.44  ? 21  HIS A O   1 
ATOM   115  C  CB  . HIS A 1 21  ? -0.460  3.699   -10.743 1.00 12.85  ? 21  HIS A CB  1 
ATOM   116  C  CG  . HIS A 1 21  ? 0.491   4.091   -9.684  1.00 13.14  ? 21  HIS A CG  1 
ATOM   117  N  ND1 . HIS A 1 21  ? 0.168   4.094   -8.318  1.00 12.52  ? 21  HIS A ND1 1 
ATOM   118  C  CD2 . HIS A 1 21  ? 1.728   4.639   -9.780  1.00 14.10  ? 21  HIS A CD2 1 
ATOM   119  C  CE1 . HIS A 1 21  ? 1.217   4.599   -7.650  1.00 13.31  ? 21  HIS A CE1 1 
ATOM   120  N  NE2 . HIS A 1 21  ? 2.165   4.933   -8.495  1.00 13.47  ? 21  HIS A NE2 1 
ATOM   121  N  N   . LEU A 1 22  ? 1.701   0.879   -10.694 1.00 13.46  ? 22  LEU A N   1 
ATOM   122  C  CA  . LEU A 1 22  ? 3.072   0.391   -11.021 1.00 13.80  ? 22  LEU A CA  1 
ATOM   123  C  C   . LEU A 1 22  ? 3.018   -1.084  -11.426 1.00 14.34  ? 22  LEU A C   1 
ATOM   124  O  O   . LEU A 1 22  ? 4.072   -1.693  -11.684 1.00 15.44  ? 22  LEU A O   1 
ATOM   125  C  CB  . LEU A 1 22  ? 3.943   0.588   -9.782  1.00 14.17  ? 22  LEU A CB  1 
ATOM   126  C  CG  . LEU A 1 22  ? 4.095   2.042   -9.332  1.00 14.72  ? 22  LEU A CG  1 
ATOM   127  C  CD1 . LEU A 1 22  ? 5.053   2.113   -8.180  1.00 15.13  ? 22  LEU A CD1 1 
ATOM   128  C  CD2 . LEU A 1 22  ? 4.562   2.903   -10.495 1.00 15.30  ? 22  LEU A CD2 1 
ATOM   129  N  N   . ALA A 1 23  ? 1.823   -1.662  -11.611 1.00 13.95  ? 23  ALA A N   1 
ATOM   130  C  CA  . ALA A 1 23  ? 1.737   -3.100  -11.979 1.00 15.86  ? 23  ALA A CA  1 
ATOM   131  C  C   . ALA A 1 23  ? 2.378   -3.311  -13.356 1.00 15.12  ? 23  ALA A C   1 
ATOM   132  O  O   . ALA A 1 23  ? 2.312   -2.390  -14.206 1.00 15.19  ? 23  ALA A O   1 
ATOM   133  C  CB  . ALA A 1 23  ? 0.303   -3.555  -11.917 1.00 16.24  ? 23  ALA A CB  1 
ATOM   134  N  N   . THR A 1 24  ? 2.972   -4.470  -13.595 1.00 14.92  ? 24  THR A N   1 
ATOM   135  C  CA  . THR A 1 24  ? 3.646   -4.796  -14.850 1.00 16.08  ? 24  THR A CA  1 
ATOM   136  C  C   . THR A 1 24  ? 2.707   -5.571  -15.787 1.00 15.43  ? 24  THR A C   1 
ATOM   137  O  O   . THR A 1 24  ? 1.615   -6.016  -15.380 1.00 15.18  ? 24  THR A O   1 
ATOM   138  C  CB  . THR A 1 24  ? 4.891   -5.634  -14.551 1.00 16.55  ? 24  THR A CB  1 
ATOM   139  O  OG1 . THR A 1 24  ? 4.396   -6.890  -14.079 1.00 16.09  ? 24  THR A OG1 1 
ATOM   140  C  CG2 . THR A 1 24  ? 5.842   -4.968  -13.574 1.00 18.50  ? 24  THR A CG2 1 
ATOM   141  N  N   . HIS A 1 25  ? 3.174   -5.814  -17.000 1.00 15.34  ? 25  HIS A N   1 
ATOM   142  C  CA  . HIS A 1 25  ? 2.479   -6.720  -17.949 1.00 19.10  ? 25  HIS A CA  1 
ATOM   143  C  C   . HIS A 1 25  ? 2.151   -8.047  -17.264 1.00 14.69  ? 25  HIS A C   1 
ATOM   144  O  O   . HIS A 1 25  ? 1.031   -8.537  -17.433 1.00 16.00  ? 25  HIS A O   1 
ATOM   145  C  CB  . HIS A 1 25  ? 3.342   -6.844  -19.229 1.00 25.24  ? 25  HIS A CB  1 
ATOM   146  C  CG  . HIS A 1 25  ? 3.328   -8.151  -19.961 1.00 38.38  ? 25  HIS A CG  1 
ATOM   147  N  ND1 . HIS A 1 25  ? 3.166   -8.204  -21.343 1.00 45.02  ? 25  HIS A ND1 1 
ATOM   148  C  CD2 . HIS A 1 25  ? 3.471   -9.440  -19.555 1.00 44.92  ? 25  HIS A CD2 1 
ATOM   149  C  CE1 . HIS A 1 25  ? 3.171   -9.467  -21.741 1.00 47.43  ? 25  HIS A CE1 1 
ATOM   150  N  NE2 . HIS A 1 25  ? 3.333   -10.245 -20.660 1.00 47.23  ? 25  HIS A NE2 1 
ATOM   151  N  N   . ASN A 1 26  ? 3.110   -8.614  -16.561 1.00 16.81  ? 26  ASN A N   1 
ATOM   152  C  CA  . ASN A 1 26  ? 2.967   -9.957  -15.947 1.00 17.71  ? 26  ASN A CA  1 
ATOM   153  C  C   . ASN A 1 26  ? 1.911   -9.874  -14.835 1.00 15.61  ? 26  ASN A C   1 
ATOM   154  O  O   . ASN A 1 26  ? 1.101   -10.802 -14.688 1.00 15.99  ? 26  ASN A O   1 
ATOM   155  C  CB  . ASN A 1 26  ? 4.281   -10.483 -15.347 1.00 20.57  ? 26  ASN A CB  1 
ATOM   156  C  CG  . ASN A 1 26  ? 4.110   -11.892 -14.801 1.00 28.25  ? 26  ASN A CG  1 
ATOM   157  O  OD1 . ASN A 1 26  ? 3.960   -12.857 -15.553 1.00 37.56  ? 26  ASN A OD1 1 
ATOM   158  N  ND2 . ASN A 1 26  ? 4.065   -12.044 -13.485 1.00 32.34  ? 26  ASN A ND2 1 
ATOM   159  N  N   . ASP A 1 27  ? 1.925   -8.777  -14.097 1.00 15.18  ? 27  ASP A N   1 
ATOM   160  C  CA  . ASP A 1 27  ? 0.946   -8.590  -12.999 1.00 14.49  ? 27  ASP A CA  1 
ATOM   161  C  C   . ASP A 1 27  ? -0.458  -8.605  -13.603 1.00 13.88  ? 27  ASP A C   1 
ATOM   162  O  O   . ASP A 1 27  ? -1.370  -9.271  -13.073 1.00 14.66  ? 27  ASP A O   1 
ATOM   163  C  CB  . ASP A 1 27  ? 1.148   -7.258  -12.282 1.00 13.58  ? 27  ASP A CB  1 
ATOM   164  C  CG  . ASP A 1 27  ? 2.323   -7.213  -11.358 1.00 13.73  ? 27  ASP A CG  1 
ATOM   165  O  OD1 . ASP A 1 27  ? 2.536   -8.226  -10.677 1.00 15.12  ? 27  ASP A OD1 1 
ATOM   166  O  OD2 . ASP A 1 27  ? 2.939   -6.145  -11.294 1.00 13.95  ? 27  ASP A OD2 1 
ATOM   167  N  N   . TRP A 1 28  ? -0.687  -7.909  -14.702 1.00 12.81  ? 28  TRP A N   1 
ATOM   168  C  CA  . TRP A 1 28  ? -2.030  -7.910  -15.351 1.00 13.86  ? 28  TRP A CA  1 
ATOM   169  C  C   . TRP A 1 28  ? -2.373  -9.277  -15.930 1.00 14.00  ? 28  TRP A C   1 
ATOM   170  O  O   . TRP A 1 28  ? -3.535  -9.672  -15.781 1.00 15.15  ? 28  TRP A O   1 
ATOM   171  C  CB  . TRP A 1 28  ? -2.046  -6.767  -16.377 1.00 15.87  ? 28  TRP A CB  1 
ATOM   172  C  CG  . TRP A 1 28  ? -2.106  -5.413  -15.749 1.00 16.88  ? 28  TRP A CG  1 
ATOM   173  C  CD1 . TRP A 1 28  ? -1.127  -4.462  -15.726 1.00 19.31  ? 28  TRP A CD1 1 
ATOM   174  C  CD2 . TRP A 1 28  ? -3.267  -4.843  -15.156 1.00 15.65  ? 28  TRP A CD2 1 
ATOM   175  N  NE1 . TRP A 1 28  ? -1.607  -3.352  -15.097 1.00 18.56  ? 28  TRP A NE1 1 
ATOM   176  C  CE2 . TRP A 1 28  ? -2.932  -3.537  -14.769 1.00 17.06  ? 28  TRP A CE2 1 
ATOM   177  C  CE3 . TRP A 1 28  ? -4.582  -5.295  -14.928 1.00 15.30  ? 28  TRP A CE3 1 
ATOM   178  C  CZ2 . TRP A 1 28  ? -3.854  -2.706  -14.150 1.00 17.62  ? 28  TRP A CZ2 1 
ATOM   179  C  CZ3 . TRP A 1 28  ? -5.490  -4.466  -14.325 1.00 15.01  ? 28  TRP A CZ3 1 
ATOM   180  C  CH2 . TRP A 1 28  ? -5.109  -3.181  -13.915 1.00 17.72  ? 28  TRP A CH2 1 
ATOM   181  N  N   . ALA A 1 29  ? -1.448  -9.938  -16.604 1.00 14.87  ? 29  ALA A N   1 
ATOM   182  C  CA  . ALA A 1 29  ? -1.692  -11.279 -17.183 1.00 14.29  ? 29  ALA A CA  1 
ATOM   183  C  C   . ALA A 1 29  ? -2.054  -12.246 -16.055 1.00 15.82  ? 29  ALA A C   1 
ATOM   184  O  O   . ALA A 1 29  ? -2.766  -13.220 -16.337 1.00 16.33  ? 29  ALA A O   1 
ATOM   185  C  CB  . ALA A 1 29  ? -0.508  -11.743 -17.981 1.00 16.22  ? 29  ALA A CB  1 
ATOM   186  N  N   . ASN A 1 30  ? -1.506  -12.046 -14.855 1.00 15.93  ? 30  ASN A N   1 
ATOM   187  C  CA  . ASN A 1 30  ? -1.640  -12.982 -13.701 1.00 16.88  ? 30  ASN A CA  1 
ATOM   188  C  C   . ASN A 1 30  ? -2.503  -12.337 -12.612 1.00 15.41  ? 30  ASN A C   1 
ATOM   189  O  O   . ASN A 1 30  ? -2.320  -12.625 -11.413 1.00 15.59  ? 30  ASN A O   1 
ATOM   190  C  CB  . ASN A 1 30  ? -0.246  -13.470 -13.281 1.00 17.54  ? 30  ASN A CB  1 
ATOM   191  C  CG  . ASN A 1 30  ? 0.368   -14.311 -14.379 1.00 23.69  ? 30  ASN A CG  1 
ATOM   192  O  OD1 . ASN A 1 30  ? -0.042  -15.436 -14.577 1.00 24.42  ? 30  ASN A OD1 1 
ATOM   193  N  ND2 . ASN A 1 30  ? 1.339   -13.776 -15.076 1.00 29.18  ? 30  ASN A ND2 1 
ATOM   194  N  N   . LEU A 1 31  ? -3.426  -11.478 -13.021 1.00 13.94  ? 31  LEU A N   1 
ATOM   195  C  CA  . LEU A 1 31  ? -4.272  -10.690 -12.108 1.00 13.68  ? 31  LEU A CA  1 
ATOM   196  C  C   . LEU A 1 31  ? -5.100  -11.602 -11.235 1.00 14.41  ? 31  LEU A C   1 
ATOM   197  O  O   . LEU A 1 31  ? -5.786  -12.472 -11.772 1.00 16.46  ? 31  LEU A O   1 
ATOM   198  C  CB  . LEU A 1 31  ? -5.193  -9.758  -12.893 1.00 13.77  ? 31  LEU A CB  1 
ATOM   199  C  CG  . LEU A 1 31  ? -6.138  -8.925  -12.072 1.00 13.32  ? 31  LEU A CG  1 
ATOM   200  C  CD1 . LEU A 1 31  ? -5.387  -7.948  -11.165 1.00 13.88  ? 31  LEU A CD1 1 
ATOM   201  C  CD2 . LEU A 1 31  ? -7.098  -8.171  -12.988 1.00 15.64  ? 31  LEU A CD2 1 
ATOM   202  N  N   . VAL A 1 32  ? -5.122  -11.318 -9.945  1.00 15.15  ? 32  VAL A N   1 
ATOM   203  C  CA  . VAL A 1 32  ? -6.042  -11.929 -8.955  1.00 15.07  ? 32  VAL A CA  1 
ATOM   204  C  C   . VAL A 1 32  ? -7.143  -10.929 -8.605  1.00 16.40  ? 32  VAL A C   1 
ATOM   205  O  O   . VAL A 1 32  ? -8.332  -11.295 -8.650  1.00 19.12  ? 32  VAL A O   1 
ATOM   206  C  CB  . VAL A 1 32  ? -5.257  -12.379 -7.707  1.00 15.70  ? 32  VAL A CB  1 
ATOM   207  C  CG1 . VAL A 1 32  ? -6.201  -12.787 -6.602  1.00 16.38  ? 32  VAL A CG1 1 
ATOM   208  C  CG2 . VAL A 1 32  ? -4.232  -13.445 -8.043  1.00 15.80  ? 32  VAL A CG2 1 
ATOM   209  N  N   . TRP A 1 33  ? -6.819  -9.684  -8.278  1.00 15.38  ? 33  TRP A N   1 
ATOM   210  C  CA  . TRP A 1 33  ? -7.789  -8.680  -7.823  1.00 14.65  ? 33  TRP A CA  1 
ATOM   211  C  C   . TRP A 1 33  ? -7.145  -7.305  -7.984  1.00 14.27  ? 33  TRP A C   1 
ATOM   212  O  O   . TRP A 1 33  ? -5.953  -7.227  -7.767  1.00 14.81  ? 33  TRP A O   1 
ATOM   213  C  CB  . TRP A 1 33  ? -8.249  -8.980  -6.392  1.00 14.91  ? 33  TRP A CB  1 
ATOM   214  C  CG  . TRP A 1 33  ? -8.974  -7.849  -5.746  1.00 15.05  ? 33  TRP A CG  1 
ATOM   215  C  CD1 . TRP A 1 33  ? -10.317 -7.614  -5.804  1.00 17.98  ? 33  TRP A CD1 1 
ATOM   216  C  CD2 . TRP A 1 33  ? -8.406  -6.772  -4.985  1.00 14.85  ? 33  TRP A CD2 1 
ATOM   217  N  NE1 . TRP A 1 33  ? -10.629 -6.474  -5.115  1.00 18.23  ? 33  TRP A NE1 1 
ATOM   218  C  CE2 . TRP A 1 33  ? -9.487  -5.947  -4.580  1.00 15.38  ? 33  TRP A CE2 1 
ATOM   219  C  CE3 . TRP A 1 33  ? -7.120  -6.434  -4.568  1.00 15.34  ? 33  TRP A CE3 1 
ATOM   220  C  CZ2 . TRP A 1 33  ? -9.336  -4.834  -3.770  1.00 17.75  ? 33  TRP A CZ2 1 
ATOM   221  C  CZ3 . TRP A 1 33  ? -6.975  -5.310  -3.793  1.00 16.48  ? 33  TRP A CZ3 1 
ATOM   222  C  CH2 . TRP A 1 33  ? -8.065  -4.567  -3.354  1.00 16.24  ? 33  TRP A CH2 1 
ATOM   223  N  N   . GLU A 1 34  ? -7.890  -6.311  -8.413  1.00 13.98  ? 34  GLU A N   1 
ATOM   224  C  CA  . GLU A 1 34  ? -7.412  -4.920  -8.435  1.00 13.92  ? 34  GLU A CA  1 
ATOM   225  C  C   . GLU A 1 34  ? -8.580  -4.004  -8.144  1.00 14.06  ? 34  GLU A C   1 
ATOM   226  O  O   . GLU A 1 34  ? -9.737  -4.361  -8.470  1.00 14.46  ? 34  GLU A O   1 
ATOM   227  C  CB  . GLU A 1 34  ? -6.710  -4.615  -9.754  1.00 14.28  ? 34  GLU A CB  1 
ATOM   228  C  CG  . GLU A 1 34  ? -7.570  -4.935  -10.971 1.00 16.28  ? 34  GLU A CG  1 
ATOM   229  C  CD  . GLU A 1 34  ? -8.557  -3.898  -11.429 1.00 16.74  ? 34  GLU A CD  1 
ATOM   230  O  OE1 . GLU A 1 34  ? -9.447  -4.275  -12.236 1.00 19.68  ? 34  GLU A OE1 1 
ATOM   231  O  OE2 . GLU A 1 34  ? -8.470  -2.732  -11.013 1.00 15.31  ? 34  GLU A OE2 1 
ATOM   232  N  N   . ASP A 1 35  ? -8.253  -2.841  -7.610  1.00 15.42  ? 35  ASP A N   1 
ATOM   233  C  CA  . ASP A 1 35  ? -9.233  -1.800  -7.272  1.00 14.66  ? 35  ASP A CA  1 
ATOM   234  C  C   . ASP A 1 35  ? -8.591  -0.438  -7.520  1.00 14.49  ? 35  ASP A C   1 
ATOM   235  O  O   . ASP A 1 35  ? -7.710  -0.024  -6.765  1.00 14.15  ? 35  ASP A O   1 
ATOM   236  C  CB  . ASP A 1 35  ? -9.805  -2.049  -5.882  1.00 15.20  ? 35  ASP A CB  1 
ATOM   237  C  CG  . ASP A 1 35  ? -10.852 -1.076  -5.419  1.00 18.06  ? 35  ASP A CG  1 
ATOM   238  O  OD1 . ASP A 1 35  ? -10.764 0.062   -5.803  1.00 20.35  ? 35  ASP A OD1 1 
ATOM   239  O  OD2 . ASP A 1 35  ? -11.632 -1.469  -4.544  1.00 20.92  ? 35  ASP A OD2 1 
ATOM   240  N  N   A SER A 1 36  ? -9.009  0.220   -8.596  0.38 14.08  ? 36  SER A N   1 
ATOM   241  N  N   B SER A 1 36  ? -8.996  0.233   -8.599  0.35 15.95  ? 36  SER A N   1 
ATOM   242  C  CA  A SER A 1 36  ? -8.478  1.539   -9.000  0.38 14.14  ? 36  SER A CA  1 
ATOM   243  C  CA  B SER A 1 36  ? -8.447  1.552   -9.004  0.35 17.35  ? 36  SER A CA  1 
ATOM   244  C  C   A SER A 1 36  ? -8.614  2.524   -7.841  0.38 14.35  ? 36  SER A C   1 
ATOM   245  C  C   B SER A 1 36  ? -8.626  2.557   -7.864  0.35 16.18  ? 36  SER A C   1 
ATOM   246  O  O   A SER A 1 36  ? -7.644  3.258   -7.559  0.38 15.11  ? 36  SER A O   1 
ATOM   247  O  O   B SER A 1 36  ? -7.675  3.320   -7.597  0.35 16.82  ? 36  SER A O   1 
ATOM   248  C  CB  A SER A 1 36  ? -9.156  2.075   -10.235 0.38 13.50  ? 36  SER A CB  1 
ATOM   249  C  CB  B SER A 1 36  ? -9.044  2.055   -10.310 0.35 18.90  ? 36  SER A CB  1 
ATOM   250  O  OG  A SER A 1 36  ? -8.624  3.351   -10.508 0.38 12.97  ? 36  SER A OG  1 
ATOM   251  O  OG  B SER A 1 36  ? -10.075 1.195   -10.763 0.35 25.25  ? 36  SER A OG  1 
ATOM   252  N  N   . SER A 1 37  ? -9.786  2.561   -7.197  1.00 15.34  ? 37  SER A N   1 
ATOM   253  C  CA  . SER A 1 37  ? -10.072 3.515   -6.099  1.00 15.88  ? 37  SER A CA  1 
ATOM   254  C  C   . SER A 1 37  ? -9.147  3.296   -4.910  1.00 14.92  ? 37  SER A C   1 
ATOM   255  O  O   . SER A 1 37  ? -9.018  4.177   -4.143  1.00 15.97  ? 37  SER A O   1 
ATOM   256  C  CB  . SER A 1 37  ? -11.537 3.441   -5.643  1.00 17.20  ? 37  SER A CB  1 
ATOM   257  O  OG  . SER A 1 37  ? -11.748 2.332   -4.758  1.00 22.24  ? 37  SER A OG  1 
ATOM   258  N  N   . ARG A 1 38  ? -8.547  2.128   -4.765  1.00 14.01  ? 38  ARG A N   1 
ATOM   259  C  CA  . ARG A 1 38  ? -7.582  1.848   -3.687  1.00 12.85  ? 38  ARG A CA  1 
ATOM   260  C  C   . ARG A 1 38  ? -6.145  1.931   -4.187  1.00 12.47  ? 38  ARG A C   1 
ATOM   261  O  O   . ARG A 1 38  ? -5.259  1.793   -3.350  1.00 12.12  ? 38  ARG A O   1 
ATOM   262  C  CB  . ARG A 1 38  ? -7.841  0.437   -3.156  1.00 13.35  ? 38  ARG A CB  1 
ATOM   263  C  CG  . ARG A 1 38  ? -9.189  0.332   -2.469  1.00 14.24  ? 38  ARG A CG  1 
ATOM   264  C  CD  . ARG A 1 38  ? -9.387  -1.076  -1.959  1.00 13.97  ? 38  ARG A CD  1 
ATOM   265  N  NE  . ARG A 1 38  ? -8.548  -1.394  -0.825  1.00 13.70  ? 38  ARG A NE  1 
ATOM   266  C  CZ  . ARG A 1 38  ? -8.829  -2.202  0.198   1.00 15.05  ? 38  ARG A CZ  1 
ATOM   267  N  NH1 . ARG A 1 38  ? -9.972  -2.889  0.221   1.00 16.08  ? 38  ARG A NH1 1 
ATOM   268  N  NH2 . ARG A 1 38  ? -7.943  -2.345  1.157   1.00 15.28  ? 38  ARG A NH2 1 
ATOM   269  N  N   . ASP A 1 39  ? -5.903  2.030   -5.477  1.00 12.57  ? 39  ASP A N   1 
ATOM   270  C  CA  . ASP A 1 39  ? -4.546  1.968   -6.071  1.00 12.68  ? 39  ASP A CA  1 
ATOM   271  C  C   . ASP A 1 39  ? -3.862  0.659   -5.695  1.00 12.30  ? 39  ASP A C   1 
ATOM   272  O  O   . ASP A 1 39  ? -2.631  0.679   -5.516  1.00 12.78  ? 39  ASP A O   1 
ATOM   273  C  CB  . ASP A 1 39  ? -3.672  3.144   -5.642  1.00 12.58  ? 39  ASP A CB  1 
ATOM   274  C  CG  . ASP A 1 39  ? -2.334  3.199   -6.353  1.00 12.98  ? 39  ASP A CG  1 
ATOM   275  O  OD1 . ASP A 1 39  ? -2.228  2.841   -7.568  1.00 13.08  ? 39  ASP A OD1 1 
ATOM   276  O  OD2 . ASP A 1 39  ? -1.356  3.580   -5.658  1.00 12.74  ? 39  ASP A OD2 1 
ATOM   277  N  N   . LEU A 1 40  ? -4.596  -0.455  -5.635  1.00 12.92  ? 40  LEU A N   1 
ATOM   278  C  CA  . LEU A 1 40  ? -4.020  -1.787  -5.368  1.00 12.95  ? 40  LEU A CA  1 
ATOM   279  C  C   . LEU A 1 40  ? -4.254  -2.777  -6.508  1.00 12.31  ? 40  LEU A C   1 
ATOM   280  O  O   . LEU A 1 40  ? -5.350  -2.763  -7.171  1.00 12.83  ? 40  LEU A O   1 
ATOM   281  C  CB  . LEU A 1 40  ? -4.614  -2.368  -4.078  1.00 13.80  ? 40  LEU A CB  1 
ATOM   282  C  CG  . LEU A 1 40  ? -4.236  -1.697  -2.772  1.00 13.92  ? 40  LEU A CG  1 
ATOM   283  C  CD1 . LEU A 1 40  ? -4.905  -2.444  -1.599  1.00 13.87  ? 40  LEU A CD1 1 
ATOM   284  C  CD2 . LEU A 1 40  ? -2.727  -1.703  -2.640  1.00 13.90  ? 40  LEU A CD2 1 
ATOM   285  N  N   . LEU A 1 41  ? -3.258  -3.646  -6.693  1.00 12.39  ? 41  LEU A N   1 
ATOM   286  C  CA  . LEU A 1 41  ? -3.382  -4.828  -7.545  1.00 12.17  ? 41  LEU A CA  1 
ATOM   287  C  C   . LEU A 1 41  ? -2.675  -5.962  -6.880  1.00 11.38  ? 41  LEU A C   1 
ATOM   288  O  O   . LEU A 1 41  ? -1.590  -5.751  -6.298  1.00 14.32  ? 41  LEU A O   1 
ATOM   289  C  CB  . LEU A 1 41  ? -2.809  -4.531  -8.929  1.00 13.01  ? 41  LEU A CB  1 
ATOM   290  C  CG  . LEU A 1 41  ? -2.864  -5.659  -9.971  1.00 13.19  ? 41  LEU A CG  1 
ATOM   291  C  CD1 . LEU A 1 41  ? -3.006  -5.016  -11.358 1.00 12.52  ? 41  LEU A CD1 1 
ATOM   292  C  CD2 . LEU A 1 41  ? -1.631  -6.516  -9.904  1.00 14.11  ? 41  LEU A CD2 1 
ATOM   293  N  N   . VAL A 1 42  ? -3.285  -7.124  -7.008  1.00 12.92  ? 42  VAL A N   1 
ATOM   294  C  CA  . VAL A 1 42  ? -2.695  -8.375  -6.515  1.00 14.44  ? 42  VAL A CA  1 
ATOM   295  C  C   . VAL A 1 42  ? -2.598  -9.344  -7.692  1.00 14.42  ? 42  VAL A C   1 
ATOM   296  O  O   . VAL A 1 42  ? -3.593  -9.477  -8.430  1.00 13.53  ? 42  VAL A O   1 
ATOM   297  C  CB  . VAL A 1 42  ? -3.508  -8.985  -5.384  1.00 14.42  ? 42  VAL A CB  1 
ATOM   298  C  CG1 . VAL A 1 42  ? -2.927  -10.343 -5.025  1.00 14.74  ? 42  VAL A CG1 1 
ATOM   299  C  CG2 . VAL A 1 42  ? -3.630  -8.049  -4.209  1.00 14.75  ? 42  VAL A CG2 1 
ATOM   300  N  N   . SER A 1 43  ? -1.422  -9.898  -7.893  1.00 15.70  ? 43  SER A N   1 
ATOM   301  C  CA  . SER A 1 43  ? -1.139  -10.901 -8.928  1.00 14.50  ? 43  SER A CA  1 
ATOM   302  C  C   . SER A 1 43  ? -0.647  -12.171 -8.269  1.00 15.88  ? 43  SER A C   1 
ATOM   303  O  O   . SER A 1 43  ? -0.221  -12.148 -7.098  1.00 14.92  ? 43  SER A O   1 
ATOM   304  C  CB  . SER A 1 43  ? -0.152  -10.431 -9.955  1.00 14.49  ? 43  SER A CB  1 
ATOM   305  O  OG  . SER A 1 43  ? 1.089   -10.082 -9.351  1.00 14.60  ? 43  SER A OG  1 
ATOM   306  N  N   . SER A 1 44  ? -0.757  -13.280 -9.002  1.00 15.90  ? 44  SER A N   1 
ATOM   307  C  CA  . SER A 1 44  ? -0.316  -14.595 -8.513  1.00 16.50  ? 44  SER A CA  1 
ATOM   308  C  C   . SER A 1 44  ? 1.186   -14.771 -8.751  1.00 18.20  ? 44  SER A C   1 
ATOM   309  O  O   . SER A 1 44  ? 1.705   -14.227 -9.718  1.00 19.77  ? 44  SER A O   1 
ATOM   310  C  CB  . SER A 1 44  ? -1.154  -15.686 -9.138  1.00 18.11  ? 44  SER A CB  1 
ATOM   311  O  OG  . SER A 1 44  ? -1.029  -15.655 -10.564 1.00 21.17  ? 44  SER A OG  1 
ATOM   312  N  N   . THR A 1 45  ? 1.852   -15.568 -7.923  1.00 18.90  ? 45  THR A N   1 
ATOM   313  C  CA  . THR A 1 45  ? 3.323   -15.785 -8.031  1.00 21.55  ? 45  THR A CA  1 
ATOM   314  C  C   . THR A 1 45  ? 3.605   -17.288 -8.015  1.00 23.57  ? 45  THR A C   1 
ATOM   315  O  O   . THR A 1 45  ? 2.766   -17.997 -7.489  1.00 22.19  ? 45  THR A O   1 
ATOM   316  C  CB  . THR A 1 45  ? 4.106   -15.131 -6.889  1.00 20.82  ? 45  THR A CB  1 
ATOM   317  O  OG1 . THR A 1 45  ? 3.738   -15.803 -5.690  1.00 21.70  ? 45  THR A OG1 1 
ATOM   318  C  CG2 . THR A 1 45  ? 3.926   -13.625 -6.796  1.00 21.10  ? 45  THR A CG2 1 
ATOM   319  N  N   . THR A 1 46  ? 4.710   -17.689 -8.663  1.00 26.89  ? 46  THR A N   1 
ATOM   320  C  CA  . THR A 1 46  ? 5.304   -19.054 -8.704  1.00 33.42  ? 46  THR A CA  1 
ATOM   321  C  C   . THR A 1 46  ? 5.768   -19.397 -7.284  1.00 28.57  ? 46  THR A C   1 
ATOM   322  O  O   . THR A 1 46  ? 5.409   -20.461 -6.760  1.00 31.21  ? 46  THR A O   1 
ATOM   323  C  CB  . THR A 1 46  ? 6.450   -19.095 -9.731  1.00 35.39  ? 46  THR A CB  1 
ATOM   324  O  OG1 . THR A 1 46  ? 7.256   -17.934 -9.585  1.00 44.19  ? 46  THR A OG1 1 
ATOM   325  C  CG2 . THR A 1 46  ? 6.002   -19.066 -11.176 1.00 41.60  ? 46  THR A CG2 1 
ATOM   326  N  N   . ALA A 1 47  ? 6.532   -18.492 -6.686  1.00 27.01  ? 47  ALA A N   1 
ATOM   327  C  CA  . ALA A 1 47  ? 7.319   -18.732 -5.460  1.00 27.01  ? 47  ALA A CA  1 
ATOM   328  C  C   . ALA A 1 47  ? 6.514   -18.246 -4.256  1.00 26.28  ? 47  ALA A C   1 
ATOM   329  O  O   . ALA A 1 47  ? 5.759   -17.286 -4.393  1.00 25.85  ? 47  ALA A O   1 
ATOM   330  C  CB  . ALA A 1 47  ? 8.655   -18.025 -5.531  1.00 28.00  ? 47  ALA A CB  1 
ATOM   331  N  N   . GLN A 1 48  ? 6.713   -18.880 -3.112  1.00 24.66  ? 48  GLN A N   1 
ATOM   332  C  CA  . GLN A 1 48  ? 6.062   -18.512 -1.839  1.00 26.97  ? 48  GLN A CA  1 
ATOM   333  C  C   . GLN A 1 48  ? 6.766   -17.262 -1.299  1.00 23.51  ? 48  GLN A C   1 
ATOM   334  O  O   . GLN A 1 48  ? 8.004   -17.199 -1.365  1.00 22.02  ? 48  GLN A O   1 
ATOM   335  C  CB  . GLN A 1 48  ? 6.147   -19.698 -0.891  1.00 33.57  ? 48  GLN A CB  1 
ATOM   336  C  CG  . GLN A 1 48  ? 5.370   -20.898 -1.405  1.00 42.43  ? 48  GLN A CG  1 
ATOM   337  C  CD  . GLN A 1 48  ? 4.432   -21.430 -0.355  1.00 47.81  ? 48  GLN A CD  1 
ATOM   338  O  OE1 . GLN A 1 48  ? 4.325   -22.638 -0.142  1.00 58.20  ? 48  GLN A OE1 1 
ATOM   339  N  NE2 . GLN A 1 48  ? 3.750   -20.512 0.312   1.00 48.78  ? 48  GLN A NE2 1 
ATOM   340  N  N   . GLY A 1 49  ? 5.990   -16.272 -0.878  1.00 21.96  ? 49  GLY A N   1 
ATOM   341  C  CA  . GLY A 1 49  ? 6.482   -15.074 -0.172  1.00 20.15  ? 49  GLY A CA  1 
ATOM   342  C  C   . GLY A 1 49  ? 6.671   -15.306 1.322   1.00 19.13  ? 49  GLY A C   1 
ATOM   343  O  O   . GLY A 1 49  ? 6.198   -16.291 1.813   1.00 20.42  ? 49  GLY A O   1 
ATOM   344  N  N   . CYS A 1 50  ? 7.361   -14.382 1.965   1.00 18.15  ? 50  CYS A N   1 
ATOM   345  C  CA  . CYS A 1 50  ? 7.791   -14.477 3.376   1.00 20.92  ? 50  CYS A CA  1 
ATOM   346  C  C   . CYS A 1 50  ? 7.034   -13.486 4.251   1.00 21.97  ? 50  CYS A C   1 
ATOM   347  O  O   . CYS A 1 50  ? 7.200   -13.575 5.470   1.00 21.44  ? 50  CYS A O   1 
ATOM   348  C  CB  . CYS A 1 50  ? 9.306   -14.286 3.444   1.00 21.03  ? 50  CYS A CB  1 
ATOM   349  S  SG  . CYS A 1 50  ? 10.114  -15.703 2.655   1.00 23.41  ? 50  CYS A SG  1 
ATOM   350  N  N   . ASP A 1 51  ? 6.226   -12.593 3.677   1.00 18.52  ? 51  ASP A N   1 
ATOM   351  C  CA  . ASP A 1 51  ? 5.618   -11.469 4.426   1.00 18.12  ? 51  ASP A CA  1 
ATOM   352  C  C   . ASP A 1 51  ? 4.344   -11.988 5.112   1.00 17.63  ? 51  ASP A C   1 
ATOM   353  O  O   . ASP A 1 51  ? 3.698   -12.954 4.673   1.00 19.22  ? 51  ASP A O   1 
ATOM   354  C  CB  . ASP A 1 51  ? 5.345   -10.256 3.515   1.00 19.11  ? 51  ASP A CB  1 
ATOM   355  C  CG  . ASP A 1 51  ? 6.551   -9.491  2.912   1.00 24.76  ? 51  ASP A CG  1 
ATOM   356  O  OD1 . ASP A 1 51  ? 7.597   -9.375  3.635   1.00 29.37  ? 51  ASP A OD1 1 
ATOM   357  O  OD2 . ASP A 1 51  ? 6.501   -8.975  1.702   1.00 20.77  ? 51  ASP A OD2 1 
ATOM   358  N  N   . THR A 1 52  ? 3.996   -11.355 6.211   1.00 16.18  ? 52  THR A N   1 
ATOM   359  C  CA  . THR A 1 52  ? 2.761   -11.569 6.982   1.00 16.51  ? 52  THR A CA  1 
ATOM   360  C  C   . THR A 1 52  ? 1.970   -10.277 6.891   1.00 16.18  ? 52  THR A C   1 
ATOM   361  O  O   . THR A 1 52  ? 2.529   -9.224  7.152   1.00 15.43  ? 52  THR A O   1 
ATOM   362  C  CB  . THR A 1 52  ? 3.052   -11.926 8.440   1.00 17.62  ? 52  THR A CB  1 
ATOM   363  O  OG1 . THR A 1 52  ? 3.734   -13.176 8.447   1.00 19.50  ? 52  THR A OG1 1 
ATOM   364  C  CG2 . THR A 1 52  ? 1.801   -12.043 9.289   1.00 17.89  ? 52  THR A CG2 1 
ATOM   365  N  N   . ILE A 1 53  ? 0.672   -10.369 6.647   1.00 14.32  ? 53  ILE A N   1 
ATOM   366  C  CA  . ILE A 1 53  ? -0.230  -9.214  6.694   1.00 15.08  ? 53  ILE A CA  1 
ATOM   367  C  C   . ILE A 1 53  ? -0.732  -8.992  8.105   1.00 15.08  ? 53  ILE A C   1 
ATOM   368  O  O   . ILE A 1 53  ? -1.173  -9.981  8.751   1.00 16.50  ? 53  ILE A O   1 
ATOM   369  C  CB  . ILE A 1 53  ? -1.414  -9.400  5.743   1.00 15.03  ? 53  ILE A CB  1 
ATOM   370  C  CG1 . ILE A 1 53  ? -0.934  -9.795  4.351   1.00 14.79  ? 53  ILE A CG1 1 
ATOM   371  C  CG2 . ILE A 1 53  ? -2.295  -8.135  5.707   1.00 14.28  ? 53  ILE A CG2 1 
ATOM   372  C  CD1 . ILE A 1 53  ? -0.075  -8.761  3.678   1.00 15.30  ? 53  ILE A CD1 1 
ATOM   373  N  N   . ALA A 1 54  ? -0.657  -7.761  8.575   1.00 13.44  ? 54  ALA A N   1 
ATOM   374  C  CA  . ALA A 1 54  ? -1.261  -7.412  9.873   1.00 14.08  ? 54  ALA A CA  1 
ATOM   375  C  C   . ALA A 1 54  ? -2.764  -7.619  9.842   1.00 14.36  ? 54  ALA A C   1 
ATOM   376  O  O   . ALA A 1 54  ? -3.444  -7.280  8.853   1.00 12.83  ? 54  ALA A O   1 
ATOM   377  C  CB  . ALA A 1 54  ? -0.885  -6.000  10.178  1.00 13.35  ? 54  ALA A CB  1 
ATOM   378  N  N   . ARG A 1 55  ? -3.266  -8.074  10.985  1.00 14.52  ? 55  ARG A N   1 
ATOM   379  C  CA  . ARG A 1 55  ? -4.728  -8.211  11.182  1.00 14.66  ? 55  ARG A CA  1 
ATOM   380  C  C   . ARG A 1 55  ? -4.996  -7.522  12.496  1.00 13.72  ? 55  ARG A C   1 
ATOM   381  O  O   . ARG A 1 55  ? -4.835  -8.142  13.572  1.00 15.55  ? 55  ARG A O   1 
ATOM   382  C  CB  . ARG A 1 55  ? -5.132  -9.686  11.189  1.00 15.54  ? 55  ARG A CB  1 
ATOM   383  C  CG  . ARG A 1 55  ? -4.825  -10.421 9.892   1.00 15.44  ? 55  ARG A CG  1 
ATOM   384  C  CD  . ARG A 1 55  ? -5.463  -9.866  8.608   1.00 16.52  ? 55  ARG A CD  1 
ATOM   385  N  NE  . ARG A 1 55  ? -4.987  -10.568 7.395   1.00 18.47  ? 55  ARG A NE  1 
ATOM   386  C  CZ  . ARG A 1 55  ? -5.178  -10.173 6.125   1.00 17.74  ? 55  ARG A CZ  1 
ATOM   387  N  NH1 . ARG A 1 55  ? -5.751  -9.020  5.812   1.00 17.30  ? 55  ARG A NH1 1 
ATOM   388  N  NH2 . ARG A 1 55  ? -4.659  -10.896 5.145   1.00 18.39  ? 55  ARG A NH2 1 
ATOM   389  N  N   . CYS A 1 56  ? -5.348  -6.249  12.433  1.00 13.32  ? 56  CYS A N   1 
ATOM   390  C  CA  . CYS A 1 56  ? -5.318  -5.378  13.642  1.00 15.18  ? 56  CYS A CA  1 
ATOM   391  C  C   . CYS A 1 56  ? -5.873  -4.019  13.297  1.00 14.98  ? 56  CYS A C   1 
ATOM   392  O  O   . CYS A 1 56  ? -6.127  -3.749  12.122  1.00 14.41  ? 56  CYS A O   1 
ATOM   393  C  CB  . CYS A 1 56  ? -3.892  -5.153  14.136  1.00 14.20  ? 56  CYS A CB  1 
ATOM   394  S  SG  . CYS A 1 56  ? -2.868  -4.215  12.934  1.00 14.78  ? 56  CYS A SG  1 
ATOM   395  N  N   A ASP A 1 57  ? -6.067  -3.144  14.290  0.25 16.31  ? 57  ASP A N   1 
ATOM   396  N  N   B ASP A 1 57  ? -5.970  -3.196  14.350  0.24 16.12  ? 57  ASP A N   1 
ATOM   397  C  CA  A ASP A 1 57  ? -6.377  -1.712  14.028  0.25 15.71  ? 57  ASP A CA  1 
ATOM   398  C  CA  B ASP A 1 57  ? -6.448  -1.793  14.350  0.24 15.49  ? 57  ASP A CA  1 
ATOM   399  C  C   A ASP A 1 57  ? -5.281  -0.826  14.634  0.25 16.26  ? 57  ASP A C   1 
ATOM   400  C  C   B ASP A 1 57  ? -5.288  -0.816  14.617  0.24 15.98  ? 57  ASP A C   1 
ATOM   401  O  O   A ASP A 1 57  ? -5.603  0.272   15.134  0.25 16.55  ? 57  ASP A O   1 
ATOM   402  O  O   B ASP A 1 57  ? -5.588  0.371   14.864  0.24 15.84  ? 57  ASP A O   1 
ATOM   403  C  CB  A ASP A 1 57  ? -7.783  -1.330  14.498  0.25 17.35  ? 57  ASP A CB  1 
ATOM   404  C  CB  B ASP A 1 57  ? -7.545  -1.641  15.413  0.24 16.74  ? 57  ASP A CB  1 
ATOM   405  C  CG  A ASP A 1 57  ? -7.980  -1.386  15.998  0.25 18.21  ? 57  ASP A CG  1 
ATOM   406  C  CG  B ASP A 1 57  ? -8.470  -0.452  15.223  0.24 18.06  ? 57  ASP A CG  1 
ATOM   407  O  OD1 A ASP A 1 57  ? -7.044  -1.796  16.716  0.25 19.63  ? 57  ASP A OD1 1 
ATOM   408  O  OD1 B ASP A 1 57  ? -8.863  -0.180  14.069  0.24 20.08  ? 57  ASP A OD1 1 
ATOM   409  O  OD2 A ASP A 1 57  ? -9.076  -1.002  16.433  0.25 20.73  ? 57  ASP A OD2 1 
ATOM   410  O  OD2 B ASP A 1 57  ? -8.801  0.183   16.243  0.24 21.24  ? 57  ASP A OD2 1 
ATOM   411  N  N   . CYS A 1 58  ? -4.021  -1.247  14.509  1.00 14.59  ? 58  CYS A N   1 
ATOM   412  C  CA  . CYS A 1 58  ? -2.880  -0.346  14.835  1.00 15.05  ? 58  CYS A CA  1 
ATOM   413  C  C   . CYS A 1 58  ? -3.044  0.974   14.088  1.00 14.54  ? 58  CYS A C   1 
ATOM   414  O  O   . CYS A 1 58  ? -3.548  1.037   12.948  1.00 15.21  ? 58  CYS A O   1 
ATOM   415  C  CB  . CYS A 1 58  ? -1.523  -0.963  14.514  1.00 14.45  ? 58  CYS A CB  1 
ATOM   416  S  SG  . CYS A 1 58  ? -1.138  -2.283  15.690  1.00 16.32  ? 58  CYS A SG  1 
ATOM   417  N  N   . GLN A 1 59  ? -2.570  2.017   14.749  1.00 13.48  ? 59  GLN A N   1 
ATOM   418  C  CA  . GLN A 1 59  ? -2.454  3.382   14.171  1.00 14.36  ? 59  GLN A CA  1 
ATOM   419  C  C   . GLN A 1 59  ? -1.037  3.882   14.384  1.00 13.15  ? 59  GLN A C   1 
ATOM   420  O  O   . GLN A 1 59  ? -0.831  5.099   14.243  1.00 13.85  ? 59  GLN A O   1 
ATOM   421  C  CB  . GLN A 1 59  ? -3.486  4.297   14.788  1.00 16.38  ? 59  GLN A CB  1 
ATOM   422  C  CG  . GLN A 1 59  ? -4.882  4.162   14.229  1.00 18.81  ? 59  GLN A CG  1 
ATOM   423  C  CD  . GLN A 1 59  ? -5.753  5.329   14.682  1.00 19.61  ? 59  GLN A CD  1 
ATOM   424  O  OE1 . GLN A 1 59  ? -6.555  5.208   15.618  1.00 21.35  ? 59  GLN A OE1 1 
ATOM   425  N  NE2 . GLN A 1 59  ? -5.586  6.506   14.067  1.00 19.65  ? 59  GLN A NE2 1 
ATOM   426  N  N   . THR A 1 60  ? -0.102  3.028   14.741  1.00 14.51  ? 60  THR A N   1 
ATOM   427  C  CA  . THR A 1 60  ? 1.322   3.412   14.766  1.00 15.95  ? 60  THR A CA  1 
ATOM   428  C  C   . THR A 1 60  ? 2.100   2.301   14.074  1.00 15.89  ? 60  THR A C   1 
ATOM   429  O  O   . THR A 1 60  ? 1.650   1.155   14.055  1.00 16.06  ? 60  THR A O   1 
ATOM   430  C  CB  . THR A 1 60  ? 1.832   3.675   16.172  1.00 19.50  ? 60  THR A CB  1 
ATOM   431  O  OG1 . THR A 1 60  ? 1.754   2.416   16.826  1.00 21.00  ? 60  THR A OG1 1 
ATOM   432  C  CG2 . THR A 1 60  ? 1.051   4.735   16.890  1.00 20.03  ? 60  THR A CG2 1 
ATOM   433  N  N   . GLY A 1 61  ? 3.195   2.679   13.437  1.00 14.77  ? 61  GLY A N   1 
ATOM   434  C  CA  . GLY A 1 61  ? 4.056   1.779   12.689  1.00 14.34  ? 61  GLY A CA  1 
ATOM   435  C  C   . GLY A 1 61  ? 5.290   2.466   12.192  1.00 13.39  ? 61  GLY A C   1 
ATOM   436  O  O   . GLY A 1 61  ? 5.589   3.546   12.683  1.00 14.51  ? 61  GLY A O   1 
ATOM   437  N  N   . VAL A 1 62  ? 5.974   1.793   11.292  1.00 13.84  ? 62  VAL A N   1 
ATOM   438  C  CA  . VAL A 1 62  ? 7.210   2.264   10.633  1.00 13.40  ? 62  VAL A CA  1 
ATOM   439  C  C   . VAL A 1 62  ? 7.066   2.068   9.130   1.00 13.85  ? 62  VAL A C   1 
ATOM   440  O  O   . VAL A 1 62  ? 6.584   1.034   8.718   1.00 13.90  ? 62  VAL A O   1 
ATOM   441  C  CB  . VAL A 1 62  ? 8.452   1.547   11.169  1.00 14.10  ? 62  VAL A CB  1 
ATOM   442  C  CG1 . VAL A 1 62  ? 9.684   1.920   10.351  1.00 13.65  ? 62  VAL A CG1 1 
ATOM   443  C  CG2 . VAL A 1 62  ? 8.630   1.787   12.630  1.00 15.53  ? 62  VAL A CG2 1 
ATOM   444  N  N   . TYR A 1 63  ? 7.385   3.100   8.344   1.00 12.86  ? 63  TYR A N   1 
ATOM   445  C  CA  . TYR A 1 63  ? 7.342   3.007   6.873   1.00 12.04  ? 63  TYR A CA  1 
ATOM   446  C  C   . TYR A 1 63  ? 8.717   3.307   6.325   1.00 12.13  ? 63  TYR A C   1 
ATOM   447  O  O   . TYR A 1 63  ? 9.533   4.095   6.895   1.00 12.00  ? 63  TYR A O   1 
ATOM   448  C  CB  . TYR A 1 63  ? 6.272   3.857   6.216   1.00 14.18  ? 63  TYR A CB  1 
ATOM   449  C  CG  . TYR A 1 63  ? 6.616   5.301   5.966   1.00 13.61  ? 63  TYR A CG  1 
ATOM   450  C  CD1 . TYR A 1 63  ? 6.537   6.254   6.977   1.00 12.85  ? 63  TYR A CD1 1 
ATOM   451  C  CD2 . TYR A 1 63  ? 6.993   5.733   4.702   1.00 13.80  ? 63  TYR A CD2 1 
ATOM   452  C  CE1 . TYR A 1 63  ? 6.857   7.587   6.748   1.00 13.45  ? 63  TYR A CE1 1 
ATOM   453  C  CE2 . TYR A 1 63  ? 7.278   7.065   4.451   1.00 13.38  ? 63  TYR A CE2 1 
ATOM   454  C  CZ  . TYR A 1 63  ? 7.219   7.996   5.469   1.00 14.04  ? 63  TYR A CZ  1 
ATOM   455  O  OH  . TYR A 1 63  ? 7.485   9.337   5.337   1.00 14.31  ? 63  TYR A OH  1 
ATOM   456  N  N   . TYR A 1 64  ? 8.966   2.696   5.188   1.00 13.66  ? 64  TYR A N   1 
ATOM   457  C  CA  . TYR A 1 64  ? 10.203  2.922   4.424   1.00 12.84  ? 64  TYR A CA  1 
ATOM   458  C  C   . TYR A 1 64  ? 10.001  3.988   3.374   1.00 11.52  ? 64  TYR A C   1 
ATOM   459  O  O   . TYR A 1 64  ? 9.105   3.856   2.547   1.00 11.99  ? 64  TYR A O   1 
ATOM   460  C  CB  . TYR A 1 64  ? 10.710  1.655   3.780   1.00 13.59  ? 64  TYR A CB  1 
ATOM   461  C  CG  . TYR A 1 64  ? 11.955  1.924   2.986   1.00 14.95  ? 64  TYR A CG  1 
ATOM   462  C  CD1 . TYR A 1 64  ? 13.088  2.423   3.620   1.00 13.98  ? 64  TYR A CD1 1 
ATOM   463  C  CD2 . TYR A 1 64  ? 11.977  1.843   1.606   1.00 14.95  ? 64  TYR A CD2 1 
ATOM   464  C  CE1 . TYR A 1 64  ? 14.263  2.672   2.932   1.00 14.43  ? 64  TYR A CE1 1 
ATOM   465  C  CE2 . TYR A 1 64  ? 13.140  2.095   0.891   1.00 15.79  ? 64  TYR A CE2 1 
ATOM   466  C  CZ  . TYR A 1 64  ? 14.257  2.579   1.547   1.00 16.64  ? 64  TYR A CZ  1 
ATOM   467  O  OH  . TYR A 1 64  ? 15.412  2.851   0.845   1.00 17.76  ? 64  TYR A OH  1 
ATOM   468  N  N   . CYS A 1 65  ? 10.825  5.025   3.454   1.00 12.86  ? 65  CYS A N   1 
ATOM   469  C  CA  . CYS A 1 65  ? 10.812  6.174   2.545   1.00 11.29  ? 65  CYS A CA  1 
ATOM   470  C  C   . CYS A 1 65  ? 12.049  6.117   1.636   1.00 12.74  ? 65  CYS A C   1 
ATOM   471  O  O   . CYS A 1 65  ? 13.150  6.494   2.090   1.00 13.80  ? 65  CYS A O   1 
ATOM   472  C  CB  . CYS A 1 65  ? 10.739  7.457   3.357   1.00 12.21  ? 65  CYS A CB  1 
ATOM   473  S  SG  . CYS A 1 65  ? 10.889  8.925   2.339   1.00 13.68  ? 65  CYS A SG  1 
ATOM   474  N  N   . SER A 1 66  ? 11.913  5.677   0.395   1.00 13.51  ? 66  SER A N   1 
ATOM   475  C  CA  . SER A 1 66  ? 13.067  5.513   -0.514  1.00 12.81  ? 66  SER A CA  1 
ATOM   476  C  C   . SER A 1 66  ? 13.739  6.872   -0.773  1.00 12.94  ? 66  SER A C   1 
ATOM   477  O  O   . SER A 1 66  ? 14.994  6.893   -0.935  1.00 15.17  ? 66  SER A O   1 
ATOM   478  C  CB  . SER A 1 66  ? 12.669  4.783   -1.773  1.00 15.45  ? 66  SER A CB  1 
ATOM   479  O  OG  . SER A 1 66  ? 11.933  5.616   -2.660  1.00 19.36  ? 66  SER A OG  1 
ATOM   480  N  N   . SER A 1 67  ? 12.972  7.956   -0.860  1.00 12.79  ? 67  SER A N   1 
ATOM   481  C  CA  . SER A 1 67  ? 13.523  9.282   -1.199  1.00 12.57  ? 67  SER A CA  1 
ATOM   482  C  C   . SER A 1 67  ? 14.393  9.819   -0.047  1.00 12.71  ? 67  SER A C   1 
ATOM   483  O  O   . SER A 1 67  ? 14.998  10.895  -0.225  1.00 13.58  ? 67  SER A O   1 
ATOM   484  C  CB  . SER A 1 67  ? 12.474  10.265  -1.642  1.00 12.30  ? 67  SER A CB  1 
ATOM   485  O  OG  . SER A 1 67  ? 11.542  10.511  -0.595  1.00 13.25  ? 67  SER A OG  1 
ATOM   486  N  N   . ARG A 1 68  ? 14.422  9.174   1.103   1.00 13.39  ? 68  ARG A N   1 
ATOM   487  C  CA  . ARG A 1 68  ? 15.285  9.534   2.260   1.00 13.02  ? 68  ARG A CA  1 
ATOM   488  C  C   . ARG A 1 68  ? 16.162  8.377   2.666   1.00 13.10  ? 68  ARG A C   1 
ATOM   489  O  O   . ARG A 1 68  ? 16.889  8.585   3.613   1.00 15.14  ? 68  ARG A O   1 
ATOM   490  C  CB  . ARG A 1 68  ? 14.420  9.985   3.441   1.00 14.30  ? 68  ARG A CB  1 
ATOM   491  C  CG  . ARG A 1 68  ? 13.626  11.226  3.147   1.00 14.98  ? 68  ARG A CG  1 
ATOM   492  C  CD  . ARG A 1 68  ? 14.509  12.466  3.254   1.00 16.75  ? 68  ARG A CD  1 
ATOM   493  N  NE  . ARG A 1 68  ? 13.774  13.680  3.031   1.00 18.37  ? 68  ARG A NE  1 
ATOM   494  C  CZ  . ARG A 1 68  ? 13.643  14.267  1.841   1.00 17.86  ? 68  ARG A CZ  1 
ATOM   495  N  NH1 . ARG A 1 68  ? 14.165  13.713  0.755   1.00 17.72  ? 68  ARG A NH1 1 
ATOM   496  N  NH2 . ARG A 1 68  ? 12.992  15.419  1.730   1.00 17.81  ? 68  ARG A NH2 1 
ATOM   497  N  N   . ARG A 1 69  ? 16.036  7.176   2.078   1.00 13.58  ? 69  ARG A N   1 
ATOM   498  C  CA  . ARG A 1 69  ? 16.722  5.953   2.551   1.00 13.91  ? 69  ARG A CA  1 
ATOM   499  C  C   . ARG A 1 69  ? 16.533  5.830   4.062   1.00 15.37  ? 69  ARG A C   1 
ATOM   500  O  O   . ARG A 1 69  ? 17.514  5.594   4.808   1.00 18.26  ? 69  ARG A O   1 
ATOM   501  C  CB  . ARG A 1 69  ? 18.204  5.981   2.133   1.00 15.10  ? 69  ARG A CB  1 
ATOM   502  C  CG  . ARG A 1 69  ? 18.407  5.957   0.631   1.00 15.91  ? 69  ARG A CG  1 
ATOM   503  C  CD  . ARG A 1 69  ? 19.855  5.655   0.211   1.00 19.56  ? 69  ARG A CD  1 
ATOM   504  N  NE  . ARG A 1 69  ? 20.158  5.729   -1.215  1.00 21.42  ? 69  ARG A NE  1 
ATOM   505  C  CZ  . ARG A 1 69  ? 20.909  6.660   -1.825  1.00 21.23  ? 69  ARG A CZ  1 
ATOM   506  N  NH1 . ARG A 1 69  ? 21.420  7.654   -1.122  1.00 23.01  ? 69  ARG A NH1 1 
ATOM   507  N  NH2 . ARG A 1 69  ? 21.110  6.611   -3.142  1.00 22.59  ? 69  ARG A NH2 1 
ATOM   508  N  N   . LYS A 1 70  ? 15.303  5.955   4.542   1.00 14.28  ? 70  LYS A N   1 
ATOM   509  C  CA  . LYS A 1 70  ? 15.029  6.012   5.995   1.00 15.44  ? 70  LYS A CA  1 
ATOM   510  C  C   . LYS A 1 70  ? 13.715  5.316   6.289   1.00 14.00  ? 70  LYS A C   1 
ATOM   511  O  O   . LYS A 1 70  ? 12.815  5.370   5.457   1.00 13.97  ? 70  LYS A O   1 
ATOM   512  C  CB  . LYS A 1 70  ? 15.028  7.468   6.477   1.00 20.22  ? 70  LYS A CB  1 
ATOM   513  C  CG  . LYS A 1 70  ? 16.439  8.000   6.709   1.00 31.65  ? 70  LYS A CG  1 
ATOM   514  C  CD  . LYS A 1 70  ? 16.613  8.807   7.985   1.00 38.69  ? 70  LYS A CD  1 
ATOM   515  C  CE  . LYS A 1 70  ? 18.037  9.308   8.147   1.00 45.50  ? 70  LYS A CE  1 
ATOM   516  N  NZ  . LYS A 1 70  ? 18.436  10.227  7.047   1.00 50.99  ? 70  LYS A NZ  1 
ATOM   517  N  N   . HIS A 1 71  ? 13.682  4.673   7.431   1.00 13.08  ? 71  HIS A N   1 
ATOM   518  C  CA  . HIS A 1 71  ? 12.507  4.042   8.049   1.00 14.05  ? 71  HIS A CA  1 
ATOM   519  C  C   . HIS A 1 71  ? 12.006  4.965   9.130   1.00 13.13  ? 71  HIS A C   1 
ATOM   520  O  O   . HIS A 1 71  ? 12.772  5.250   10.072  1.00 15.04  ? 71  HIS A O   1 
ATOM   521  C  CB  . HIS A 1 71  ? 12.884  2.662   8.565   1.00 14.03  ? 71  HIS A CB  1 
ATOM   522  C  CG  . HIS A 1 71  ? 13.445  1.772   7.516   1.00 15.31  ? 71  HIS A CG  1 
ATOM   523  N  ND1 . HIS A 1 71  ? 12.745  0.702   7.021   1.00 17.05  ? 71  HIS A ND1 1 
ATOM   524  C  CD2 . HIS A 1 71  ? 14.663  1.730   6.937   1.00 15.69  ? 71  HIS A CD2 1 
ATOM   525  C  CE1 . HIS A 1 71  ? 13.512  0.090   6.144   1.00 15.76  ? 71  HIS A CE1 1 
ATOM   526  N  NE2 . HIS A 1 71  ? 14.696  0.671   6.080   1.00 19.29  ? 71  HIS A NE2 1 
ATOM   527  N  N   . TYR A 1 72  ? 10.801  5.465   8.981   1.00 12.14  ? 72  TYR A N   1 
ATOM   528  C  CA  . TYR A 1 72  ? 10.261  6.484   9.891   1.00 13.41  ? 72  TYR A CA  1 
ATOM   529  C  C   . TYR A 1 72  ? 9.143   5.904   10.719  1.00 14.01  ? 72  TYR A C   1 
ATOM   530  O  O   . TYR A 1 72  ? 8.163   5.366   10.189  1.00 12.68  ? 72  TYR A O   1 
ATOM   531  C  CB  . TYR A 1 72  ? 9.666   7.667   9.133   1.00 13.87  ? 72  TYR A CB  1 
ATOM   532  C  CG  . TYR A 1 72  ? 10.650  8.558   8.402   1.00 14.28  ? 72  TYR A CG  1 
ATOM   533  C  CD1 . TYR A 1 72  ? 11.484  9.390   9.115   1.00 16.35  ? 72  TYR A CD1 1 
ATOM   534  C  CD2 . TYR A 1 72  ? 10.791  8.509   7.031   1.00 14.86  ? 72  TYR A CD2 1 
ATOM   535  C  CE1 . TYR A 1 72  ? 12.353  10.257  8.473   1.00 16.81  ? 72  TYR A CE1 1 
ATOM   536  C  CE2 . TYR A 1 72  ? 11.667  9.347   6.375   1.00 15.15  ? 72  TYR A CE2 1 
ATOM   537  C  CZ  . TYR A 1 72  ? 12.460  10.198  7.101   1.00 15.94  ? 72  TYR A CZ  1 
ATOM   538  O  OH  . TYR A 1 72  ? 13.290  11.061  6.439   1.00 18.56  ? 72  TYR A OH  1 
ATOM   539  N  N   . PRO A 1 73  ? 9.195   6.089   12.040  1.00 14.84  ? 73  PRO A N   1 
ATOM   540  C  CA  . PRO A 1 73  ? 8.058   5.747   12.879  1.00 14.69  ? 73  PRO A CA  1 
ATOM   541  C  C   . PRO A 1 73  ? 6.993   6.816   12.667  1.00 14.33  ? 73  PRO A C   1 
ATOM   542  O  O   . PRO A 1 73  ? 7.272   8.008   12.704  1.00 16.18  ? 73  PRO A O   1 
ATOM   543  C  CB  . PRO A 1 73  ? 8.582   5.807   14.331  1.00 16.31  ? 73  PRO A CB  1 
ATOM   544  C  CG  . PRO A 1 73  ? 9.842   6.615   14.251  1.00 18.45  ? 73  PRO A CG  1 
ATOM   545  C  CD  . PRO A 1 73  ? 10.353  6.537   12.814  1.00 15.55  ? 73  PRO A CD  1 
ATOM   546  N  N   . VAL A 1 74  ? 5.748   6.428   12.522  1.00 14.18  ? 74  VAL A N   1 
ATOM   547  C  CA  . VAL A 1 74  ? 4.621   7.344   12.273  1.00 14.43  ? 74  VAL A CA  1 
ATOM   548  C  C   . VAL A 1 74  ? 3.363   6.904   13.039  1.00 13.44  ? 74  VAL A C   1 
ATOM   549  O  O   . VAL A 1 74  ? 3.113   5.681   13.248  1.00 14.35  ? 74  VAL A O   1 
ATOM   550  C  CB  . VAL A 1 74  ? 4.288   7.408   10.769  1.00 15.76  ? 74  VAL A CB  1 
ATOM   551  C  CG1 . VAL A 1 74  ? 5.299   8.230   9.965   1.00 17.66  ? 74  VAL A CG1 1 
ATOM   552  C  CG2 . VAL A 1 74  ? 4.145   6.070   10.123  1.00 15.47  ? 74  VAL A CG2 1 
ATOM   553  N  N   . SER A 1 75  ? 2.497   7.866   13.299  1.00 14.62  ? 75  SER A N   1 
ATOM   554  C  CA  . SER A 1 75  ? 1.070   7.692   13.635  1.00 14.60  ? 75  SER A CA  1 
ATOM   555  C  C   . SER A 1 75  ? 0.270   7.904   12.370  1.00 14.50  ? 75  SER A C   1 
ATOM   556  O  O   . SER A 1 75  ? 0.558   8.817   11.640  1.00 13.70  ? 75  SER A O   1 
ATOM   557  C  CB  . SER A 1 75  ? 0.634   8.679   14.683  1.00 16.96  ? 75  SER A CB  1 
ATOM   558  O  OG  . SER A 1 75  ? 1.353   8.505   15.896  1.00 22.03  ? 75  SER A OG  1 
ATOM   559  N  N   . PHE A 1 76  ? -0.759  7.097   12.116  1.00 12.31  ? 76  PHE A N   1 
ATOM   560  C  CA  . PHE A 1 76  ? -1.562  7.230   10.893  1.00 13.88  ? 76  PHE A CA  1 
ATOM   561  C  C   . PHE A 1 76  ? -3.037  7.084   11.200  1.00 13.43  ? 76  PHE A C   1 
ATOM   562  O  O   . PHE A 1 76  ? -3.387  6.405   12.203  1.00 15.69  ? 76  PHE A O   1 
ATOM   563  C  CB  . PHE A 1 76  ? -1.115  6.229   9.828   1.00 12.01  ? 76  PHE A CB  1 
ATOM   564  C  CG  . PHE A 1 76  ? -1.018  4.792   10.270  1.00 13.25  ? 76  PHE A CG  1 
ATOM   565  C  CD1 . PHE A 1 76  ? 0.148   4.324   10.806  1.00 14.07  ? 76  PHE A CD1 1 
ATOM   566  C  CD2 . PHE A 1 76  ? -2.081  3.917   10.109  1.00 12.96  ? 76  PHE A CD2 1 
ATOM   567  C  CE1 . PHE A 1 76  ? 0.274   2.999   11.182  1.00 13.51  ? 76  PHE A CE1 1 
ATOM   568  C  CE2 . PHE A 1 76  ? -1.966  2.615   10.526  1.00 12.67  ? 76  PHE A CE2 1 
ATOM   569  C  CZ  . PHE A 1 76  ? -0.796  2.163   11.066  1.00 13.67  ? 76  PHE A CZ  1 
ATOM   570  N  N   . SER A 1 77  ? -3.858  7.692   10.367  1.00 13.93  ? 77  SER A N   1 
ATOM   571  C  CA  . SER A 1 77  ? -5.335  7.651   10.487  1.00 14.90  ? 77  SER A CA  1 
ATOM   572  C  C   . SER A 1 77  ? -5.806  6.254   10.083  1.00 16.06  ? 77  SER A C   1 
ATOM   573  O  O   . SER A 1 77  ? -5.160  5.592   9.286   1.00 15.66  ? 77  SER A O   1 
ATOM   574  C  CB  . SER A 1 77  ? -5.964  8.750   9.681   1.00 16.01  ? 77  SER A CB  1 
ATOM   575  O  OG  . SER A 1 77  ? -5.557  8.688   8.332   1.00 15.80  ? 77  SER A OG  1 
ATOM   576  N  N   . LYS A 1 78  ? -6.973  5.856   10.573  1.00 14.94  ? 78  LYS A N   1 
ATOM   577  C  CA  . LYS A 1 78  ? -7.645  4.612   10.111  1.00 14.77  ? 78  LYS A CA  1 
ATOM   578  C  C   . LYS A 1 78  ? -8.009  4.742   8.643   1.00 15.55  ? 78  LYS A C   1 
ATOM   579  O  O   . LYS A 1 78  ? -8.263  5.820   8.170   1.00 16.84  ? 78  LYS A O   1 
ATOM   580  C  CB  . LYS A 1 78  ? -8.853  4.406   11.028  1.00 16.63  ? 78  LYS A CB  1 
ATOM   581  C  CG  . LYS A 1 78  ? -8.480  3.962   12.427  1.00 18.62  ? 78  LYS A CG  1 
ATOM   582  C  CD  . LYS A 1 78  ? -9.694  3.727   13.340  1.00 23.00  ? 78  LYS A CD  1 
ATOM   583  C  CE  . LYS A 1 78  ? -9.195  3.125   14.635  1.00 25.68  ? 78  LYS A CE  1 
ATOM   584  N  NZ  . LYS A 1 78  ? -10.279 2.707   15.565  1.00 30.63  ? 78  LYS A NZ  1 
ATOM   585  N  N   . PRO A 1 79  ? -8.066  3.620   7.909   1.00 14.77  ? 79  PRO A N   1 
ATOM   586  C  CA  . PRO A 1 79  ? -8.359  3.666   6.480   1.00 14.95  ? 79  PRO A CA  1 
ATOM   587  C  C   . PRO A 1 79  ? -9.691  4.384   6.226   1.00 15.26  ? 79  PRO A C   1 
ATOM   588  O  O   . PRO A 1 79  ? -10.679 4.098   6.892   1.00 17.09  ? 79  PRO A O   1 
ATOM   589  C  CB  . PRO A 1 79  ? -8.515  2.197   6.099   1.00 15.69  ? 79  PRO A CB  1 
ATOM   590  C  CG  . PRO A 1 79  ? -7.652  1.446   7.109   1.00 17.09  ? 79  PRO A CG  1 
ATOM   591  C  CD  . PRO A 1 79  ? -7.821  2.261   8.389   1.00 15.82  ? 79  PRO A CD  1 
ATOM   592  N  N   A SER A 1 80  ? -9.697  5.352   5.304   0.25 15.71  ? 80  SER A N   1 
ATOM   593  N  N   B SER A 1 80  ? -9.721  5.303   5.265   0.25 15.58  ? 80  SER A N   1 
ATOM   594  C  CA  A SER A 1 80  ? -10.875 6.207   4.998   0.25 16.89  ? 80  SER A CA  1 
ATOM   595  C  CA  B SER A 1 80  ? -10.941 6.084   4.950   0.25 16.66  ? 80  SER A CA  1 
ATOM   596  C  C   A SER A 1 80  ? -10.885 6.605   3.520   0.25 16.16  ? 80  SER A C   1 
ATOM   597  C  C   B SER A 1 80  ? -10.886 6.607   3.515   0.25 16.05  ? 80  SER A C   1 
ATOM   598  O  O   A SER A 1 80  ? -9.897  6.328   2.800   0.25 15.39  ? 80  SER A O   1 
ATOM   599  O  O   B SER A 1 80  ? -9.864  6.404   2.816   0.25 15.23  ? 80  SER A O   1 
ATOM   600  C  CB  A SER A 1 80  ? -10.904 7.448   5.866   0.25 18.00  ? 80  SER A CB  1 
ATOM   601  C  CB  B SER A 1 80  ? -11.126 7.209   5.941   0.25 17.64  ? 80  SER A CB  1 
ATOM   602  O  OG  A SER A 1 80  ? -9.878  7.436   6.845   0.25 20.08  ? 80  SER A OG  1 
ATOM   603  O  OG  B SER A 1 80  ? -10.909 6.765   7.271   0.25 19.59  ? 80  SER A OG  1 
ATOM   604  N  N   . LEU A 1 81  ? -11.976 7.254   3.105   1.00 16.90  ? 81  LEU A N   1 
ATOM   605  C  CA  . LEU A 1 81  ? -12.161 7.811   1.771   1.00 16.80  ? 81  LEU A CA  1 
ATOM   606  C  C   . LEU A 1 81  ? -11.646 9.237   1.788   1.00 18.70  ? 81  LEU A C   1 
ATOM   607  O  O   . LEU A 1 81  ? -12.193 10.091  2.518   1.00 19.88  ? 81  LEU A O   1 
ATOM   608  C  CB  . LEU A 1 81  ? -13.649 7.730   1.475   1.00 19.16  ? 81  LEU A CB  1 
ATOM   609  C  CG  . LEU A 1 81  ? -14.035 8.010   0.027   1.00 20.90  ? 81  LEU A CG  1 
ATOM   610  C  CD1 . LEU A 1 81  ? -13.541 6.890   -0.891  1.00 22.09  ? 81  LEU A CD1 1 
ATOM   611  C  CD2 . LEU A 1 81  ? -15.539 8.180   -0.066  1.00 24.25  ? 81  LEU A CD2 1 
ATOM   612  N  N   . ILE A 1 82  ? -10.645 9.507   0.977   1.00 17.23  ? 82  ILE A N   1 
ATOM   613  C  CA  . ILE A 1 82  ? -9.890  10.781  1.044   1.00 18.57  ? 82  ILE A CA  1 
ATOM   614  C  C   . ILE A 1 82  ? -9.781  11.333  -0.367  1.00 18.98  ? 82  ILE A C   1 
ATOM   615  O  O   . ILE A 1 82  ? -9.445  10.598  -1.293  1.00 17.16  ? 82  ILE A O   1 
ATOM   616  C  CB  . ILE A 1 82  ? -8.501  10.552  1.677   1.00 19.85  ? 82  ILE A CB  1 
ATOM   617  C  CG1 . ILE A 1 82  ? -8.606  9.982   3.099   1.00 22.88  ? 82  ILE A CG1 1 
ATOM   618  C  CG2 . ILE A 1 82  ? -7.654  11.807  1.602   1.00 22.49  ? 82  ILE A CG2 1 
ATOM   619  C  CD1 . ILE A 1 82  ? -9.147  10.951  4.089   1.00 28.08  ? 82  ILE A CD1 1 
ATOM   620  N  N   . PHE A 1 83  ? -10.044 12.624  -0.540  0.74 17.93  ? 83  PHE A N   1 
ATOM   621  C  CA  . PHE A 1 83  ? -9.833  13.284  -1.844  0.74 19.78  ? 83  PHE A CA  1 
ATOM   622  C  C   . PHE A 1 83  ? -8.327  13.426  -2.061  0.74 18.57  ? 83  PHE A C   1 
ATOM   623  O  O   . PHE A 1 83  ? -7.603  13.904  -1.160  0.74 19.54  ? 83  PHE A O   1 
ATOM   624  C  CB  . PHE A 1 83  ? -10.515 14.646  -1.955  0.74 21.16  ? 83  PHE A CB  1 
ATOM   625  C  CG  . PHE A 1 83  ? -10.659 15.052  -3.399  0.74 22.91  ? 83  PHE A CG  1 
ATOM   626  C  CD1 . PHE A 1 83  ? -11.491 14.341  -4.254  0.74 23.27  ? 83  PHE A CD1 1 
ATOM   627  C  CD2 . PHE A 1 83  ? -9.911  16.095  -3.916  0.74 24.64  ? 83  PHE A CD2 1 
ATOM   628  C  CE1 . PHE A 1 83  ? -11.607 14.697  -5.590  0.74 23.13  ? 83  PHE A CE1 1 
ATOM   629  C  CE2 . PHE A 1 83  ? -10.016 16.438  -5.255  0.74 23.83  ? 83  PHE A CE2 1 
ATOM   630  C  CZ  . PHE A 1 83  ? -10.866 15.749  -6.084  0.74 23.16  ? 83  PHE A CZ  1 
ATOM   631  N  N   . VAL A 1 84  ? -7.870  12.977  -3.228  1.00 18.39  ? 84  VAL A N   1 
ATOM   632  C  CA  . VAL A 1 84  ? -6.451  12.983  -3.617  1.00 18.06  ? 84  VAL A CA  1 
ATOM   633  C  C   . VAL A 1 84  ? -6.330  13.782  -4.896  1.00 17.92  ? 84  VAL A C   1 
ATOM   634  O  O   . VAL A 1 84  ? -7.050  13.511  -5.851  1.00 18.17  ? 84  VAL A O   1 
ATOM   635  C  CB  . VAL A 1 84  ? -5.941  11.539  -3.758  1.00 16.80  ? 84  VAL A CB  1 
ATOM   636  C  CG1 . VAL A 1 84  ? -4.501  11.532  -4.290  1.00 17.55  ? 84  VAL A CG1 1 
ATOM   637  C  CG2 . VAL A 1 84  ? -6.090  10.781  -2.439  1.00 18.00  ? 84  VAL A CG2 1 
ATOM   638  N  N   . GLU A 1 85  ? -5.423  14.753  -4.898  0.74 17.67  ? 85  GLU A N   1 
ATOM   639  C  CA  . GLU A 1 85  ? -5.197  15.600  -6.089  0.74 18.29  ? 85  GLU A CA  1 
ATOM   640  C  C   . GLU A 1 85  ? -4.663  14.746  -7.241  0.74 17.17  ? 85  GLU A C   1 
ATOM   641  O  O   . GLU A 1 85  ? -4.077  13.642  -7.012  0.74 17.76  ? 85  GLU A O   1 
ATOM   642  C  CB  . GLU A 1 85  ? -4.286  16.776  -5.744  0.74 20.12  ? 85  GLU A CB  1 
ATOM   643  C  CG  . GLU A 1 85  ? -4.951  17.810  -4.838  0.74 23.30  ? 85  GLU A CG  1 
ATOM   644  C  CD  . GLU A 1 85  ? -6.306  18.337  -5.309  0.74 24.76  ? 85  GLU A CD  1 
ATOM   645  O  OE1 . GLU A 1 85  ? -6.411  18.736  -6.487  0.74 27.37  ? 85  GLU A OE1 1 
ATOM   646  O  OE2 . GLU A 1 85  ? -7.276  18.322  -4.504  0.74 27.07  ? 85  GLU A OE2 1 
ATOM   647  N  N   . ALA A 1 86  ? -4.896  15.208  -8.463  0.74 16.73  ? 86  ALA A N   1 
ATOM   648  C  CA  . ALA A 1 86  ? -4.388  14.543  -9.681  0.74 16.71  ? 86  ALA A CA  1 
ATOM   649  C  C   . ALA A 1 86  ? -2.895  14.242  -9.540  0.74 16.14  ? 86  ALA A C   1 
ATOM   650  O  O   . ALA A 1 86  ? -2.130  15.014  -8.953  0.74 16.72  ? 86  ALA A O   1 
ATOM   651  C  CB  . ALA A 1 86  ? -4.651  15.368  -10.910 0.74 16.46  ? 86  ALA A CB  1 
ATOM   652  N  N   . SER A 1 87  ? -2.486  13.101  -10.080 0.74 15.91  ? 87  SER A N   1 
ATOM   653  C  CA  . SER A 1 87  ? -1.070  12.695  -10.193 0.74 15.26  ? 87  SER A CA  1 
ATOM   654  C  C   . SER A 1 87  ? -0.780  12.348  -11.651 0.74 14.63  ? 87  SER A C   1 
ATOM   655  O  O   . SER A 1 87  ? -1.670  12.510  -12.508 0.74 15.79  ? 87  SER A O   1 
ATOM   656  C  CB  . SER A 1 87  ? -0.785  11.531  -9.290  0.74 14.91  ? 87  SER A CB  1 
ATOM   657  O  OG  . SER A 1 87  ? -1.514  10.376  -9.700  0.74 14.45  ? 87  SER A OG  1 
ATOM   658  N  N   . GLU A 1 88  ? 0.411   11.819  -11.921 0.74 14.52  ? 88  GLU A N   1 
ATOM   659  C  CA  . GLU A 1 88  ? 0.767   11.282  -13.254 0.74 15.34  ? 88  GLU A CA  1 
ATOM   660  C  C   . GLU A 1 88  ? -0.148  10.107  -13.620 0.74 14.65  ? 88  GLU A C   1 
ATOM   661  O  O   . GLU A 1 88  ? -0.308  9.843   -14.809 0.74 16.08  ? 88  GLU A O   1 
ATOM   662  C  CB  . GLU A 1 88  ? 2.241   10.880  -13.275 0.74 17.39  ? 88  GLU A CB  1 
ATOM   663  C  CG  . GLU A 1 88  ? 2.679   10.297  -14.607 0.74 20.88  ? 88  GLU A CG  1 
ATOM   664  C  CD  . GLU A 1 88  ? 4.102   9.768   -14.696 0.74 23.71  ? 88  GLU A CD  1 
ATOM   665  O  OE1 . GLU A 1 88  ? 4.926   10.062  -13.797 0.74 25.46  ? 88  GLU A OE1 1 
ATOM   666  O  OE2 . GLU A 1 88  ? 4.375   9.022   -15.669 0.74 27.87  ? 88  GLU A OE2 1 
ATOM   667  N  N   . TYR A 1 89  ? -0.762  9.435   -12.650 0.74 13.23  ? 89  TYR A N   1 
ATOM   668  C  CA  . TYR A 1 89  ? -1.385  8.112   -12.879 0.74 13.89  ? 89  TYR A CA  1 
ATOM   669  C  C   . TYR A 1 89  ? -2.896  8.165   -12.711 0.74 13.83  ? 89  TYR A C   1 
ATOM   670  O  O   . TYR A 1 89  ? -3.563  7.265   -13.179 0.74 14.69  ? 89  TYR A O   1 
ATOM   671  C  CB  . TYR A 1 89  ? -0.793  7.091   -11.916 0.74 15.04  ? 89  TYR A CB  1 
ATOM   672  C  CG  . TYR A 1 89  ? 0.695   6.952   -12.060 0.74 15.06  ? 89  TYR A CG  1 
ATOM   673  C  CD1 . TYR A 1 89  ? 1.212   6.157   -13.055 0.74 14.94  ? 89  TYR A CD1 1 
ATOM   674  C  CD2 . TYR A 1 89  ? 1.572   7.652   -11.245 0.74 15.02  ? 89  TYR A CD2 1 
ATOM   675  C  CE1 . TYR A 1 89  ? 2.575   6.023   -13.231 0.74 16.53  ? 89  TYR A CE1 1 
ATOM   676  C  CE2 . TYR A 1 89  ? 2.943   7.534   -11.406 0.74 16.49  ? 89  TYR A CE2 1 
ATOM   677  C  CZ  . TYR A 1 89  ? 3.438   6.708   -12.396 0.74 16.78  ? 89  TYR A CZ  1 
ATOM   678  O  OH  . TYR A 1 89  ? 4.788   6.564   -12.559 0.74 19.85  ? 89  TYR A OH  1 
ATOM   679  N  N   . TYR A 1 90  ? -3.415  9.151   -11.989 0.74 12.68  ? 90  TYR A N   1 
ATOM   680  C  CA  . TYR A 1 90  ? -4.867  9.253   -11.719 0.74 12.84  ? 90  TYR A CA  1 
ATOM   681  C  C   . TYR A 1 90  ? -5.274  10.709  -11.784 0.74 13.37  ? 90  TYR A C   1 
ATOM   682  O  O   . TYR A 1 90  ? -4.529  11.584  -11.361 0.74 13.01  ? 90  TYR A O   1 
ATOM   683  C  CB  . TYR A 1 90  ? -5.270  8.720   -10.343 0.74 12.77  ? 90  TYR A CB  1 
ATOM   684  C  CG  . TYR A 1 90  ? -4.947  7.276   -10.082 0.74 12.46  ? 90  TYR A CG  1 
ATOM   685  C  CD1 . TYR A 1 90  ? -5.759  6.265   -10.552 0.74 13.03  ? 90  TYR A CD1 1 
ATOM   686  C  CD2 . TYR A 1 90  ? -3.861  6.924   -9.306  0.74 12.49  ? 90  TYR A CD2 1 
ATOM   687  C  CE1 . TYR A 1 90  ? -5.487  4.934   -10.306 0.74 12.49  ? 90  TYR A CE1 1 
ATOM   688  C  CE2 . TYR A 1 90  ? -3.562  5.593   -9.066  0.74 12.03  ? 90  TYR A CE2 1 
ATOM   689  C  CZ  . TYR A 1 90  ? -4.367  4.590   -9.570  0.74 12.17  ? 90  TYR A CZ  1 
ATOM   690  O  OH  . TYR A 1 90  ? -4.104  3.274   -9.323  0.74 12.58  ? 90  TYR A OH  1 
ATOM   691  N  N   . PRO A 1 91  ? -6.508  10.989  -12.247 0.74 14.09  ? 91  PRO A N   1 
ATOM   692  C  CA  . PRO A 1 91  ? -7.077  12.319  -12.070 0.74 15.14  ? 91  PRO A CA  1 
ATOM   693  C  C   . PRO A 1 91  ? -7.413  12.559  -10.599 0.74 15.54  ? 91  PRO A C   1 
ATOM   694  O  O   . PRO A 1 91  ? -7.350  11.628  -9.813  0.74 14.86  ? 91  PRO A O   1 
ATOM   695  C  CB  . PRO A 1 91  ? -8.372  12.260  -12.886 0.74 15.22  ? 91  PRO A CB  1 
ATOM   696  C  CG  . PRO A 1 91  ? -8.775  10.809  -12.816 0.74 15.46  ? 91  PRO A CG  1 
ATOM   697  C  CD  . PRO A 1 91  ? -7.463  10.036  -12.844 0.74 14.73  ? 91  PRO A CD  1 
ATOM   698  N  N   . ALA A 1 92  ? -7.770  13.788  -10.245 0.74 17.12  ? 92  ALA A N   1 
ATOM   699  C  CA  . ALA A 1 92  ? -8.218  14.129  -8.875  0.74 17.57  ? 92  ALA A CA  1 
ATOM   700  C  C   . ALA A 1 92  ? -9.462  13.287  -8.590  0.74 18.06  ? 92  ALA A C   1 
ATOM   701  O  O   . ALA A 1 92  ? -10.385 13.276  -9.429  0.74 18.33  ? 92  ALA A O   1 
ATOM   702  C  CB  . ALA A 1 92  ? -8.490  15.606  -8.751  0.74 18.48  ? 92  ALA A CB  1 
ATOM   703  N  N   . ARG A 1 93  ? -9.475  12.556  -7.473  0.74 17.39  ? 93  ARG A N   1 
ATOM   704  C  CA  . ARG A 1 93  ? -10.583 11.627  -7.167  0.74 17.94  ? 93  ARG A CA  1 
ATOM   705  C  C   . ARG A 1 93  ? -10.545 11.280  -5.690  0.74 16.96  ? 93  ARG A C   1 
ATOM   706  O  O   . ARG A 1 93  ? -9.489  11.508  -5.058  0.74 17.35  ? 93  ARG A O   1 
ATOM   707  C  CB  . ARG A 1 93  ? -10.436 10.344  -7.977  0.74 18.71  ? 93  ARG A CB  1 
ATOM   708  C  CG  . ARG A 1 93  ? -9.265  9.511   -7.489  0.74 21.03  ? 93  ARG A CG  1 
ATOM   709  C  CD  . ARG A 1 93  ? -8.867  8.399   -8.414  0.74 21.18  ? 93  ARG A CD  1 
ATOM   710  N  NE  . ARG A 1 93  ? -7.890  7.649   -7.648  0.74 22.79  ? 93  ARG A NE  1 
ATOM   711  C  CZ  . ARG A 1 93  ? -7.611  6.374   -7.781  0.74 26.65  ? 93  ARG A CZ  1 
ATOM   712  N  NH1 . ARG A 1 93  ? -8.249  5.649   -8.687  0.74 29.06  ? 93  ARG A NH1 1 
ATOM   713  N  NH2 . ARG A 1 93  ? -6.698  5.836   -6.976  0.74 22.37  ? 93  ARG A NH2 1 
ATOM   714  N  N   . TYR A 1 94  ? -11.591 10.604  -5.225  1.00 18.66  ? 94  TYR A N   1 
ATOM   715  C  CA  . TYR A 1 94  ? -11.628 10.023  -3.867  1.00 18.03  ? 94  TYR A CA  1 
ATOM   716  C  C   . TYR A 1 94  ? -10.938 8.665   -3.914  1.00 18.12  ? 94  TYR A C   1 
ATOM   717  O  O   . TYR A 1 94  ? -11.332 7.766   -4.700  1.00 19.46  ? 94  TYR A O   1 
ATOM   718  C  CB  . TYR A 1 94  ? -13.058 9.939   -3.336  1.00 19.08  ? 94  TYR A CB  1 
ATOM   719  C  CG  . TYR A 1 94  ? -13.581 11.291  -2.954  1.00 22.12  ? 94  TYR A CG  1 
ATOM   720  C  CD1 . TYR A 1 94  ? -13.280 11.862  -1.738  1.00 22.43  ? 94  TYR A CD1 1 
ATOM   721  C  CD2 . TYR A 1 94  ? -14.339 12.029  -3.851  1.00 23.29  ? 94  TYR A CD2 1 
ATOM   722  C  CE1 . TYR A 1 94  ? -13.723 13.130  -1.407  1.00 24.94  ? 94  TYR A CE1 1 
ATOM   723  C  CE2 . TYR A 1 94  ? -14.799 13.301  -3.538  1.00 27.41  ? 94  TYR A CE2 1 
ATOM   724  C  CZ  . TYR A 1 94  ? -14.498 13.851  -2.300  1.00 28.66  ? 94  TYR A CZ  1 
ATOM   725  O  OH  . TYR A 1 94  ? -14.897 15.121  -1.998  1.00 29.30  ? 94  TYR A OH  1 
ATOM   726  N  N   . GLN A 1 95  ? -9.893  8.540   -3.113  1.00 16.67  ? 95  GLN A N   1 
ATOM   727  C  CA  . GLN A 1 95  ? -9.200  7.249   -2.924  1.00 16.80  ? 95  GLN A CA  1 
ATOM   728  C  C   . GLN A 1 95  ? -9.712  6.602   -1.633  1.00 14.71  ? 95  GLN A C   1 
ATOM   729  O  O   . GLN A 1 95  ? -9.798  7.325   -0.588  1.00 16.36  ? 95  GLN A O   1 
ATOM   730  C  CB  . GLN A 1 95  ? -7.688  7.451   -2.896  1.00 17.60  ? 95  GLN A CB  1 
ATOM   731  C  CG  . GLN A 1 95  ? -6.916  6.146   -2.854  1.00 18.77  ? 95  GLN A CG  1 
ATOM   732  C  CD  . GLN A 1 95  ? -5.463  6.177   -3.293  1.00 18.08  ? 95  GLN A CD  1 
ATOM   733  O  OE1 . GLN A 1 95  ? -5.066  6.912   -4.196  1.00 20.61  ? 95  GLN A OE1 1 
ATOM   734  N  NE2 . GLN A 1 95  ? -4.698  5.285   -2.707  1.00 15.93  ? 95  GLN A NE2 1 
ATOM   735  N  N   . SER A 1 96  ? -10.087 5.328   -1.726  1.00 14.56  ? 96  SER A N   1 
ATOM   736  C  CA  . SER A 1 96  ? -10.645 4.570   -0.574  1.00 14.47  ? 96  SER A CA  1 
ATOM   737  C  C   . SER A 1 96  ? -9.563  3.767   0.165   1.00 13.42  ? 96  SER A C   1 
ATOM   738  O  O   . SER A 1 96  ? -8.486  3.473   -0.395  1.00 13.16  ? 96  SER A O   1 
ATOM   739  C  CB  . SER A 1 96  ? -11.775 3.654   -0.993  1.00 15.19  ? 96  SER A CB  1 
ATOM   740  O  OG  . SER A 1 96  ? -11.321 2.699   -1.933  1.00 18.11  ? 96  SER A OG  1 
ATOM   741  N  N   . HIS A 1 97  ? -9.842  3.394   1.385   1.00 13.01  ? 97  HIS A N   1 
ATOM   742  C  CA  . HIS A 1 97  ? -8.990  2.522   2.232   1.00 13.46  ? 97  HIS A CA  1 
ATOM   743  C  C   . HIS A 1 97  ? -7.614  3.165   2.395   1.00 14.57  ? 97  HIS A C   1 
ATOM   744  O  O   . HIS A 1 97  ? -6.620  2.432   2.349   1.00 13.90  ? 97  HIS A O   1 
ATOM   745  C  CB  . HIS A 1 97  ? -8.946  1.119   1.634   1.00 15.65  ? 97  HIS A CB  1 
ATOM   746  C  CG  . HIS A 1 97  ? -10.280 0.435   1.571   1.00 15.09  ? 97  HIS A CG  1 
ATOM   747  N  ND1 . HIS A 1 97  ? -10.735 -0.460  2.550   1.00 15.79  ? 97  HIS A ND1 1 
ATOM   748  C  CD2 . HIS A 1 97  ? -11.232 0.532   0.617   1.00 15.63  ? 97  HIS A CD2 1 
ATOM   749  C  CE1 . HIS A 1 97  ? -11.932 -0.885  2.141   1.00 17.00  ? 97  HIS A CE1 1 
ATOM   750  N  NE2 . HIS A 1 97  ? -12.299 -0.240  1.000   1.00 17.27  ? 97  HIS A NE2 1 
ATOM   751  N  N   . LEU A 1 98  ? -7.589  4.487   2.496   1.00 14.10  ? 98  LEU A N   1 
ATOM   752  C  CA  . LEU A 1 98  ? -6.326  5.262   2.536   1.00 14.39  ? 98  LEU A CA  1 
ATOM   753  C  C   . LEU A 1 98  ? -6.073  5.766   3.955   1.00 13.84  ? 98  LEU A C   1 
ATOM   754  O  O   . LEU A 1 98  ? -7.009  6.275   4.636   1.00 13.54  ? 98  LEU A O   1 
ATOM   755  C  CB  . LEU A 1 98  ? -6.415  6.435   1.565   1.00 14.16  ? 98  LEU A CB  1 
ATOM   756  C  CG  . LEU A 1 98  ? -5.106  7.212   1.390   1.00 16.08  ? 98  LEU A CG  1 
ATOM   757  C  CD1 . LEU A 1 98  ? -4.063  6.346   0.712   1.00 15.70  ? 98  LEU A CD1 1 
ATOM   758  C  CD2 . LEU A 1 98  ? -5.365  8.457   0.544   1.00 17.35  ? 98  LEU A CD2 1 
ATOM   759  N  N   . MET A 1 99  ? -4.838  5.606   4.442   1.00 12.92  ? 99  MET A N   1 
ATOM   760  C  CA  . MET A 1 99  ? -4.371  6.025   5.770   1.00 14.27  ? 99  MET A CA  1 
ATOM   761  C  C   . MET A 1 99  ? -3.393  7.170   5.610   1.00 14.20  ? 99  MET A C   1 
ATOM   762  O  O   . MET A 1 99  ? -2.491  7.000   4.788   1.00 14.11  ? 99  MET A O   1 
ATOM   763  C  CB  . MET A 1 99  ? -3.729  4.875   6.545   1.00 13.65  ? 99  MET A CB  1 
ATOM   764  C  CG  . MET A 1 99  ? -4.641  3.676   6.670   1.00 15.03  ? 99  MET A CG  1 
ATOM   765  S  SD  . MET A 1 99  ? -3.867  2.217   7.285   1.00 15.78  ? 99  MET A SD  1 
ATOM   766  C  CE  . MET A 1 99  ? -2.876  1.774   5.876   1.00 13.31  ? 99  MET A CE  1 
ATOM   767  N  N   . LEU A 1 100 ? -3.474  8.217   6.401   1.00 14.52  ? 100 LEU A N   1 
ATOM   768  C  CA  . LEU A 1 100 ? -2.566  9.388   6.270   1.00 13.60  ? 100 LEU A CA  1 
ATOM   769  C  C   . LEU A 1 100 ? -1.674  9.455   7.504   1.00 14.28  ? 100 LEU A C   1 
ATOM   770  O  O   . LEU A 1 100 ? -2.111  9.226   8.666   1.00 14.49  ? 100 LEU A O   1 
ATOM   771  C  CB  . LEU A 1 100 ? -3.348  10.691  6.124   1.00 15.29  ? 100 LEU A CB  1 
ATOM   772  C  CG  . LEU A 1 100 ? -4.161  10.824  4.845   1.00 16.93  ? 100 LEU A CG  1 
ATOM   773  C  CD1 . LEU A 1 100 ? -4.954  12.126  4.805   1.00 21.58  ? 100 LEU A CD1 1 
ATOM   774  C  CD2 . LEU A 1 100 ? -3.302  10.727  3.607   1.00 18.04  ? 100 LEU A CD2 1 
ATOM   775  N  N   . ALA A 1 101 ? -0.468  9.925   7.266   1.00 14.06  ? 101 ALA A N   1 
ATOM   776  C  CA  . ALA A 1 101 ? 0.511   10.240  8.283   1.00 13.72  ? 101 ALA A CA  1 
ATOM   777  C  C   . ALA A 1 101 ? 1.220   11.529  7.871   1.00 14.10  ? 101 ALA A C   1 
ATOM   778  O  O   . ALA A 1 101 ? 1.241   11.892  6.645   1.00 13.74  ? 101 ALA A O   1 
ATOM   779  C  CB  . ALA A 1 101 ? 1.497   9.126   8.523   1.00 13.94  ? 101 ALA A CB  1 
ATOM   780  N  N   . VAL A 1 102 ? 1.763   12.180  8.849   1.00 14.12  ? 102 VAL A N   1 
ATOM   781  C  CA  . VAL A 1 102 ? 2.655   13.337  8.640   1.00 13.56  ? 102 VAL A CA  1 
ATOM   782  C  C   . VAL A 1 102 ? 4.042   12.745  8.361   1.00 13.52  ? 102 VAL A C   1 
ATOM   783  O  O   . VAL A 1 102 ? 4.628   12.094  9.226   1.00 14.97  ? 102 VAL A O   1 
ATOM   784  C  CB  . VAL A 1 102 ? 2.618   14.295  9.845   1.00 14.35  ? 102 VAL A CB  1 
ATOM   785  C  CG1 . VAL A 1 102 ? 3.613   15.433  9.674   1.00 14.66  ? 102 VAL A CG1 1 
ATOM   786  C  CG2 . VAL A 1 102 ? 1.236   14.850  10.082  1.00 14.62  ? 102 VAL A CG2 1 
ATOM   787  N  N   . GLY A 1 103 ? 4.528   12.977  7.168   1.00 14.25  ? 103 GLY A N   1 
ATOM   788  C  CA  . GLY A 1 103 ? 5.847   12.475  6.816   1.00 14.02  ? 103 GLY A CA  1 
ATOM   789  C  C   . GLY A 1 103 ? 6.135   12.791  5.374   1.00 14.67  ? 103 GLY A C   1 
ATOM   790  O  O   . GLY A 1 103 ? 5.300   13.350  4.645   1.00 16.47  ? 103 GLY A O   1 
ATOM   791  N  N   . HIS A 1 104 ? 7.350   12.427  4.946   1.00 15.28  ? 104 HIS A N   1 
ATOM   792  C  CA  . HIS A 1 104 ? 7.864   12.722  3.600   1.00 15.48  ? 104 HIS A CA  1 
ATOM   793  C  C   . HIS A 1 104 ? 7.474   11.607  2.629   1.00 13.42  ? 104 HIS A C   1 
ATOM   794  O  O   . HIS A 1 104 ? 7.672   10.424  2.913   1.00 15.76  ? 104 HIS A O   1 
ATOM   795  C  CB  . HIS A 1 104 ? 9.381   12.878  3.629   1.00 15.93  ? 104 HIS A CB  1 
ATOM   796  C  CG  . HIS A 1 104 ? 9.853   13.348  2.306   1.00 16.07  ? 104 HIS A CG  1 
ATOM   797  N  ND1 . HIS A 1 104 ? 9.484   14.584  1.815   1.00 17.01  ? 104 HIS A ND1 1 
ATOM   798  C  CD2 . HIS A 1 104 ? 10.566  12.731  1.337   1.00 16.60  ? 104 HIS A CD2 1 
ATOM   799  C  CE1 . HIS A 1 104 ? 9.974   14.702  0.579   1.00 16.55  ? 104 HIS A CE1 1 
ATOM   800  N  NE2 . HIS A 1 104 ? 10.599  13.561  0.259   1.00 16.54  ? 104 HIS A NE2 1 
ATOM   801  N  N   . SER A 1 105 ? 7.002   11.960  1.451   1.00 14.82  ? 105 SER A N   1 
ATOM   802  C  CA  . SER A 1 105 ? 6.518   11.086  0.374   1.00 17.40  ? 105 SER A CA  1 
ATOM   803  C  C   . SER A 1 105 ? 6.796   11.825  -0.929  1.00 16.40  ? 105 SER A C   1 
ATOM   804  O  O   . SER A 1 105 ? 6.526   13.052  -0.964  1.00 18.82  ? 105 SER A O   1 
ATOM   805  C  CB  . SER A 1 105 ? 4.981   10.779  0.542   1.00 16.52  ? 105 SER A CB  1 
ATOM   806  O  OG  . SER A 1 105 ? 4.546   9.699   -0.304  1.00 27.18  ? 105 SER A OG  1 
ATOM   807  N  N   . GLU A 1 106 ? 7.349   11.125  -1.906  1.00 14.01  ? 106 GLU A N   1 
ATOM   808  C  CA  . GLU A 1 106 ? 7.459   11.523  -3.336  1.00 14.76  ? 106 GLU A CA  1 
ATOM   809  C  C   . GLU A 1 106 ? 6.932   10.367  -4.173  1.00 13.24  ? 106 GLU A C   1 
ATOM   810  O  O   . GLU A 1 106 ? 6.812   9.236   -3.705  1.00 14.18  ? 106 GLU A O   1 
ATOM   811  C  CB  . GLU A 1 106 ? 8.933   11.777  -3.701  1.00 16.68  ? 106 GLU A CB  1 
ATOM   812  C  CG  . GLU A 1 106 ? 9.511   12.925  -2.909  1.00 19.27  ? 106 GLU A CG  1 
ATOM   813  C  CD  . GLU A 1 106 ? 10.968  13.241  -3.171  1.00 20.18  ? 106 GLU A CD  1 
ATOM   814  O  OE1 . GLU A 1 106 ? 11.416  13.010  -4.302  1.00 23.97  ? 106 GLU A OE1 1 
ATOM   815  O  OE2 . GLU A 1 106 ? 11.655  13.594  -2.228  1.00 18.01  ? 106 GLU A OE2 1 
ATOM   816  N  N   . PRO A 1 107 ? 6.505   10.607  -5.429  1.00 15.16  ? 107 PRO A N   1 
ATOM   817  C  CA  . PRO A 1 107 ? 5.853   9.542   -6.179  1.00 15.34  ? 107 PRO A CA  1 
ATOM   818  C  C   . PRO A 1 107 ? 6.610   8.212   -6.167  1.00 14.90  ? 107 PRO A C   1 
ATOM   819  O  O   . PRO A 1 107 ? 5.976   7.129   -6.056  1.00 14.80  ? 107 PRO A O   1 
ATOM   820  C  CB  . PRO A 1 107 ? 5.758   10.171  -7.570  1.00 17.31  ? 107 PRO A CB  1 
ATOM   821  C  CG  . PRO A 1 107 ? 5.516   11.616  -7.254  1.00 17.15  ? 107 PRO A CG  1 
ATOM   822  C  CD  . PRO A 1 107 ? 6.441   11.933  -6.094  1.00 16.24  ? 107 PRO A CD  1 
ATOM   823  N  N   . GLY A 1 108 ? 7.952   8.229   -6.337  1.00 14.47  ? 108 GLY A N   1 
ATOM   824  C  CA  . GLY A 1 108 ? 8.736   7.011   -6.456  1.00 15.05  ? 108 GLY A CA  1 
ATOM   825  C  C   . GLY A 1 108 ? 8.900   6.299   -5.113  1.00 13.40  ? 108 GLY A C   1 
ATOM   826  O  O   . GLY A 1 108 ? 9.360   5.195   -5.124  1.00 15.60  ? 108 GLY A O   1 
ATOM   827  N  N   . ASP A 1 109 ? 8.333   6.867   -4.054  1.00 11.88  ? 109 ASP A N   1 
ATOM   828  C  CA  . ASP A 1 109 ? 8.202   6.195   -2.729  1.00 13.05  ? 109 ASP A CA  1 
ATOM   829  C  C   . ASP A 1 109 ? 7.052   5.217   -2.710  1.00 11.48  ? 109 ASP A C   1 
ATOM   830  O  O   . ASP A 1 109 ? 7.005   4.385   -1.800  1.00 11.73  ? 109 ASP A O   1 
ATOM   831  C  CB  . ASP A 1 109 ? 8.054   7.200   -1.582  1.00 12.36  ? 109 ASP A CB  1 
ATOM   832  C  CG  . ASP A 1 109 ? 9.299   8.014   -1.342  1.00 13.17  ? 109 ASP A CG  1 
ATOM   833  O  OD1 . ASP A 1 109 ? 10.393  7.425   -1.480  1.00 13.58  ? 109 ASP A OD1 1 
ATOM   834  O  OD2 . ASP A 1 109 ? 9.182   9.233   -0.998  1.00 12.85  ? 109 ASP A OD2 1 
ATOM   835  N  N   . CYS A 1 110 ? 6.149   5.308   -3.676  1.00 12.14  ? 110 CYS A N   1 
ATOM   836  C  CA  . CYS A 1 110 ? 5.079   4.273   -3.780  1.00 11.82  ? 110 CYS A CA  1 
ATOM   837  C  C   . CYS A 1 110 ? 5.634   2.858   -3.711  1.00 12.62  ? 110 CYS A C   1 
ATOM   838  O  O   . CYS A 1 110 ? 6.641   2.522   -4.385  1.00 13.23  ? 110 CYS A O   1 
ATOM   839  C  CB  . CYS A 1 110 ? 4.163   4.434   -4.982  1.00 11.65  ? 110 CYS A CB  1 
ATOM   840  S  SG  . CYS A 1 110 ? 3.120   5.922   -4.890  1.00 14.19  ? 110 CYS A SG  1 
ATOM   841  N  N   . GLY A 1 111 ? 4.982   2.045   -2.921  1.00 12.44  ? 111 GLY A N   1 
ATOM   842  C  CA  . GLY A 1 111 ? 5.364   0.646   -2.692  1.00 12.40  ? 111 GLY A CA  1 
ATOM   843  C  C   . GLY A 1 111 ? 6.150   0.476   -1.414  1.00 12.92  ? 111 GLY A C   1 
ATOM   844  O  O   . GLY A 1 111 ? 6.327   -0.663  -0.984  1.00 14.32  ? 111 GLY A O   1 
ATOM   845  N  N   . GLY A 1 112 ? 6.589   1.567   -0.777  1.00 11.52  ? 112 GLY A N   1 
ATOM   846  C  CA  . GLY A 1 112 ? 7.235   1.474   0.524   1.00 11.86  ? 112 GLY A CA  1 
ATOM   847  C  C   . GLY A 1 112 ? 6.259   0.850   1.493   1.00 12.19  ? 112 GLY A C   1 
ATOM   848  O  O   . GLY A 1 112 ? 5.115   1.341   1.571   1.00 13.07  ? 112 GLY A O   1 
ATOM   849  N  N   . ILE A 1 113 ? 6.722   -0.136  2.240   1.00 12.01  ? 113 ILE A N   1 
ATOM   850  C  CA  . ILE A 1 113 ? 5.822   -0.803  3.206   1.00 13.03  ? 113 ILE A CA  1 
ATOM   851  C  C   . ILE A 1 113 ? 5.679   -0.007  4.491   1.00 12.20  ? 113 ILE A C   1 
ATOM   852  O  O   . ILE A 1 113 ? 6.677   0.519   4.997   1.00 13.03  ? 113 ILE A O   1 
ATOM   853  C  CB  . ILE A 1 113 ? 6.322   -2.230  3.388   1.00 13.18  ? 113 ILE A CB  1 
ATOM   854  C  CG1 . ILE A 1 113 ? 5.952   -3.086  2.179   1.00 15.08  ? 113 ILE A CG1 1 
ATOM   855  C  CG2 . ILE A 1 113 ? 5.891   -2.875  4.712   1.00 13.52  ? 113 ILE A CG2 1 
ATOM   856  C  CD1 . ILE A 1 113 ? 6.530   -4.478  2.183   1.00 16.13  ? 113 ILE A CD1 1 
ATOM   857  N  N   . LEU A 1 114 ? 4.478   0.035   5.048   1.00 12.06  ? 114 LEU A N   1 
ATOM   858  C  CA  . LEU A 1 114 ? 4.129   0.430   6.424   1.00 12.17  ? 114 LEU A CA  1 
ATOM   859  C  C   . LEU A 1 114 ? 3.880   -0.843  7.217   1.00 12.28  ? 114 LEU A C   1 
ATOM   860  O  O   . LEU A 1 114 ? 3.050   -1.671  6.766   1.00 12.93  ? 114 LEU A O   1 
ATOM   861  C  CB  . LEU A 1 114 ? 2.862   1.277   6.392   1.00 12.99  ? 114 LEU A CB  1 
ATOM   862  C  CG  . LEU A 1 114 ? 2.282   1.644   7.752   1.00 13.45  ? 114 LEU A CG  1 
ATOM   863  C  CD1 . LEU A 1 114 ? 3.231   2.584   8.527   1.00 13.75  ? 114 LEU A CD1 1 
ATOM   864  C  CD2 . LEU A 1 114 ? 0.929   2.288   7.512   1.00 12.94  ? 114 LEU A CD2 1 
ATOM   865  N  N   . ARG A 1 115 ? 4.624   -1.019  8.286   1.00 13.32  ? 115 ARG A N   1 
ATOM   866  C  CA  . ARG A 1 115 ? 4.609   -2.220  9.154   1.00 14.88  ? 115 ARG A CA  1 
ATOM   867  C  C   . ARG A 1 115 ? 4.262   -1.814  10.580  1.00 14.92  ? 115 ARG A C   1 
ATOM   868  O  O   . ARG A 1 115 ? 4.679   -0.780  11.095  1.00 14.26  ? 115 ARG A O   1 
ATOM   869  C  CB  . ARG A 1 115 ? 5.905   -2.988  8.975   1.00 19.18  ? 115 ARG A CB  1 
ATOM   870  C  CG  . ARG A 1 115 ? 7.165   -2.337  9.517   1.00 29.26  ? 115 ARG A CG  1 
ATOM   871  C  CD  . ARG A 1 115 ? 8.374   -3.195  9.113   1.00 34.10  ? 115 ARG A CD  1 
ATOM   872  N  NE  . ARG A 1 115 ? 8.677   -3.325  7.674   1.00 39.32  ? 115 ARG A NE  1 
ATOM   873  C  CZ  . ARG A 1 115 ? 8.358   -4.384  6.898   1.00 41.91  ? 115 ARG A CZ  1 
ATOM   874  N  NH1 . ARG A 1 115 ? 7.696   -5.439  7.377   1.00 28.43  ? 115 ARG A NH1 1 
ATOM   875  N  NH2 . ARG A 1 115 ? 8.714   -4.373  5.618   1.00 46.19  ? 115 ARG A NH2 1 
ATOM   876  N  N   . CYS A 1 116 ? 3.506   -2.681  11.245  1.00 13.57  ? 116 CYS A N   1 
ATOM   877  C  CA  . CYS A 1 116 ? 3.253   -2.645  12.703  1.00 14.48  ? 116 CYS A CA  1 
ATOM   878  C  C   . CYS A 1 116 ? 3.798   -3.949  13.313  1.00 14.82  ? 116 CYS A C   1 
ATOM   879  O  O   . CYS A 1 116 ? 4.363   -4.759  12.612  1.00 16.36  ? 116 CYS A O   1 
ATOM   880  C  CB  . CYS A 1 116 ? 1.795   -2.416  13.040  1.00 12.84  ? 116 CYS A CB  1 
ATOM   881  S  SG  . CYS A 1 116 ? 0.750   -3.831  12.612  1.00 14.85  ? 116 CYS A SG  1 
ATOM   882  N  N   . GLN A 1 117 ? 3.558   -4.120  14.614  1.00 17.82  ? 117 GLN A N   1 
ATOM   883  C  CA  . GLN A 1 117 ? 3.991   -5.346  15.340  1.00 18.61  ? 117 GLN A CA  1 
ATOM   884  C  C   . GLN A 1 117 ? 3.346   -6.604  14.767  1.00 19.60  ? 117 GLN A C   1 
ATOM   885  O  O   . GLN A 1 117 ? 3.933   -7.687  14.900  1.00 21.90  ? 117 GLN A O   1 
ATOM   886  C  CB  . GLN A 1 117 ? 3.670   -5.287  16.837  1.00 21.07  ? 117 GLN A CB  1 
ATOM   887  C  CG  . GLN A 1 117 ? 2.191   -5.198  17.191  1.00 23.09  ? 117 GLN A CG  1 
ATOM   888  C  CD  . GLN A 1 117 ? 1.933   -4.897  18.647  1.00 28.48  ? 117 GLN A CD  1 
ATOM   889  O  OE1 . GLN A 1 117 ? 1.785   -3.748  19.070  1.00 31.30  ? 117 GLN A OE1 1 
ATOM   890  N  NE2 . GLN A 1 117 ? 1.862   -5.962  19.426  1.00 25.85  ? 117 GLN A NE2 1 
ATOM   891  N  N   . HIS A 1 118 ? 2.235   -6.485  14.054  1.00 16.63  ? 118 HIS A N   1 
ATOM   892  C  CA  . HIS A 1 118 ? 1.459   -7.651  13.549  1.00 15.20  ? 118 HIS A CA  1 
ATOM   893  C  C   . HIS A 1 118 ? 1.870   -8.001  12.124  1.00 16.50  ? 118 HIS A C   1 
ATOM   894  O  O   . HIS A 1 118 ? 1.379   -9.035  11.613  1.00 17.64  ? 118 HIS A O   1 
ATOM   895  C  CB  . HIS A 1 118 ? -0.023  -7.326  13.636  1.00 15.17  ? 118 HIS A CB  1 
ATOM   896  C  CG  . HIS A 1 118 ? -0.475  -6.945  14.993  1.00 16.96  ? 118 HIS A CG  1 
ATOM   897  N  ND1 . HIS A 1 118 ? -0.817  -5.662  15.360  1.00 14.73  ? 118 HIS A ND1 1 
ATOM   898  C  CD2 . HIS A 1 118 ? -0.642  -7.720  16.094  1.00 17.94  ? 118 HIS A CD2 1 
ATOM   899  C  CE1 . HIS A 1 118 ? -1.128  -5.656  16.651  1.00 18.77  ? 118 HIS A CE1 1 
ATOM   900  N  NE2 . HIS A 1 118 ? -1.042  -6.909  17.104  1.00 19.83  ? 118 HIS A NE2 1 
ATOM   901  N  N   . GLY A 1 119 ? 2.601   -7.124  11.434  1.00 15.55  ? 119 GLY A N   1 
ATOM   902  C  CA  . GLY A 1 119 ? 3.023   -7.370  10.061  1.00 14.48  ? 119 GLY A CA  1 
ATOM   903  C  C   . GLY A 1 119 ? 2.734   -6.207  9.144   1.00 13.49  ? 119 GLY A C   1 
ATOM   904  O  O   . GLY A 1 119 ? 2.718   -5.058  9.622   1.00 13.84  ? 119 GLY A O   1 
ATOM   905  N  N   . VAL A 1 120 ? 2.534   -6.488  7.861   1.00 13.49  ? 120 VAL A N   1 
ATOM   906  C  CA  . VAL A 1 120 ? 2.376   -5.406  6.849   1.00 13.75  ? 120 VAL A CA  1 
ATOM   907  C  C   . VAL A 1 120 ? 1.008   -4.761  7.014   1.00 13.41  ? 120 VAL A C   1 
ATOM   908  O  O   . VAL A 1 120 ? -0.016  -5.467  6.975   1.00 13.01  ? 120 VAL A O   1 
ATOM   909  C  CB  . VAL A 1 120 ? 2.597   -5.934  5.439   1.00 14.24  ? 120 VAL A CB  1 
ATOM   910  C  CG1 . VAL A 1 120 ? 2.299   -4.855  4.397   1.00 14.21  ? 120 VAL A CG1 1 
ATOM   911  C  CG2 . VAL A 1 120 ? 3.982   -6.493  5.264   1.00 16.64  ? 120 VAL A CG2 1 
ATOM   912  N  N   . VAL A 1 121 ? 0.974   -3.446  7.085   1.00 13.19  ? 121 VAL A N   1 
ATOM   913  C  CA  . VAL A 1 121 ? -0.300  -2.685  7.213   1.00 12.71  ? 121 VAL A CA  1 
ATOM   914  C  C   . VAL A 1 121 ? -0.742  -2.172  5.828   1.00 12.42  ? 121 VAL A C   1 
ATOM   915  O  O   . VAL A 1 121 ? -1.909  -2.173  5.498   1.00 12.78  ? 121 VAL A O   1 
ATOM   916  C  CB  . VAL A 1 121 ? -0.080  -1.511  8.144   1.00 12.90  ? 121 VAL A CB  1 
ATOM   917  C  CG1 . VAL A 1 121 ? -1.336  -0.674  8.235   1.00 12.50  ? 121 VAL A CG1 1 
ATOM   918  C  CG2 . VAL A 1 121 ? 0.320   -1.966  9.530   1.00 14.24  ? 121 VAL A CG2 1 
ATOM   919  N  N   . GLY A 1 122 ? 0.190   -1.715  5.015   1.00 12.25  ? 122 GLY A N   1 
ATOM   920  C  CA  . GLY A 1 122 ? -0.137  -1.104  3.732   1.00 12.31  ? 122 GLY A CA  1 
ATOM   921  C  C   . GLY A 1 122 ? 1.120   -0.717  2.957   1.00 12.27  ? 122 GLY A C   1 
ATOM   922  O  O   . GLY A 1 122 ? 2.235   -0.935  3.447   1.00 12.91  ? 122 GLY A O   1 
ATOM   923  N  N   . ILE A 1 123 ? 0.905   0.001   1.860   1.00 11.47  ? 123 ILE A N   1 
ATOM   924  C  CA  . ILE A 1 123 ? 1.985   0.485   0.976   1.00 12.16  ? 123 ILE A CA  1 
ATOM   925  C  C   . ILE A 1 123 ? 1.776   1.970   0.658   1.00 12.74  ? 123 ILE A C   1 
ATOM   926  O  O   . ILE A 1 123 ? 0.627   2.425   0.502   1.00 11.48  ? 123 ILE A O   1 
ATOM   927  C  CB  . ILE A 1 123 ? 2.194   -0.359  -0.284  1.00 13.03  ? 123 ILE A CB  1 
ATOM   928  C  CG1 . ILE A 1 123 ? 0.903   -0.497  -1.092  1.00 13.06  ? 123 ILE A CG1 1 
ATOM   929  C  CG2 . ILE A 1 123 ? 2.829   -1.708  0.048   1.00 12.31  ? 123 ILE A CG2 1 
ATOM   930  C  CD1 . ILE A 1 123 ? 1.097   -1.170  -2.428  1.00 13.88  ? 123 ILE A CD1 1 
ATOM   931  N  N   . VAL A 1 124 ? 2.869   2.722   0.567   1.00 12.32  ? 124 VAL A N   1 
ATOM   932  C  CA  . VAL A 1 124 ? 2.766   4.122   0.133   1.00 11.05  ? 124 VAL A CA  1 
ATOM   933  C  C   . VAL A 1 124 ? 2.055   4.200   -1.214  1.00 11.38  ? 124 VAL A C   1 
ATOM   934  O  O   . VAL A 1 124 ? 2.403   3.415   -2.125  1.00 11.37  ? 124 VAL A O   1 
ATOM   935  C  CB  . VAL A 1 124 ? 4.163   4.746   0.064   1.00 12.00  ? 124 VAL A CB  1 
ATOM   936  C  CG1 . VAL A 1 124 ? 4.069   6.122   -0.537  1.00 11.10  ? 124 VAL A CG1 1 
ATOM   937  C  CG2 . VAL A 1 124 ? 4.888   4.800   1.397   1.00 11.86  ? 124 VAL A CG2 1 
ATOM   938  N  N   . SER A 1 125 ? 1.073   5.085   -1.314  1.00 13.14  ? 125 SER A N   1 
ATOM   939  C  CA  . SER A 1 125 ? 0.266   5.300   -2.515  1.00 13.15  ? 125 SER A CA  1 
ATOM   940  C  C   . SER A 1 125 ? 0.113   6.774   -2.858  1.00 14.08  ? 125 SER A C   1 
ATOM   941  O  O   . SER A 1 125 ? -0.007  7.153   -4.065  1.00 14.22  ? 125 SER A O   1 
ATOM   942  C  CB  . SER A 1 125 ? -1.075  4.628   -2.312  1.00 12.30  ? 125 SER A CB  1 
ATOM   943  O  OG  . SER A 1 125 ? -1.935  4.924   -3.384  1.00 13.86  ? 125 SER A OG  1 
ATOM   944  N  N   . THR A 1 126 ? 0.081   7.656   -1.857  1.00 12.85  ? 126 THR A N   1 
ATOM   945  C  CA  . THR A 1 126 ? -0.156  9.102   -2.077  1.00 15.49  ? 126 THR A CA  1 
ATOM   946  C  C   . THR A 1 126 ? 0.785   9.918   -1.207  1.00 15.56  ? 126 THR A C   1 
ATOM   947  O  O   . THR A 1 126 ? 1.483   9.359   -0.330  1.00 14.61  ? 126 THR A O   1 
ATOM   948  C  CB  . THR A 1 126 ? -1.595  9.543   -1.744  1.00 16.21  ? 126 THR A CB  1 
ATOM   949  O  OG1 . THR A 1 126 ? -1.825  9.569   -0.336  1.00 16.80  ? 126 THR A OG1 1 
ATOM   950  C  CG2 . THR A 1 126 ? -2.631  8.673   -2.403  1.00 16.86  ? 126 THR A CG2 1 
ATOM   951  N  N   . GLY A 1 127 ? 0.816   11.235  -1.461  1.00 17.94  ? 127 GLY A N   1 
ATOM   952  C  CA  . GLY A 1 127 ? 1.509   12.155  -0.553  1.00 21.98  ? 127 GLY A CA  1 
ATOM   953  C  C   . GLY A 1 127 ? 1.754   13.528  -1.146  1.00 21.05  ? 127 GLY A C   1 
ATOM   954  O  O   . GLY A 1 127 ? 0.975   13.956  -1.999  1.00 21.93  ? 127 GLY A O   1 
ATOM   955  N  N   . GLY A 1 128 ? 2.881   14.101  -0.723  1.00 26.95  ? 128 GLY A N   1 
ATOM   956  C  CA  . GLY A 1 128 ? 3.243   15.526  -0.861  1.00 27.92  ? 128 GLY A CA  1 
ATOM   957  C  C   . GLY A 1 128 ? 2.599   16.377  0.217   1.00 27.52  ? 128 GLY A C   1 
ATOM   958  O  O   . GLY A 1 128 ? 1.798   15.855  1.034   1.00 24.84  ? 128 GLY A O   1 
ATOM   959  N  N   . ASN A 1 129 ? 2.920   17.671  0.265   1.00 31.84  ? 129 ASN A N   1 
ATOM   960  C  CA  . ASN A 1 129 ? 2.232   18.590  1.208   1.00 32.87  ? 129 ASN A CA  1 
ATOM   961  C  C   . ASN A 1 129 ? 2.583   18.160  2.648   1.00 26.57  ? 129 ASN A C   1 
ATOM   962  O  O   . ASN A 1 129 ? 1.808   18.496  3.560   1.00 31.70  ? 129 ASN A O   1 
ATOM   963  C  CB  . ASN A 1 129 ? 0.706   18.590  0.984   1.00 39.78  ? 129 ASN A CB  1 
ATOM   964  C  CG  . ASN A 1 129 ? 0.119   19.901  0.483   1.00 45.43  ? 129 ASN A CG  1 
ATOM   965  O  OD1 . ASN A 1 129 ? 0.853   20.819  0.121   1.00 51.79  ? 129 ASN A OD1 1 
ATOM   966  N  ND2 . ASN A 1 129 ? -1.206  20.013  0.458   1.00 41.83  ? 129 ASN A ND2 1 
ATOM   967  N  N   . GLY A 1 130 ? 3.671   17.411  2.852   1.00 24.18  ? 130 GLY A N   1 
ATOM   968  C  CA  . GLY A 1 130 ? 4.115   16.974  4.186   1.00 21.05  ? 130 GLY A CA  1 
ATOM   969  C  C   . GLY A 1 130 ? 3.317   15.792  4.736   1.00 16.38  ? 130 GLY A C   1 
ATOM   970  O  O   . GLY A 1 130 ? 3.476   15.463  5.914   1.00 16.59  ? 130 GLY A O   1 
ATOM   971  N  N   . LEU A 1 131 ? 2.541   15.150  3.884   1.00 17.00  ? 131 LEU A N   1 
ATOM   972  C  CA  . LEU A 1 131 ? 1.822   13.924  4.228   1.00 16.12  ? 131 LEU A CA  1 
ATOM   973  C  C   . LEU A 1 131 ? 2.309   12.738  3.423   1.00 16.05  ? 131 LEU A C   1 
ATOM   974  O  O   . LEU A 1 131 ? 2.890   12.882  2.327   1.00 18.05  ? 131 LEU A O   1 
ATOM   975  C  CB  . LEU A 1 131 ? 0.338   14.131  3.950   1.00 18.06  ? 131 LEU A CB  1 
ATOM   976  C  CG  . LEU A 1 131 ? -0.305  15.349  4.601   1.00 20.40  ? 131 LEU A CG  1 
ATOM   977  C  CD1 . LEU A 1 131 ? -1.768  15.464  4.163   1.00 25.18  ? 131 LEU A CD1 1 
ATOM   978  C  CD2 . LEU A 1 131 ? -0.201  15.295  6.111   1.00 18.26  ? 131 LEU A CD2 1 
ATOM   979  N  N   . VAL A 1 132 ? 2.018   11.570  3.953   1.00 14.43  ? 132 VAL A N   1 
ATOM   980  C  CA  . VAL A 1 132 ? 2.180   10.317  3.194   1.00 14.14  ? 132 VAL A CA  1 
ATOM   981  C  C   . VAL A 1 132 ? 0.903   9.517   3.362   1.00 13.03  ? 132 VAL A C   1 
ATOM   982  O  O   . VAL A 1 132 ? 0.364   9.535   4.498   1.00 12.73  ? 132 VAL A O   1 
ATOM   983  C  CB  . VAL A 1 132 ? 3.427   9.590   3.681   1.00 14.14  ? 132 VAL A CB  1 
ATOM   984  C  CG1 . VAL A 1 132 ? 3.496   9.396   5.186   1.00 14.92  ? 132 VAL A CG1 1 
ATOM   985  C  CG2 . VAL A 1 132 ? 3.595   8.271   2.963   1.00 12.68  ? 132 VAL A CG2 1 
ATOM   986  N  N   . GLY A 1 133 ? 0.385   8.977   2.264   1.00 12.98  ? 133 GLY A N   1 
ATOM   987  C  CA  . GLY A 1 133 ? -0.814  8.147   2.281   1.00 13.14  ? 133 GLY A CA  1 
ATOM   988  C  C   . GLY A 1 133 ? -0.498  6.730   1.919   1.00 12.95  ? 133 GLY A C   1 
ATOM   989  O  O   . GLY A 1 133 ? 0.276   6.456   0.959   1.00 13.64  ? 133 GLY A O   1 
ATOM   990  N  N   . PHE A 1 134 ? -1.013  5.802   2.717   1.00 11.89  ? 134 PHE A N   1 
ATOM   991  C  CA  . PHE A 1 134 ? -0.802  4.354   2.575   1.00 11.03  ? 134 PHE A CA  1 
ATOM   992  C  C   . PHE A 1 134 ? -2.098  3.689   2.183   1.00 11.68  ? 134 PHE A C   1 
ATOM   993  O  O   . PHE A 1 134 ? -3.103  3.914   2.913   1.00 12.34  ? 134 PHE A O   1 
ATOM   994  C  CB  . PHE A 1 134 ? -0.256  3.763   3.878   1.00 11.90  ? 134 PHE A CB  1 
ATOM   995  C  CG  . PHE A 1 134 ? 0.871   4.514   4.516   1.00 11.18  ? 134 PHE A CG  1 
ATOM   996  C  CD1 . PHE A 1 134 ? 2.161   4.213   4.135   1.00 12.23  ? 134 PHE A CD1 1 
ATOM   997  C  CD2 . PHE A 1 134 ? 0.672   5.496   5.475   1.00 12.53  ? 134 PHE A CD2 1 
ATOM   998  C  CE1 . PHE A 1 134 ? 3.242   4.857   4.719   1.00 12.01  ? 134 PHE A CE1 1 
ATOM   999  C  CE2 . PHE A 1 134 ? 1.754   6.109   6.081   1.00 12.47  ? 134 PHE A CE2 1 
ATOM   1000 C  CZ  . PHE A 1 134 ? 3.032   5.834   5.652   1.00 12.90  ? 134 PHE A CZ  1 
ATOM   1001 N  N   . ALA A 1 135 ? -2.032  2.804   1.203   1.00 11.39  ? 135 ALA A N   1 
ATOM   1002 C  CA  . ALA A 1 135 ? -3.153  1.937   0.807   1.00 12.19  ? 135 ALA A CA  1 
ATOM   1003 C  C   . ALA A 1 135 ? -3.189  0.752   1.779   1.00 11.80  ? 135 ALA A C   1 
ATOM   1004 O  O   . ALA A 1 135 ? -2.237  -0.011  1.853   1.00 12.69  ? 135 ALA A O   1 
ATOM   1005 C  CB  . ALA A 1 135 ? -2.987  1.464   -0.624  1.00 11.86  ? 135 ALA A CB  1 
ATOM   1006 N  N   . ASP A 1 136 ? -4.251  0.660   2.590   1.00 12.40  ? 136 ASP A N   1 
ATOM   1007 C  CA  . ASP A 1 136 ? -4.386  -0.424  3.588   1.00 12.19  ? 136 ASP A CA  1 
ATOM   1008 C  C   . ASP A 1 136 ? -4.529  -1.771  2.877   1.00 11.86  ? 136 ASP A C   1 
ATOM   1009 O  O   . ASP A 1 136 ? -5.218  -1.834  1.840   1.00 13.98  ? 136 ASP A O   1 
ATOM   1010 C  CB  . ASP A 1 136 ? -5.612  -0.176  4.471   1.00 12.44  ? 136 ASP A CB  1 
ATOM   1011 C  CG  . ASP A 1 136 ? -5.779  -1.199  5.568   1.00 13.62  ? 136 ASP A CG  1 
ATOM   1012 O  OD1 . ASP A 1 136 ? -4.854  -1.401  6.359   1.00 14.21  ? 136 ASP A OD1 1 
ATOM   1013 O  OD2 . ASP A 1 136 ? -6.866  -1.840  5.588   1.00 15.88  ? 136 ASP A OD2 1 
ATOM   1014 N  N   . VAL A 1 137 ? -3.991  -2.837  3.460   1.00 11.72  ? 137 VAL A N   1 
ATOM   1015 C  CA  . VAL A 1 137 ? -4.241  -4.217  2.981   1.00 13.05  ? 137 VAL A CA  1 
ATOM   1016 C  C   . VAL A 1 137 ? -4.817  -5.072  4.088   1.00 12.96  ? 137 VAL A C   1 
ATOM   1017 O  O   . VAL A 1 137 ? -5.031  -6.259  3.786   1.00 12.74  ? 137 VAL A O   1 
ATOM   1018 C  CB  . VAL A 1 137 ? -2.963  -4.819  2.395   1.00 12.55  ? 137 VAL A CB  1 
ATOM   1019 C  CG1 . VAL A 1 137 ? -2.512  -4.007  1.174   1.00 12.85  ? 137 VAL A CG1 1 
ATOM   1020 C  CG2 . VAL A 1 137 ? -1.839  -4.902  3.393   1.00 14.04  ? 137 VAL A CG2 1 
ATOM   1021 N  N   . ARG A 1 138 ? -5.015  -4.550  5.298   1.00 12.50  ? 138 ARG A N   1 
ATOM   1022 C  CA  . ARG A 1 138 ? -5.304  -5.459  6.435   1.00 12.84  ? 138 ARG A CA  1 
ATOM   1023 C  C   . ARG A 1 138 ? -6.732  -6.019  6.314   1.00 13.95  ? 138 ARG A C   1 
ATOM   1024 O  O   . ARG A 1 138 ? -7.051  -6.956  7.084   1.00 14.80  ? 138 ARG A O   1 
ATOM   1025 C  CB  . ARG A 1 138 ? -5.177  -4.697  7.744   1.00 13.37  ? 138 ARG A CB  1 
ATOM   1026 C  CG  . ARG A 1 138 ? -3.752  -4.286  8.087   1.00 13.89  ? 138 ARG A CG  1 
ATOM   1027 C  CD  . ARG A 1 138 ? -3.746  -3.390  9.326   1.00 13.97  ? 138 ARG A CD  1 
ATOM   1028 N  NE  . ARG A 1 138 ? -4.374  -2.098  9.081   1.00 12.99  ? 138 ARG A NE  1 
ATOM   1029 C  CZ  . ARG A 1 138 ? -4.469  -1.101  9.930   1.00 13.45  ? 138 ARG A CZ  1 
ATOM   1030 N  NH1 . ARG A 1 138 ? -4.073  -1.279  11.174  1.00 13.35  ? 138 ARG A NH1 1 
ATOM   1031 N  NH2 . ARG A 1 138 ? -4.880  0.087   9.516   1.00 14.21  ? 138 ARG A NH2 1 
ATOM   1032 N  N   . ASP A 1 139 ? -7.576  -5.401  5.528   1.00 13.02  ? 139 ASP A N   1 
ATOM   1033 C  CA  . ASP A 1 139 ? -8.976  -5.894  5.365   1.00 14.82  ? 139 ASP A CA  1 
ATOM   1034 C  C   . ASP A 1 139 ? -9.003  -6.994  4.317   1.00 15.79  ? 139 ASP A C   1 
ATOM   1035 O  O   . ASP A 1 139 ? -10.076 -7.646  4.203   1.00 17.40  ? 139 ASP A O   1 
ATOM   1036 C  CB  . ASP A 1 139 ? -9.904  -4.760  4.972   1.00 14.53  ? 139 ASP A CB  1 
ATOM   1037 C  CG  . ASP A 1 139 ? -9.598  -4.205  3.586   1.00 15.51  ? 139 ASP A CG  1 
ATOM   1038 O  OD1 . ASP A 1 139 ? -8.408  -4.085  3.265   1.00 15.69  ? 139 ASP A OD1 1 
ATOM   1039 O  OD2 . ASP A 1 139 ? -10.553 -3.889  2.819   1.00 18.60  ? 139 ASP A OD2 1 
ATOM   1040 N  N   . LEU A 1 140 ? -7.909  -7.259  3.590   1.00 14.78  ? 140 LEU A N   1 
ATOM   1041 C  CA  . LEU A 1 140 ? -7.938  -8.246  2.495   1.00 14.65  ? 140 LEU A CA  1 
ATOM   1042 C  C   . LEU A 1 140 ? -7.615  -9.617  3.069   1.00 15.00  ? 140 LEU A C   1 
ATOM   1043 O  O   . LEU A 1 140 ? -6.448  -10.102 2.983   1.00 14.71  ? 140 LEU A O   1 
ATOM   1044 C  CB  . LEU A 1 140 ? -6.939  -7.857  1.405   1.00 13.06  ? 140 LEU A CB  1 
ATOM   1045 C  CG  . LEU A 1 140 ? -7.165  -6.486  0.770   1.00 14.82  ? 140 LEU A CG  1 
ATOM   1046 C  CD1 . LEU A 1 140 ? -6.035  -6.213  -0.217  1.00 15.93  ? 140 LEU A CD1 1 
ATOM   1047 C  CD2 . LEU A 1 140 ? -8.503  -6.438  0.072   1.00 14.75  ? 140 LEU A CD2 1 
ATOM   1048 N  N   . LEU A 1 141 ? -8.588  -10.236 3.756   1.00 14.86  ? 141 LEU A N   1 
ATOM   1049 C  CA  . LEU A 1 141 ? -8.309  -11.417 4.602   1.00 15.90  ? 141 LEU A CA  1 
ATOM   1050 C  C   . LEU A 1 141 ? -7.879  -12.610 3.748   1.00 15.17  ? 141 LEU A C   1 
ATOM   1051 O  O   . LEU A 1 141 ? -7.036  -13.444 4.179   1.00 16.59  ? 141 LEU A O   1 
ATOM   1052 C  CB  . LEU A 1 141 ? -9.564  -11.735 5.429   1.00 16.64  ? 141 LEU A CB  1 
ATOM   1053 C  CG  . LEU A 1 141 ? -10.093 -10.603 6.288   1.00 18.15  ? 141 LEU A CG  1 
ATOM   1054 C  CD1 . LEU A 1 141 ? -11.206 -11.095 7.221   1.00 20.03  ? 141 LEU A CD1 1 
ATOM   1055 C  CD2 . LEU A 1 141 ? -9.001  -9.965  7.137   1.00 17.89  ? 141 LEU A CD2 1 
ATOM   1056 N  N   . TRP A 1 142 ? -8.389  -12.658 2.522   1.00 15.01  ? 142 TRP A N   1 
ATOM   1057 C  CA  . TRP A 1 142 ? -8.063  -13.735 1.573   1.00 15.65  ? 142 TRP A CA  1 
ATOM   1058 C  C   . TRP A 1 142 ? -6.582  -13.795 1.215   1.00 15.72  ? 142 TRP A C   1 
ATOM   1059 O  O   . TRP A 1 142 ? -6.156  -14.851 0.734   1.00 18.11  ? 142 TRP A O   1 
ATOM   1060 C  CB  . TRP A 1 142 ? -8.897  -13.633 0.301   1.00 15.22  ? 142 TRP A CB  1 
ATOM   1061 C  CG  . TRP A 1 142 ? -8.870  -12.282 -0.340  1.00 15.35  ? 142 TRP A CG  1 
ATOM   1062 C  CD1 . TRP A 1 142 ? -9.679  -11.217 -0.120  1.00 15.60  ? 142 TRP A CD1 1 
ATOM   1063 C  CD2 . TRP A 1 142 ? -7.927  -11.876 -1.346  1.00 15.12  ? 142 TRP A CD2 1 
ATOM   1064 N  NE1 . TRP A 1 142 ? -9.331  -10.181 -0.934  1.00 15.98  ? 142 TRP A NE1 1 
ATOM   1065 C  CE2 . TRP A 1 142 ? -8.248  -10.550 -1.675  1.00 15.27  ? 142 TRP A CE2 1 
ATOM   1066 C  CE3 . TRP A 1 142 ? -6.844  -12.504 -1.954  1.00 16.32  ? 142 TRP A CE3 1 
ATOM   1067 C  CZ2 . TRP A 1 142 ? -7.565  -9.853  -2.666  1.00 16.94  ? 142 TRP A CZ2 1 
ATOM   1068 C  CZ3 . TRP A 1 142 ? -6.168  -11.814 -2.953  1.00 16.04  ? 142 TRP A CZ3 1 
ATOM   1069 C  CH2 . TRP A 1 142 ? -6.484  -10.492 -3.252  1.00 16.30  ? 142 TRP A CH2 1 
ATOM   1070 N  N   . LEU A 1 143 ? -5.781  -12.743 1.455   1.00 16.27  ? 143 LEU A N   1 
ATOM   1071 C  CA  . LEU A 1 143 ? -4.320  -12.831 1.169   1.00 17.54  ? 143 LEU A CA  1 
ATOM   1072 C  C   . LEU A 1 143 ? -3.663  -13.885 2.083   1.00 20.04  ? 143 LEU A C   1 
ATOM   1073 O  O   . LEU A 1 143 ? -2.522  -14.290 1.759   1.00 24.08  ? 143 LEU A O   1 
ATOM   1074 C  CB  . LEU A 1 143 ? -3.648  -11.491 1.445   1.00 17.18  ? 143 LEU A CB  1 
ATOM   1075 C  CG  . LEU A 1 143 ? -3.887  -10.362 0.445   1.00 15.68  ? 143 LEU A CG  1 
ATOM   1076 C  CD1 . LEU A 1 143 ? -3.258  -9.055  0.938   1.00 16.70  ? 143 LEU A CD1 1 
ATOM   1077 C  CD2 . LEU A 1 143 ? -3.273  -10.679 -0.927  1.00 16.20  ? 143 LEU A CD2 1 
ATOM   1078 N  N   . ASP A 1 144 ? -4.298  -14.237 3.214   1.00 22.11  ? 144 ASP A N   1 
ATOM   1079 C  CA  . ASP A 1 144 ? -3.776  -15.221 4.222   1.00 25.04  ? 144 ASP A CA  1 
ATOM   1080 C  C   . ASP A 1 144 ? -4.160  -16.662 3.875   1.00 27.18  ? 144 ASP A C   1 
ATOM   1081 O  O   . ASP A 1 144 ? -3.674  -17.543 4.563   1.00 28.13  ? 144 ASP A O   1 
ATOM   1082 C  CB  . ASP A 1 144 ? -4.360  -14.990 5.624   1.00 24.88  ? 144 ASP A CB  1 
ATOM   1083 C  CG  . ASP A 1 144 ? -4.078  -13.652 6.264   1.00 25.04  ? 144 ASP A CG  1 
ATOM   1084 O  OD1 . ASP A 1 144 ? -3.202  -12.962 5.758   1.00 26.79  ? 144 ASP A OD1 1 
ATOM   1085 O  OD2 . ASP A 1 144 ? -4.819  -13.277 7.249   1.00 28.82  ? 144 ASP A OD2 1 
ATOM   1086 N  N   . GLU A 1 145 ? -4.967  -16.938 2.844   1.00 33.52  ? 145 GLU A N   1 
ATOM   1087 C  CA  . GLU A 1 145 ? -5.331  -18.350 2.503   1.00 42.53  ? 145 GLU A CA  1 
ATOM   1088 C  C   . GLU A 1 145 ? -5.160  -18.646 1.003   1.00 46.92  ? 145 GLU A C   1 
ATOM   1089 O  O   . GLU A 1 145 ? -4.798  -17.726 0.254   1.00 44.89  ? 145 GLU A O   1 
ATOM   1090 C  CB  . GLU A 1 145 ? -6.749  -18.665 3.003   1.00 49.73  ? 145 GLU A CB  1 
ATOM   1091 C  CG  . GLU A 1 145 ? -7.858  -17.856 2.347   1.00 49.24  ? 145 GLU A CG  1 
ATOM   1092 C  CD  . GLU A 1 145 ? -9.020  -17.443 3.247   1.00 52.31  ? 145 GLU A CD  1 
ATOM   1093 O  OE1 . GLU A 1 145 ? -9.581  -16.351 3.014   1.00 51.14  ? 145 GLU A OE1 1 
ATOM   1094 O  OE2 . GLU A 1 145 ? -9.395  -18.203 4.166   1.00 50.34  ? 145 GLU A OE2 1 
ATOM   1095 N  N   . GLU A 1 146 ? -5.362  -19.916 0.614   1.00 56.18  ? 146 GLU A N   1 
ATOM   1096 C  CA  . GLU A 1 146 ? -5.621  -20.377 -0.784  1.00 61.49  ? 146 GLU A CA  1 
ATOM   1097 C  C   . GLU A 1 146 ? -4.544  -19.828 -1.724  1.00 62.81  ? 146 GLU A C   1 
ATOM   1098 O  O   . GLU A 1 146 ? -4.294  -20.415 -2.776  1.00 69.65  ? 146 GLU A O   1 
ATOM   1099 C  CB  . GLU A 1 146 ? -7.044  -19.979 -1.198  1.00 63.06  ? 146 GLU A CB  1 
ATOM   1100 C  CG  . GLU A 1 146 ? -7.148  -19.182 -2.495  1.00 70.62  ? 146 GLU A CG  1 
ATOM   1101 C  CD  . GLU A 1 146 ? -7.041  -19.970 -3.791  1.00 75.19  ? 146 GLU A CD  1 
ATOM   1102 O  OE1 . GLU A 1 146 ? -6.787  -19.340 -4.842  1.00 68.65  ? 146 GLU A OE1 1 
ATOM   1103 O  OE2 . GLU A 1 146 ? -7.218  -21.210 -3.751  1.00 78.70  ? 146 GLU A OE2 1 
HETATM 1104 C  C10 . Z0I B 2 .   ? 3.313   0.673   19.916  0.50 33.61  ? 201 Z0I A C10 1 
HETATM 1105 N  N12 . Z0I B 2 .   ? 1.359   -0.286  19.400  0.50 33.77  ? 201 Z0I A N12 1 
HETATM 1106 C  C13 . Z0I B 2 .   ? 1.115   1.066   19.456  0.50 33.61  ? 201 Z0I A C13 1 
HETATM 1107 C  C01 . Z0I B 2 .   ? -3.100  -0.191  18.279  0.50 28.20  ? 201 Z0I A C01 1 
HETATM 1108 C  C02 . Z0I B 2 .   ? -2.302  1.074   18.327  0.50 27.92  ? 201 Z0I A C02 1 
HETATM 1109 O  O03 . Z0I B 2 .   ? -2.561  2.035   17.609  0.50 21.80  ? 201 Z0I A O03 1 
HETATM 1110 N  N04 . Z0I B 2 .   ? -1.308  1.073   19.245  0.50 29.83  ? 201 Z0I A N04 1 
HETATM 1111 C  C05 . Z0I B 2 .   ? -0.085  1.779   19.321  0.50 32.30  ? 201 Z0I A C05 1 
HETATM 1112 C  C06 . Z0I B 2 .   ? -0.033  3.167   19.479  0.50 33.37  ? 201 Z0I A C06 1 
HETATM 1113 C  C07 . Z0I B 2 .   ? 1.158   3.811   19.796  0.50 32.93  ? 201 Z0I A C07 1 
HETATM 1114 C  C08 . Z0I B 2 .   ? 2.334   3.094   19.934  0.50 33.01  ? 201 Z0I A C08 1 
HETATM 1115 C  C09 . Z0I B 2 .   ? 2.333   1.708   19.774  0.50 33.23  ? 201 Z0I A C09 1 
HETATM 1116 C  C11 . Z0I B 2 .   ? 2.684   -0.506  19.684  0.50 33.74  ? 201 Z0I A C11 1 
HETATM 1117 C  C10 . Z0I C 2 .   ? 3.251   13.372  -4.402  0.74 18.77  ? 202 Z0I A C10 1 
HETATM 1118 N  N12 . Z0I C 2 .   ? 2.043   12.110  -5.798  0.74 19.64  ? 202 Z0I A N12 1 
HETATM 1119 C  C13 . Z0I C 2 .   ? 2.559   11.251  -4.858  0.74 18.90  ? 202 Z0I A C13 1 
HETATM 1120 C  C01 . Z0I C 2 .   ? 0.479   8.132   -7.468  0.74 21.06  ? 202 Z0I A C01 1 
HETATM 1121 C  C02 . Z0I C 2 .   ? 1.460   9.110   -6.882  0.74 21.59  ? 202 Z0I A C02 1 
HETATM 1122 O  O03 . Z0I C 2 .   ? 2.119   9.861   -7.581  0.74 23.31  ? 202 Z0I A O03 1 
HETATM 1123 N  N04 . Z0I C 2 .   ? 1.586   9.067   -5.531  0.74 17.63  ? 202 Z0I A N04 1 
HETATM 1124 C  C05 . Z0I C 2 .   ? 2.388   9.867   -4.694  0.74 18.27  ? 202 Z0I A C05 1 
HETATM 1125 C  C06 . Z0I C 2 .   ? 3.022   9.266   -3.610  0.74 18.09  ? 202 Z0I A C06 1 
HETATM 1126 C  C07 . Z0I C 2 .   ? 3.776   10.004  -2.721  0.74 19.62  ? 202 Z0I A C07 1 
HETATM 1127 C  C08 . Z0I C 2 .   ? 3.916   11.371  -2.868  0.74 19.48  ? 202 Z0I A C08 1 
HETATM 1128 C  C09 . Z0I C 2 .   ? 3.327   12.017  -3.954  0.74 19.25  ? 202 Z0I A C09 1 
HETATM 1129 C  C11 . Z0I C 2 .   ? 2.464   13.383  -5.505  0.74 19.05  ? 202 Z0I A C11 1 
HETATM 1130 ZN ZN  . ZN  D 3 .   ? -0.882  -3.990  14.137  1.00 15.14  ? 203 ZN  A ZN  1 
HETATM 1131 S  S   . DMS E 4 .   ? 5.488   -10.101 11.155  1.00 77.12  ? 204 DMS A S   1 
HETATM 1132 O  O   . DMS E 4 .   ? 6.387   -11.276 11.429  1.00 86.22  ? 204 DMS A O   1 
HETATM 1133 C  C1  . DMS E 4 .   ? 5.009   -9.474  12.744  1.00 75.75  ? 204 DMS A C1  1 
HETATM 1134 C  C2  . DMS E 4 .   ? 6.560   -8.758  10.694  1.00 75.77  ? 204 DMS A C2  1 
HETATM 1135 S  S   . DMS F 4 .   ? -12.875 0.051   -8.082  1.00 26.04  ? 205 DMS A S   1 
HETATM 1136 O  O   . DMS F 4 .   ? -12.248 1.399   -8.258  1.00 24.45  ? 205 DMS A O   1 
HETATM 1137 C  C1  . DMS F 4 .   ? -14.051 0.186   -6.762  1.00 25.34  ? 205 DMS A C1  1 
HETATM 1138 C  C2  . DMS F 4 .   ? -13.998 -0.085  -9.442  1.00 27.99  ? 205 DMS A C2  1 
HETATM 1139 S  S   . DMS G 4 .   ? 13.635  -1.682  1.232   1.00 116.61 ? 206 DMS A S   1 
HETATM 1140 O  O   . DMS G 4 .   ? 14.906  -0.994  0.826   1.00 109.40 ? 206 DMS A O   1 
HETATM 1141 C  C1  . DMS G 4 .   ? 13.859  -3.409  0.861   1.00 114.14 ? 206 DMS A C1  1 
HETATM 1142 C  C2  . DMS G 4 .   ? 13.673  -1.788  3.004   1.00 105.19 ? 206 DMS A C2  1 
HETATM 1143 S  S   . DMS H 4 .   ? 7.563   14.705  10.673  1.00 67.37  ? 207 DMS A S   1 
HETATM 1144 O  O   . DMS H 4 .   ? 7.530   15.094  9.222   1.00 46.89  ? 207 DMS A O   1 
HETATM 1145 C  C1  . DMS H 4 .   ? 8.889   13.536  10.840  1.00 64.49  ? 207 DMS A C1  1 
HETATM 1146 C  C2  . DMS H 4 .   ? 8.318   16.057  11.557  1.00 65.76  ? 207 DMS A C2  1 
HETATM 1147 S  S   . SO4 I 5 .   ? -14.396 16.809  -5.901  1.00 135.52 ? 208 SO4 A S   1 
HETATM 1148 O  O1  . SO4 I 5 .   ? -14.734 15.414  -5.893  1.00 136.83 ? 208 SO4 A O1  1 
HETATM 1149 O  O2  . SO4 I 5 .   ? -15.590 17.588  -6.089  1.00 133.59 ? 208 SO4 A O2  1 
HETATM 1150 O  O3  . SO4 I 5 .   ? -13.785 17.161  -4.647  1.00 111.13 ? 208 SO4 A O3  1 
HETATM 1151 O  O4  . SO4 I 5 .   ? -13.483 17.073  -6.981  1.00 151.94 ? 208 SO4 A O4  1 
HETATM 1152 O  O   . HOH J 6 .   ? 4.346   -18.846 1.363   1.00 42.43  ? 301 HOH A O   1 
HETATM 1153 O  O   . HOH J 6 .   ? 2.816   20.543  -0.666  1.00 36.23  ? 302 HOH A O   1 
HETATM 1154 O  O   . HOH J 6 .   ? 11.472  11.278  -5.622  1.00 25.42  ? 303 HOH A O   1 
HETATM 1155 O  O   . HOH J 6 .   ? 6.355   -6.989  8.279   1.00 41.99  ? 304 HOH A O   1 
HETATM 1156 O  O   . HOH J 6 .   ? 7.088   -16.153 -8.160  1.00 34.29  ? 305 HOH A O   1 
HETATM 1157 O  O   . HOH J 6 .   ? -16.132 16.818  -3.980  1.00 57.12  ? 306 HOH A O   1 
HETATM 1158 O  O   . HOH J 6 .   ? -6.186  8.569   -6.360  1.00 24.82  ? 307 HOH A O   1 
HETATM 1159 O  O   . HOH J 6 .   ? -7.569  7.926   6.709   1.00 22.23  ? 308 HOH A O   1 
HETATM 1160 O  O   . HOH J 6 .   ? 9.137   -10.882 4.678   1.00 27.84  ? 309 HOH A O   1 
HETATM 1161 O  O   . HOH J 6 .   ? -4.571  -11.854 -15.172 1.00 137.48 ? 310 HOH A O   1 
HETATM 1162 O  O   . HOH J 6 .   ? 4.878   -21.529 -4.565  1.00 63.89  ? 311 HOH A O   1 
HETATM 1163 O  O   . HOH J 6 .   ? -10.736 -1.204  -10.474 1.00 19.44  ? 312 HOH A O   1 
HETATM 1164 O  O   . HOH J 6 .   ? -10.986 -16.747 0.959   1.00 46.79  ? 313 HOH A O   1 
HETATM 1165 O  O   . HOH J 6 .   ? -6.970  -16.430 -1.080  1.00 33.08  ? 314 HOH A O   1 
HETATM 1166 O  O   . HOH J 6 .   ? -5.759  17.977  -8.831  1.00 22.34  ? 315 HOH A O   1 
HETATM 1167 O  O   . HOH J 6 .   ? 3.693   -22.295 -7.231  1.00 56.60  ? 316 HOH A O   1 
HETATM 1168 O  O   . HOH J 6 .   ? -4.594  -14.975 9.147   1.00 26.75  ? 317 HOH A O   1 
HETATM 1169 O  O   . HOH J 6 .   ? 6.220   -12.862 7.938   1.00 28.56  ? 318 HOH A O   1 
HETATM 1170 O  O   . HOH J 6 .   ? -0.682  19.071  3.709   1.00 36.71  ? 319 HOH A O   1 
HETATM 1171 O  O   . HOH J 6 .   ? 8.613   9.952   11.687  1.00 22.88  ? 320 HOH A O   1 
HETATM 1172 O  O   . HOH J 6 .   ? -2.622  -18.621 -3.592  1.00 38.63  ? 321 HOH A O   1 
HETATM 1173 O  O   . HOH J 6 .   ? 5.395   -13.666 11.257  1.00 59.17  ? 322 HOH A O   1 
HETATM 1174 O  O   . HOH J 6 .   ? 15.392  2.639   -1.739  1.00 27.69  ? 323 HOH A O   1 
HETATM 1175 O  O   . HOH J 6 .   ? 6.666   -1.689  -11.775 1.00 31.43  ? 324 HOH A O   1 
HETATM 1176 O  O   . HOH J 6 .   ? -7.991  0.453   11.699  1.00 21.57  ? 325 HOH A O   1 
HETATM 1177 O  O   . HOH J 6 .   ? 9.640   -6.464  -5.418  1.00 39.79  ? 326 HOH A O   1 
HETATM 1178 O  O   . HOH J 6 .   ? -10.321 7.451   9.725   1.00 36.41  ? 327 HOH A O   1 
HETATM 1179 O  O   . HOH J 6 .   ? 4.207   -0.874  -6.018  1.00 13.78  ? 328 HOH A O   1 
HETATM 1180 O  O   . HOH J 6 .   ? -8.573  3.797   -13.092 1.00 36.89  ? 329 HOH A O   1 
HETATM 1181 O  O   . HOH J 6 .   ? 6.406   -8.243  15.574  1.00 39.97  ? 330 HOH A O   1 
HETATM 1182 O  O   . HOH J 6 .   ? -12.767 -3.176  4.052   1.00 34.43  ? 331 HOH A O   1 
HETATM 1183 O  O   . HOH J 6 .   ? -12.241 -4.359  -7.654  1.00 33.09  ? 332 HOH A O   1 
HETATM 1184 O  O   . HOH J 6 .   ? 1.088   -11.292 12.939  1.00 31.50  ? 333 HOH A O   1 
HETATM 1185 O  O   . HOH J 6 .   ? -6.039  -16.989 -5.773  1.00 45.20  ? 334 HOH A O   1 
HETATM 1186 O  O   . HOH J 6 .   ? 0.236   14.891  -7.786  0.74 36.67  ? 335 HOH A O   1 
HETATM 1187 O  O   . HOH J 6 .   ? 14.158  6.968   11.528  1.00 21.46  ? 336 HOH A O   1 
HETATM 1188 O  O   . HOH J 6 .   ? 15.108  12.436  7.779   1.00 26.92  ? 337 HOH A O   1 
HETATM 1189 O  O   . HOH J 6 .   ? 2.758   0.215   -14.346 1.00 59.09  ? 338 HOH A O   1 
HETATM 1190 O  O   . HOH J 6 .   ? -9.315  -0.847  4.756   1.00 16.84  ? 339 HOH A O   1 
HETATM 1191 O  O   . HOH J 6 .   ? -1.748  -16.746 1.088   1.00 30.60  ? 340 HOH A O   1 
HETATM 1192 O  O   . HOH J 6 .   ? -11.534 2.844   9.082   1.00 33.51  ? 341 HOH A O   1 
HETATM 1193 O  O   . HOH J 6 .   ? -5.083  13.886  -0.286  1.00 34.47  ? 342 HOH A O   1 
HETATM 1194 O  O   . HOH J 6 .   ? 2.560   7.363   -16.723 0.74 40.80  ? 343 HOH A O   1 
HETATM 1195 O  O   . HOH J 6 .   ? 5.244   12.399  11.823  1.00 22.61  ? 344 HOH A O   1 
HETATM 1196 O  O   . HOH J 6 .   ? 6.799   15.510  -2.026  1.00 33.98  ? 345 HOH A O   1 
HETATM 1197 O  O   . HOH J 6 .   ? 16.476  5.522   -2.730  1.00 28.20  ? 346 HOH A O   1 
HETATM 1198 O  O   . HOH J 6 .   ? -5.688  1.811   11.487  1.00 19.96  ? 347 HOH A O   1 
HETATM 1199 O  O   . HOH J 6 .   ? 2.585   11.166  -9.905  0.74 16.80  ? 348 HOH A O   1 
HETATM 1200 O  O   . HOH J 6 .   ? -8.768  6.705   15.184  1.00 34.64  ? 349 HOH A O   1 
HETATM 1201 O  O   . HOH J 6 .   ? 0.577   -20.302 -0.627  1.00 40.55  ? 350 HOH A O   1 
HETATM 1202 O  O   . HOH J 6 .   ? 4.494   6.311   -8.369  1.00 18.25  ? 351 HOH A O   1 
HETATM 1203 O  O   . HOH J 6 .   ? -11.907 11.588  -10.909 1.00 28.53  ? 352 HOH A O   1 
HETATM 1204 O  O   . HOH J 6 .   ? -10.963 -10.843 -8.173  1.00 44.32  ? 353 HOH A O   1 
HETATM 1205 O  O   . HOH J 6 .   ? 17.811  12.553  5.799   1.00 42.38  ? 354 HOH A O   1 
HETATM 1206 O  O   . HOH J 6 .   ? -1.891  -17.279 -6.121  1.00 25.02  ? 355 HOH A O   1 
HETATM 1207 O  O   . HOH J 6 .   ? -1.889  17.722  -8.905  0.74 32.35  ? 356 HOH A O   1 
HETATM 1208 O  O   . HOH J 6 .   ? 1.468   11.381  11.621  1.00 13.05  ? 357 HOH A O   1 
HETATM 1209 O  O   . HOH J 6 .   ? -2.750  7.120   -5.613  1.00 24.53  ? 358 HOH A O   1 
HETATM 1210 O  O   . HOH J 6 .   ? 4.410   -14.092 -2.707  1.00 17.66  ? 359 HOH A O   1 
HETATM 1211 O  O   . HOH J 6 .   ? -11.340 -2.474  16.083  1.00 31.22  ? 360 HOH A O   1 
HETATM 1212 O  O   . HOH J 6 .   ? 8.180   -7.142  0.587   1.00 23.13  ? 361 HOH A O   1 
HETATM 1213 O  O   . HOH J 6 .   ? 8.838   -0.911  5.842   1.00 20.85  ? 362 HOH A O   1 
HETATM 1214 O  O   . HOH J 6 .   ? 19.491  7.414   5.319   1.00 32.99  ? 363 HOH A O   1 
HETATM 1215 O  O   . HOH J 6 .   ? 5.764   -3.106  -10.060 1.00 32.77  ? 364 HOH A O   1 
HETATM 1216 O  O   . HOH J 6 .   ? -6.311  -13.006 -14.409 1.00 25.18  ? 365 HOH A O   1 
HETATM 1217 O  O   . HOH J 6 .   ? -6.286  -15.116 -11.250 1.00 41.25  ? 366 HOH A O   1 
HETATM 1218 O  O   . HOH J 6 .   ? -5.290  1.804   17.494  1.00 48.13  ? 367 HOH A O   1 
HETATM 1219 O  O   . HOH J 6 .   ? 15.749  12.533  -2.293  1.00 15.28  ? 368 HOH A O   1 
HETATM 1220 O  O   . HOH J 6 .   ? 0.307   15.404  -4.239  0.74 41.42  ? 369 HOH A O   1 
HETATM 1221 O  O   . HOH J 6 .   ? 11.362  2.754   -4.410  1.00 33.81  ? 370 HOH A O   1 
HETATM 1222 O  O   . HOH J 6 .   ? -8.149  -2.321  7.974   1.00 15.82  ? 371 HOH A O   1 
HETATM 1223 O  O   . HOH J 6 .   ? -11.659 -5.576  -11.238 1.00 26.33  ? 372 HOH A O   1 
HETATM 1224 O  O   . HOH J 6 .   ? -5.769  3.158   -1.002  1.00 16.28  ? 373 HOH A O   1 
HETATM 1225 O  O   . HOH J 6 .   ? -7.729  -2.116  10.560  1.00 17.20  ? 374 HOH A O   1 
HETATM 1226 O  O   . HOH J 6 .   ? 7.192   -18.532 3.107   1.00 32.45  ? 375 HOH A O   1 
HETATM 1227 O  O   . HOH J 6 .   ? 10.255  1.771   -1.526  1.00 17.25  ? 376 HOH A O   1 
HETATM 1228 O  O   . HOH J 6 .   ? 9.303   4.198   -0.204  1.00 12.66  ? 377 HOH A O   1 
HETATM 1229 O  O   . HOH J 6 .   ? -10.067 -2.162  -13.936 1.00 24.08  ? 378 HOH A O   1 
HETATM 1230 O  O   . HOH J 6 .   ? -0.460  -12.897 6.379   1.00 17.25  ? 379 HOH A O   1 
HETATM 1231 O  O   . HOH J 6 .   ? 16.274  2.956   5.876   1.00 33.01  ? 380 HOH A O   1 
HETATM 1232 O  O   . HOH J 6 .   ? -10.860 14.065  1.702   1.00 26.94  ? 381 HOH A O   1 
HETATM 1233 O  O   . HOH J 6 .   ? -13.353 0.198   -3.118  1.00 37.61  ? 382 HOH A O   1 
HETATM 1234 O  O   . HOH J 6 .   ? -13.190 12.703  2.427   1.00 29.82  ? 383 HOH A O   1 
HETATM 1235 O  O   . HOH J 6 .   ? 5.812   16.431  7.112   1.00 22.05  ? 384 HOH A O   1 
HETATM 1236 O  O   . HOH J 6 .   ? 6.780   -8.358  -14.116 1.00 39.13  ? 385 HOH A O   1 
HETATM 1237 O  O   . HOH J 6 .   ? 2.373   -2.281  16.370  1.00 33.40  ? 386 HOH A O   1 
HETATM 1238 O  O   . HOH J 6 .   ? 9.509   10.293  -7.428  1.00 18.94  ? 387 HOH A O   1 
HETATM 1239 O  O   . HOH J 6 .   ? -3.688  2.166   -11.879 1.00 15.54  ? 388 HOH A O   1 
HETATM 1240 O  O   . HOH J 6 .   ? -12.165 -5.964  1.826   1.00 25.26  ? 389 HOH A O   1 
HETATM 1241 O  O   . HOH J 6 .   ? 5.666   4.071   15.444  1.00 34.46  ? 390 HOH A O   1 
HETATM 1242 O  O   . HOH J 6 .   ? -3.051  12.067  0.085   1.00 29.38  ? 391 HOH A O   1 
HETATM 1243 O  O   . HOH J 6 .   ? 8.911   3.735   -8.191  1.00 24.45  ? 392 HOH A O   1 
HETATM 1244 O  O   . HOH J 6 .   ? -5.789  11.057  -7.532  1.00 25.34  ? 393 HOH A O   1 
HETATM 1245 O  O   . HOH J 6 .   ? 5.053   10.598  -11.026 0.74 19.69  ? 394 HOH A O   1 
HETATM 1246 O  O   . HOH J 6 .   ? -6.127  0.109   -0.001  1.00 13.12  ? 395 HOH A O   1 
HETATM 1247 O  O   . HOH J 6 .   ? -1.808  13.493  -2.196  1.00 41.68  ? 396 HOH A O   1 
HETATM 1248 O  O   . HOH J 6 .   ? 8.229   -21.266 -3.268  1.00 32.23  ? 397 HOH A O   1 
HETATM 1249 O  O   . HOH J 6 .   ? 3.847   -15.480 3.169   1.00 25.57  ? 398 HOH A O   1 
HETATM 1250 O  O   . HOH J 6 .   ? 7.604   16.289  3.083   1.00 27.85  ? 399 HOH A O   1 
HETATM 1251 O  O   . HOH J 6 .   ? -5.701  -4.330  16.946  1.00 24.10  ? 400 HOH A O   1 
HETATM 1252 O  O   . HOH J 6 .   ? -8.477  7.337   12.489  1.00 20.24  ? 401 HOH A O   1 
HETATM 1253 O  O   . HOH J 6 .   ? 9.269   -1.252  1.599   1.00 19.47  ? 402 HOH A O   1 
HETATM 1254 O  O   . HOH J 6 .   ? -12.422 3.756   2.565   1.00 21.01  ? 403 HOH A O   1 
HETATM 1255 O  O   . HOH J 6 .   ? 8.167   -9.861  -8.466  1.00 36.22  ? 404 HOH A O   1 
HETATM 1256 O  O   . HOH J 6 .   ? -7.962  15.718  -12.372 1.00 28.39  ? 405 HOH A O   1 
HETATM 1257 O  O   . HOH J 6 .   ? 18.090  11.204  4.356   1.00 26.85  ? 406 HOH A O   1 
HETATM 1258 O  O   . HOH J 6 .   ? -6.049  -10.971 -16.349 1.00 16.47  ? 407 HOH A O   1 
HETATM 1259 O  O   . HOH J 6 .   ? 12.989  15.932  -1.111  1.00 20.14  ? 408 HOH A O   1 
HETATM 1260 O  O   . HOH J 6 .   ? 6.761   -14.572 -4.234  1.00 22.99  ? 409 HOH A O   1 
HETATM 1261 O  O   . HOH J 6 .   ? -3.757  15.226  -2.571  1.00 23.47  ? 410 HOH A O   1 
HETATM 1262 O  O   . HOH J 6 .   ? 5.233   14.524  1.826   1.00 22.56  ? 411 HOH A O   1 
HETATM 1263 O  O   . HOH J 6 .   ? -11.614 15.672  -10.518 1.00 41.97  ? 412 HOH A O   1 
HETATM 1264 O  O   . HOH J 6 .   ? 14.030  14.457  -3.673  1.00 20.88  ? 413 HOH A O   1 
HETATM 1265 O  O   . HOH J 6 .   ? -2.467  -9.835  13.355  1.00 21.08  ? 414 HOH A O   1 
HETATM 1266 O  O   . HOH J 6 .   ? -14.594 2.401   -4.098  1.00 45.12  ? 415 HOH A O   1 
HETATM 1267 O  O   . HOH J 6 .   ? 19.497  11.868  9.225   1.00 51.01  ? 416 HOH A O   1 
HETATM 1268 O  O   . HOH J 6 .   ? -0.400  -0.734  -14.264 1.00 25.66  ? 417 HOH A O   1 
HETATM 1269 O  O   . HOH J 6 .   ? -12.170 -2.955  -1.727  1.00 22.85  ? 418 HOH A O   1 
HETATM 1270 O  O   . HOH J 6 .   ? 5.505   -4.162  -17.708 1.00 27.94  ? 419 HOH A O   1 
HETATM 1271 O  O   . HOH J 6 .   ? -1.403  -18.008 -1.405  1.00 23.54  ? 420 HOH A O   1 
HETATM 1272 O  O   . HOH J 6 .   ? -0.933  14.866  0.484   1.00 39.62  ? 421 HOH A O   1 
HETATM 1273 O  O   . HOH J 6 .   ? -13.888 9.946   -6.996  1.00 25.66  ? 422 HOH A O   1 
HETATM 1274 O  O   . HOH J 6 .   ? 3.655   10.603  13.059  1.00 17.96  ? 423 HOH A O   1 
HETATM 1275 O  O   . HOH J 6 .   ? -3.036  4.339   -13.456 1.00 27.22  ? 424 HOH A O   1 
HETATM 1276 O  O   . HOH J 6 .   ? 5.903   -9.499  7.574   1.00 35.84  ? 425 HOH A O   1 
HETATM 1277 O  O   . HOH J 6 .   ? 12.527  14.636  5.575   1.00 41.43  ? 426 HOH A O   1 
HETATM 1278 O  O   . HOH J 6 .   ? 9.104   11.322  7.122   1.00 17.62  ? 427 HOH A O   1 
HETATM 1279 O  O   . HOH J 6 .   ? -7.679  -14.438 6.953   1.00 25.98  ? 428 HOH A O   1 
HETATM 1280 O  O   . HOH J 6 .   ? -11.693 -14.629 4.317   1.00 25.04  ? 429 HOH A O   1 
HETATM 1281 O  O   . HOH J 6 .   ? 5.925   -15.309 -10.272 1.00 47.30  ? 430 HOH A O   1 
HETATM 1282 O  O   . HOH J 6 .   ? 6.434   -1.331  -7.490  1.00 19.00  ? 431 HOH A O   1 
HETATM 1283 O  O   . HOH J 6 .   ? -14.453 7.347   4.851   1.00 34.24  ? 432 HOH A O   1 
HETATM 1284 O  O   . HOH J 6 .   ? -6.113  0.225   18.789  1.00 80.48  ? 433 HOH A O   1 
HETATM 1285 O  O   . HOH J 6 .   ? 7.418   -4.010  -7.464  1.00 25.15  ? 434 HOH A O   1 
HETATM 1286 O  O   . HOH J 6 .   ? -13.975 6.259   -4.858  1.00 37.01  ? 435 HOH A O   1 
HETATM 1287 O  O   . HOH J 6 .   ? -10.530 -7.401  -9.477  1.00 22.99  ? 436 HOH A O   1 
HETATM 1288 O  O   . HOH J 6 .   ? -11.103 -7.912  -1.942  1.00 33.58  ? 437 HOH A O   1 
HETATM 1289 O  O   . HOH J 6 .   ? 7.733   -4.298  -10.471 1.00 32.45  ? 438 HOH A O   1 
HETATM 1290 O  O   . HOH J 6 .   ? 9.562   -5.038  -2.881  1.00 23.72  ? 439 HOH A O   1 
HETATM 1291 O  O   . HOH J 6 .   ? -0.563  11.718  -4.224  1.00 29.66  ? 440 HOH A O   1 
HETATM 1292 O  O   . HOH J 6 .   ? -11.600 -10.161 3.133   1.00 22.36  ? 441 HOH A O   1 
HETATM 1293 O  O   . HOH J 6 .   ? 6.271   -8.616  -12.347 1.00 36.09  ? 442 HOH A O   1 
HETATM 1294 O  O   . HOH J 6 .   ? -7.864  -4.224  18.440  1.00 34.54  ? 443 HOH A O   1 
HETATM 1295 O  O   . HOH J 6 .   ? 6.478   9.168   15.467  1.00 43.19  ? 444 HOH A O   1 
HETATM 1296 O  O   . HOH J 6 .   ? 11.612  -2.519  -6.226  1.00 47.80  ? 445 HOH A O   1 
HETATM 1297 O  O   . HOH J 6 .   ? 4.860   -0.877  -15.182 1.00 44.66  ? 446 HOH A O   1 
HETATM 1298 O  O   . HOH J 6 .   ? 7.524   10.931  9.192   1.00 22.22  ? 447 HOH A O   1 
HETATM 1299 O  O   . HOH J 6 .   ? -11.904 2.011   4.883   1.00 36.02  ? 448 HOH A O   1 
HETATM 1300 O  O   . HOH J 6 .   ? 21.203  3.544   -4.160  1.00 40.88  ? 449 HOH A O   1 
HETATM 1301 O  O   . HOH J 6 .   ? 9.367   14.356  -6.413  1.00 40.10  ? 450 HOH A O   1 
HETATM 1302 O  O   . HOH J 6 .   ? 8.449   -3.077  -0.538  1.00 35.33  ? 451 HOH A O   1 
HETATM 1303 O  O   . HOH J 6 .   ? -7.610  16.142  1.235   1.00 45.70  ? 452 HOH A O   1 
HETATM 1304 O  O   . HOH J 6 .   ? 10.309  -2.128  3.794   1.00 25.17  ? 453 HOH A O   1 
HETATM 1305 O  O   . HOH J 6 .   ? 6.238   17.031  0.589   1.00 53.86  ? 454 HOH A O   1 
HETATM 1306 O  O   . HOH J 6 .   ? -3.381  -16.159 -14.544 1.00 52.34  ? 455 HOH A O   1 
HETATM 1307 O  O   . HOH J 6 .   ? 23.631  5.352   0.099   1.00 37.56  ? 456 HOH A O   1 
HETATM 1308 O  O   . HOH J 6 .   ? -5.089  21.897  -6.700  0.74 43.38  ? 457 HOH A O   1 
HETATM 1309 O  O   . HOH J 6 .   ? 6.793   -1.891  13.592  1.00 31.16  ? 458 HOH A O   1 
HETATM 1310 O  O   . HOH J 6 .   ? 8.637   -9.993  6.882   1.00 57.81  ? 459 HOH A O   1 
HETATM 1311 O  O   . HOH J 6 .   ? -12.242 3.919   -11.217 1.00 58.17  ? 460 HOH A O   1 
HETATM 1312 O  O   . HOH J 6 .   ? 3.378   -16.191 -12.124 1.00 43.75  ? 461 HOH A O   1 
HETATM 1313 O  O   . HOH J 6 .   ? -11.635 -8.365  1.109   1.00 26.03  ? 462 HOH A O   1 
HETATM 1314 O  O   . HOH J 6 .   ? -1.783  10.039  -6.093  1.00 38.19  ? 463 HOH A O   1 
HETATM 1315 O  O   . HOH J 6 .   ? 2.413   13.813  -8.915  0.74 25.90  ? 464 HOH A O   1 
HETATM 1316 O  O   . HOH J 6 .   ? -11.973 -12.628 2.342   1.00 25.18  ? 465 HOH A O   1 
HETATM 1317 O  O   . HOH J 6 .   ? 8.111   8.036   -9.924  1.00 31.90  ? 466 HOH A O   1 
HETATM 1318 O  O   . HOH J 6 .   ? 10.698  13.502  7.235   1.00 29.74  ? 467 HOH A O   1 
HETATM 1319 O  O   . HOH J 6 .   ? 5.641   20.443  3.344   1.00 44.88  ? 468 HOH A O   1 
HETATM 1320 O  O   . HOH J 6 .   ? 7.627   4.418   -11.697 1.00 32.02  ? 469 HOH A O   1 
HETATM 1321 O  O   . HOH J 6 .   ? -14.413 12.085  -7.418  1.00 55.53  ? 470 HOH A O   1 
HETATM 1322 O  O   . HOH J 6 .   ? -3.633  -2.785  17.827  1.00 25.07  ? 471 HOH A O   1 
HETATM 1323 O  O   . HOH J 6 .   ? 0.461   15.510  -12.470 0.74 34.42  ? 472 HOH A O   1 
HETATM 1324 O  O   . HOH J 6 .   ? 7.971   16.123  5.715   1.00 27.20  ? 473 HOH A O   1 
HETATM 1325 O  O   . HOH J 6 .   ? 6.412   -8.254  -19.528 1.00 32.85  ? 474 HOH A O   1 
HETATM 1326 O  O   . HOH J 6 .   ? 2.531   14.415  -13.553 0.74 40.09  ? 475 HOH A O   1 
HETATM 1327 O  O   . HOH J 6 .   ? -12.129 -10.012 -3.394  1.00 44.40  ? 476 HOH A O   1 
HETATM 1328 O  O   . HOH J 6 .   ? 5.284   -12.616 -9.998  1.00 35.21  ? 477 HOH A O   1 
HETATM 1329 O  O   . HOH J 6 .   ? 1.461   -2.778  -18.354 1.00 46.49  ? 478 HOH A O   1 
HETATM 1330 O  O   . HOH J 6 .   ? 7.074   5.404   -9.195  1.00 27.69  ? 479 HOH A O   1 
HETATM 1331 O  O   . HOH J 6 .   ? -9.073  -15.354 -2.616  1.00 39.26  ? 480 HOH A O   1 
HETATM 1332 O  O   . HOH J 6 .   ? 5.164   6.684   16.397  1.00 45.06  ? 481 HOH A O   1 
HETATM 1333 O  O   . HOH J 6 .   ? -5.134  -20.564 6.536   1.00 56.80  ? 482 HOH A O   1 
HETATM 1334 O  O   . HOH J 6 .   ? 7.750   -2.947  13.464  1.00 30.26  ? 483 HOH A O   1 
HETATM 1335 O  O   . HOH J 6 .   ? 9.180   -13.632 -2.608  1.00 33.05  ? 484 HOH A O   1 
HETATM 1336 O  O   . HOH J 6 .   ? -2.989  17.778  -2.294  0.74 39.52  ? 485 HOH A O   1 
HETATM 1337 O  O   . HOH J 6 .   ? -2.158  -3.904  19.858  1.00 40.50  ? 486 HOH A O   1 
HETATM 1338 O  O   . HOH J 6 .   ? -12.091 -5.994  -1.239  1.00 28.67  ? 487 HOH A O   1 
HETATM 1339 O  O   . HOH J 6 .   ? -10.366 -0.794  7.575   1.00 26.58  ? 488 HOH A O   1 
HETATM 1340 O  O   . HOH J 6 .   ? -18.105 18.746  -2.942  1.00 54.67  ? 489 HOH A O   1 
HETATM 1341 O  O   . HOH J 6 .   ? 3.954   -9.316  20.905  1.00 62.71  ? 490 HOH A O   1 
HETATM 1342 O  O   . HOH J 6 .   ? -10.606 0.843   10.364  1.00 33.75  ? 491 HOH A O   1 
HETATM 1343 O  O   . HOH J 6 .   ? 10.298  -13.092 -0.932  1.00 37.73  ? 492 HOH A O   1 
HETATM 1344 O  O   . HOH J 6 .   ? 7.536   -13.862 -6.586  1.00 25.04  ? 493 HOH A O   1 
HETATM 1345 O  O   . HOH J 6 .   ? -4.188  -17.071 -7.532  1.00 36.71  ? 494 HOH A O   1 
HETATM 1346 O  O   . HOH J 6 .   ? 1.737   -14.637 -19.363 1.00 49.63  ? 495 HOH A O   1 
HETATM 1347 O  O   . HOH J 6 .   ? -15.133 18.100  -10.939 1.00 59.52  ? 496 HOH A O   1 
HETATM 1348 O  O   . HOH J 6 .   ? -14.362 -6.852  3.220   1.00 30.59  ? 497 HOH A O   1 
HETATM 1349 O  O   . HOH J 6 .   ? 7.820   -0.384  -9.630  1.00 22.98  ? 498 HOH A O   1 
HETATM 1350 O  O   . HOH J 6 .   ? -2.888  -15.356 -20.277 1.00 33.40  ? 499 HOH A O   1 
HETATM 1351 O  O   . HOH J 6 .   ? 7.114   15.025  -4.974  0.74 24.58  ? 500 HOH A O   1 
HETATM 1352 O  O   . HOH J 6 .   ? 9.270   -22.288 -5.377  1.00 49.35  ? 501 HOH A O   1 
HETATM 1353 O  O   . HOH J 6 .   ? -7.343  18.187  -11.034 1.00 31.93  ? 502 HOH A O   1 
HETATM 1354 O  O   . HOH J 6 .   ? 21.650  8.154   3.338   1.00 31.28  ? 503 HOH A O   1 
HETATM 1355 O  O   . HOH J 6 .   ? 21.873  5.540   3.699   1.00 38.24  ? 504 HOH A O   1 
HETATM 1356 O  O   . HOH J 6 .   ? -13.537 -11.636 -1.810  1.00 57.75  ? 505 HOH A O   1 
HETATM 1357 O  O   . HOH J 6 .   ? -5.875  15.576  2.699   1.00 42.05  ? 506 HOH A O   1 
HETATM 1358 O  O   . HOH J 6 .   ? 11.068  10.540  12.686  1.00 31.85  ? 507 HOH A O   1 
HETATM 1359 O  O   . HOH J 6 .   ? -13.264 7.944   -8.832  1.00 31.84  ? 508 HOH A O   1 
HETATM 1360 O  O   . HOH J 6 .   ? 19.998  2.234   1.804   1.00 39.68  ? 509 HOH A O   1 
HETATM 1361 O  O   . HOH J 6 .   ? 11.841  12.723  10.534  1.00 53.24  ? 510 HOH A O   1 
HETATM 1362 O  O   . HOH J 6 .   ? 8.603   2.192   -10.389 1.00 27.69  ? 511 HOH A O   1 
HETATM 1363 O  O   . HOH J 6 .   ? 7.572   7.535   17.380  1.00 56.01  ? 512 HOH A O   1 
HETATM 1364 O  O   . HOH J 6 .   ? -16.027 8.368   -4.264  1.00 54.42  ? 513 HOH A O   1 
HETATM 1365 O  O   . HOH J 6 .   ? 4.708   15.226  -8.279  0.74 33.26  ? 514 HOH A O   1 
HETATM 1366 O  O   . HOH J 6 .   ? -2.771  17.023  -13.909 1.00 41.90  ? 515 HOH A O   1 
HETATM 1367 O  O   . HOH J 6 .   ? -12.877 -13.502 0.048   1.00 29.82  ? 516 HOH A O   1 
HETATM 1368 O  O   . HOH J 6 .   ? -1.582  18.908  -5.348  1.00 40.27  ? 517 HOH A O   1 
HETATM 1369 O  O   . HOH J 6 .   ? -11.775 8.800   -11.137 1.00 25.98  ? 518 HOH A O   1 
HETATM 1370 O  O   . HOH J 6 .   ? 13.931  10.610  11.368  1.00 54.55  ? 519 HOH A O   1 
HETATM 1371 O  O   . HOH J 6 .   ? 9.107   -4.661  -12.757 1.00 65.27  ? 520 HOH A O   1 
HETATM 1372 O  O   . HOH J 6 .   ? 11.138  -10.865 0.311   1.00 58.56  ? 521 HOH A O   1 
HETATM 1373 O  O   . HOH J 6 .   ? 8.958   -4.833  -15.628 1.00 47.10  ? 522 HOH A O   1 
HETATM 1374 O  O   . HOH J 6 .   ? 9.241   -10.220 -10.880 1.00 60.07  ? 523 HOH A O   1 
HETATM 1375 O  O   . HOH J 6 .   ? 7.512   -26.452 1.863   1.00 96.16  ? 524 HOH A O   1 
HETATM 1376 O  O   . HOH J 6 .   ? -17.114 10.421  -3.349  1.00 48.71  ? 525 HOH A O   1 
HETATM 1377 O  O   . HOH J 6 .   ? 23.433  1.359   -0.495  1.00 42.19  ? 526 HOH A O   1 
HETATM 1378 O  O   . HOH J 6 .   ? 10.456  8.636   17.420  1.00 50.48  ? 527 HOH A O   1 
HETATM 1379 O  O   . HOH J 6 .   ? -18.787 6.965   -0.672  1.00 59.26  ? 528 HOH A O   1 
# 
